data_2GYD
# 
_entry.id   2GYD 
# 
_audit_conform.dict_name       mmcif_pdbx.dic 
_audit_conform.dict_version    5.398 
_audit_conform.dict_location   http://mmcif.pdb.org/dictionaries/ascii/mmcif_pdbx.dic 
# 
loop_
_database_2.database_id 
_database_2.database_code 
_database_2.pdbx_database_accession 
_database_2.pdbx_DOI 
PDB   2GYD         pdb_00002gyd 10.2210/pdb2gyd/pdb 
RCSB  RCSB037700   ?            ?                   
WWPDB D_1000037700 ?            ?                   
# 
loop_
_pdbx_audit_revision_history.ordinal 
_pdbx_audit_revision_history.data_content_type 
_pdbx_audit_revision_history.major_revision 
_pdbx_audit_revision_history.minor_revision 
_pdbx_audit_revision_history.revision_date 
1 'Structure model' 1 0 2006-06-13 
2 'Structure model' 1 1 2008-05-01 
3 'Structure model' 1 2 2011-07-13 
4 'Structure model' 1 3 2023-08-30 
5 'Structure model' 1 4 2024-11-13 
# 
_pdbx_audit_revision_details.ordinal             1 
_pdbx_audit_revision_details.revision_ordinal    1 
_pdbx_audit_revision_details.data_content_type   'Structure model' 
_pdbx_audit_revision_details.provider            repository 
_pdbx_audit_revision_details.type                'Initial release' 
_pdbx_audit_revision_details.description         ? 
_pdbx_audit_revision_details.details             ? 
# 
loop_
_pdbx_audit_revision_group.ordinal 
_pdbx_audit_revision_group.revision_ordinal 
_pdbx_audit_revision_group.data_content_type 
_pdbx_audit_revision_group.group 
1 2 'Structure model' 'Version format compliance' 
2 3 'Structure model' 'Derived calculations'      
3 3 'Structure model' 'Version format compliance' 
4 4 'Structure model' 'Data collection'           
5 4 'Structure model' 'Database references'       
6 4 'Structure model' 'Derived calculations'      
7 4 'Structure model' 'Refinement description'    
8 5 'Structure model' 'Structure summary'         
# 
loop_
_pdbx_audit_revision_category.ordinal 
_pdbx_audit_revision_category.revision_ordinal 
_pdbx_audit_revision_category.data_content_type 
_pdbx_audit_revision_category.category 
1  4 'Structure model' chem_comp_atom                
2  4 'Structure model' chem_comp_bond                
3  4 'Structure model' database_2                    
4  4 'Structure model' pdbx_initial_refinement_model 
5  4 'Structure model' pdbx_struct_conn_angle        
6  4 'Structure model' pdbx_struct_special_symmetry  
7  4 'Structure model' struct_conn                   
8  4 'Structure model' struct_site                   
9  5 'Structure model' pdbx_entry_details            
10 5 'Structure model' pdbx_modification_feature     
# 
loop_
_pdbx_audit_revision_item.ordinal 
_pdbx_audit_revision_item.revision_ordinal 
_pdbx_audit_revision_item.data_content_type 
_pdbx_audit_revision_item.item 
1  4 'Structure model' '_database_2.pdbx_DOI'                        
2  4 'Structure model' '_database_2.pdbx_database_accession'         
3  4 'Structure model' '_pdbx_struct_conn_angle.ptnr1_auth_comp_id'  
4  4 'Structure model' '_pdbx_struct_conn_angle.ptnr1_auth_seq_id'   
5  4 'Structure model' '_pdbx_struct_conn_angle.ptnr1_label_asym_id' 
6  4 'Structure model' '_pdbx_struct_conn_angle.ptnr1_label_atom_id' 
7  4 'Structure model' '_pdbx_struct_conn_angle.ptnr1_label_comp_id' 
8  4 'Structure model' '_pdbx_struct_conn_angle.ptnr1_label_seq_id'  
9  4 'Structure model' '_pdbx_struct_conn_angle.ptnr1_symmetry'      
10 4 'Structure model' '_pdbx_struct_conn_angle.ptnr2_auth_seq_id'   
11 4 'Structure model' '_pdbx_struct_conn_angle.ptnr2_label_alt_id'  
12 4 'Structure model' '_pdbx_struct_conn_angle.ptnr2_label_asym_id' 
13 4 'Structure model' '_pdbx_struct_conn_angle.ptnr3_auth_comp_id'  
14 4 'Structure model' '_pdbx_struct_conn_angle.ptnr3_auth_seq_id'   
15 4 'Structure model' '_pdbx_struct_conn_angle.ptnr3_label_asym_id' 
16 4 'Structure model' '_pdbx_struct_conn_angle.ptnr3_label_atom_id' 
17 4 'Structure model' '_pdbx_struct_conn_angle.ptnr3_label_comp_id' 
18 4 'Structure model' '_pdbx_struct_conn_angle.ptnr3_label_seq_id'  
19 4 'Structure model' '_pdbx_struct_conn_angle.ptnr3_symmetry'      
20 4 'Structure model' '_pdbx_struct_conn_angle.value'               
21 4 'Structure model' '_struct_conn.pdbx_dist_value'                
22 4 'Structure model' '_struct_conn.pdbx_leaving_atom_flag'         
23 4 'Structure model' '_struct_conn.pdbx_ptnr1_label_alt_id'        
24 4 'Structure model' '_struct_conn.pdbx_ptnr2_label_alt_id'        
25 4 'Structure model' '_struct_conn.ptnr1_auth_comp_id'             
26 4 'Structure model' '_struct_conn.ptnr1_auth_seq_id'              
27 4 'Structure model' '_struct_conn.ptnr1_label_asym_id'            
28 4 'Structure model' '_struct_conn.ptnr1_label_atom_id'            
29 4 'Structure model' '_struct_conn.ptnr1_label_comp_id'            
30 4 'Structure model' '_struct_conn.ptnr1_label_seq_id'             
31 4 'Structure model' '_struct_conn.ptnr1_symmetry'                 
32 4 'Structure model' '_struct_conn.ptnr2_auth_comp_id'             
33 4 'Structure model' '_struct_conn.ptnr2_auth_seq_id'              
34 4 'Structure model' '_struct_conn.ptnr2_label_asym_id'            
35 4 'Structure model' '_struct_conn.ptnr2_label_atom_id'            
36 4 'Structure model' '_struct_conn.ptnr2_label_comp_id'            
37 4 'Structure model' '_struct_conn.ptnr2_label_seq_id'             
38 4 'Structure model' '_struct_conn.ptnr2_symmetry'                 
39 4 'Structure model' '_struct_site.pdbx_auth_asym_id'              
40 4 'Structure model' '_struct_site.pdbx_auth_comp_id'              
41 4 'Structure model' '_struct_site.pdbx_auth_seq_id'               
# 
_pdbx_database_status.entry_id                        2GYD 
_pdbx_database_status.deposit_site                    RCSB 
_pdbx_database_status.process_site                    RCSB 
_pdbx_database_status.recvd_initial_deposition_date   2006-05-09 
_pdbx_database_status.status_code                     REL 
_pdbx_database_status.status_code_sf                  REL 
_pdbx_database_status.status_code_mr                  ? 
_pdbx_database_status.SG_entry                        ? 
_pdbx_database_status.pdb_format_compatible           Y 
_pdbx_database_status.status_code_cs                  ? 
_pdbx_database_status.status_code_nmr_data            ? 
_pdbx_database_status.methods_development_category    ? 
# 
loop_
_audit_author.name 
_audit_author.pdbx_ordinal 
'Loll, P.J.'    1 
'Rossi, M.J.'   2 
'Eckenhoff, R.' 3 
# 
_citation.id                        primary 
_citation.title                     
'Photoactive analogues of the haloether anesthetics provide high-resolution features from low-affinity interactions.' 
_citation.journal_abbrev            'Acs Chem.Biol.' 
_citation.journal_volume            1 
_citation.page_first                377 
_citation.page_last                 384 
_citation.year                      2006 
_citation.journal_id_ASTM           ? 
_citation.country                   US 
_citation.journal_id_ISSN           1554-8929 
_citation.journal_id_CSD            ? 
_citation.book_publisher            ? 
_citation.pdbx_database_id_PubMed   17163775 
_citation.pdbx_database_id_DOI      10.1021/cb600207d 
# 
loop_
_citation_author.citation_id 
_citation_author.name 
_citation_author.ordinal 
_citation_author.identifier_ORCID 
primary 'Xi, J.'          1 ? 
primary 'Liu, R.'         2 ? 
primary 'Rossi, M.J.'     3 ? 
primary 'Yang, J.'        4 ? 
primary 'Loll, P.J.'      5 ? 
primary 'Dailey, W.P.'    6 ? 
primary 'Eckenhoff, R.G.' 7 ? 
# 
loop_
_entity.id 
_entity.type 
_entity.src_method 
_entity.pdbx_description 
_entity.formula_weight 
_entity.pdbx_number_of_molecules 
_entity.pdbx_ec 
_entity.pdbx_mutation 
_entity.pdbx_fragment 
_entity.details 
1 polymer     nat 'ferritin L subunit'                           19402.934 1   ? ? ? ? 
2 non-polymer syn 'CADMIUM ION'                                  112.411   7   ? ? ? ? 
3 non-polymer syn '2-(1,1-DIFLUOROETHOXY)-1,1,1-TRIFLUOROETHANE' 164.074   1   ? ? ? ? 
4 water       nat water                                          18.015    183 ? ? ? ? 
# 
_entity_poly.entity_id                      1 
_entity_poly.type                           'polypeptide(L)' 
_entity_poly.nstd_linkage                   no 
_entity_poly.nstd_monomer                   no 
_entity_poly.pdbx_seq_one_letter_code       
;SQIRQNYSTEVEAAVNRLVNLYLRASYTYLSLGFYFDRDDVALEGVCHFFRELAEEKREGAERLLKMQNQRGGRALFQDL
QKPSQDEWGTTLDAMKAAIVLEKSLNQALLDLHALGSAQADPHLCDFLESHFLDEEVKLIKKMGDHLTNIQRLVGSQAGL
GEYLFERLTL
;
_entity_poly.pdbx_seq_one_letter_code_can   
;SQIRQNYSTEVEAAVNRLVNLYLRASYTYLSLGFYFDRDDVALEGVCHFFRELAEEKREGAERLLKMQNQRGGRALFQDL
QKPSQDEWGTTLDAMKAAIVLEKSLNQALLDLHALGSAQADPHLCDFLESHFLDEEVKLIKKMGDHLTNIQRLVGSQAGL
GEYLFERLTL
;
_entity_poly.pdbx_strand_id                 A 
_entity_poly.pdbx_target_identifier         ? 
# 
loop_
_pdbx_entity_nonpoly.entity_id 
_pdbx_entity_nonpoly.name 
_pdbx_entity_nonpoly.comp_id 
2 'CADMIUM ION'                                  CD  
3 '2-(1,1-DIFLUOROETHOXY)-1,1,1-TRIFLUOROETHANE' DFE 
4 water                                          HOH 
# 
loop_
_entity_poly_seq.entity_id 
_entity_poly_seq.num 
_entity_poly_seq.mon_id 
_entity_poly_seq.hetero 
1 1   SER n 
1 2   GLN n 
1 3   ILE n 
1 4   ARG n 
1 5   GLN n 
1 6   ASN n 
1 7   TYR n 
1 8   SER n 
1 9   THR n 
1 10  GLU n 
1 11  VAL n 
1 12  GLU n 
1 13  ALA n 
1 14  ALA n 
1 15  VAL n 
1 16  ASN n 
1 17  ARG n 
1 18  LEU n 
1 19  VAL n 
1 20  ASN n 
1 21  LEU n 
1 22  TYR n 
1 23  LEU n 
1 24  ARG n 
1 25  ALA n 
1 26  SER n 
1 27  TYR n 
1 28  THR n 
1 29  TYR n 
1 30  LEU n 
1 31  SER n 
1 32  LEU n 
1 33  GLY n 
1 34  PHE n 
1 35  TYR n 
1 36  PHE n 
1 37  ASP n 
1 38  ARG n 
1 39  ASP n 
1 40  ASP n 
1 41  VAL n 
1 42  ALA n 
1 43  LEU n 
1 44  GLU n 
1 45  GLY n 
1 46  VAL n 
1 47  CYS n 
1 48  HIS n 
1 49  PHE n 
1 50  PHE n 
1 51  ARG n 
1 52  GLU n 
1 53  LEU n 
1 54  ALA n 
1 55  GLU n 
1 56  GLU n 
1 57  LYS n 
1 58  ARG n 
1 59  GLU n 
1 60  GLY n 
1 61  ALA n 
1 62  GLU n 
1 63  ARG n 
1 64  LEU n 
1 65  LEU n 
1 66  LYS n 
1 67  MET n 
1 68  GLN n 
1 69  ASN n 
1 70  GLN n 
1 71  ARG n 
1 72  GLY n 
1 73  GLY n 
1 74  ARG n 
1 75  ALA n 
1 76  LEU n 
1 77  PHE n 
1 78  GLN n 
1 79  ASP n 
1 80  LEU n 
1 81  GLN n 
1 82  LYS n 
1 83  PRO n 
1 84  SER n 
1 85  GLN n 
1 86  ASP n 
1 87  GLU n 
1 88  TRP n 
1 89  GLY n 
1 90  THR n 
1 91  THR n 
1 92  LEU n 
1 93  ASP n 
1 94  ALA n 
1 95  MET n 
1 96  LYS n 
1 97  ALA n 
1 98  ALA n 
1 99  ILE n 
1 100 VAL n 
1 101 LEU n 
1 102 GLU n 
1 103 LYS n 
1 104 SER n 
1 105 LEU n 
1 106 ASN n 
1 107 GLN n 
1 108 ALA n 
1 109 LEU n 
1 110 LEU n 
1 111 ASP n 
1 112 LEU n 
1 113 HIS n 
1 114 ALA n 
1 115 LEU n 
1 116 GLY n 
1 117 SER n 
1 118 ALA n 
1 119 GLN n 
1 120 ALA n 
1 121 ASP n 
1 122 PRO n 
1 123 HIS n 
1 124 LEU n 
1 125 CYS n 
1 126 ASP n 
1 127 PHE n 
1 128 LEU n 
1 129 GLU n 
1 130 SER n 
1 131 HIS n 
1 132 PHE n 
1 133 LEU n 
1 134 ASP n 
1 135 GLU n 
1 136 GLU n 
1 137 VAL n 
1 138 LYS n 
1 139 LEU n 
1 140 ILE n 
1 141 LYS n 
1 142 LYS n 
1 143 MET n 
1 144 GLY n 
1 145 ASP n 
1 146 HIS n 
1 147 LEU n 
1 148 THR n 
1 149 ASN n 
1 150 ILE n 
1 151 GLN n 
1 152 ARG n 
1 153 LEU n 
1 154 VAL n 
1 155 GLY n 
1 156 SER n 
1 157 GLN n 
1 158 ALA n 
1 159 GLY n 
1 160 LEU n 
1 161 GLY n 
1 162 GLU n 
1 163 TYR n 
1 164 LEU n 
1 165 PHE n 
1 166 GLU n 
1 167 ARG n 
1 168 LEU n 
1 169 THR n 
1 170 LEU n 
# 
_entity_src_nat.entity_id                  1 
_entity_src_nat.pdbx_src_id                1 
_entity_src_nat.pdbx_alt_source_flag       sample 
_entity_src_nat.pdbx_beg_seq_num           ? 
_entity_src_nat.pdbx_end_seq_num           ? 
_entity_src_nat.common_name                horse 
_entity_src_nat.pdbx_organism_scientific   'Equus caballus' 
_entity_src_nat.pdbx_ncbi_taxonomy_id      9796 
_entity_src_nat.genus                      Equus 
_entity_src_nat.species                    ? 
_entity_src_nat.strain                     ? 
_entity_src_nat.tissue                     ? 
_entity_src_nat.tissue_fraction            ? 
_entity_src_nat.pdbx_secretion             ? 
_entity_src_nat.pdbx_fragment              ? 
_entity_src_nat.pdbx_variant               ? 
_entity_src_nat.pdbx_cell_line             ? 
_entity_src_nat.pdbx_atcc                  ? 
_entity_src_nat.pdbx_cellular_location     ? 
_entity_src_nat.pdbx_organ                 ? 
_entity_src_nat.pdbx_organelle             ? 
_entity_src_nat.pdbx_cell                  ? 
_entity_src_nat.pdbx_plasmid_name          ? 
_entity_src_nat.pdbx_plasmid_details       ? 
_entity_src_nat.details                    'horse spleen ferritin' 
# 
loop_
_chem_comp.id 
_chem_comp.type 
_chem_comp.mon_nstd_flag 
_chem_comp.name 
_chem_comp.pdbx_synonyms 
_chem_comp.formula 
_chem_comp.formula_weight 
ALA 'L-peptide linking' y ALANINE                                        ? 'C3 H7 N O2'     89.093  
ARG 'L-peptide linking' y ARGININE                                       ? 'C6 H15 N4 O2 1' 175.209 
ASN 'L-peptide linking' y ASPARAGINE                                     ? 'C4 H8 N2 O3'    132.118 
ASP 'L-peptide linking' y 'ASPARTIC ACID'                                ? 'C4 H7 N O4'     133.103 
CD  non-polymer         . 'CADMIUM ION'                                  ? 'Cd 2'           112.411 
CYS 'L-peptide linking' y CYSTEINE                                       ? 'C3 H7 N O2 S'   121.158 
DFE non-polymer         . '2-(1,1-DIFLUOROETHOXY)-1,1,1-TRIFLUOROETHANE' ? 'C4 H5 F5 O'     164.074 
GLN 'L-peptide linking' y GLUTAMINE                                      ? 'C5 H10 N2 O3'   146.144 
GLU 'L-peptide linking' y 'GLUTAMIC ACID'                                ? 'C5 H9 N O4'     147.129 
GLY 'peptide linking'   y GLYCINE                                        ? 'C2 H5 N O2'     75.067  
HIS 'L-peptide linking' y HISTIDINE                                      ? 'C6 H10 N3 O2 1' 156.162 
HOH non-polymer         . WATER                                          ? 'H2 O'           18.015  
ILE 'L-peptide linking' y ISOLEUCINE                                     ? 'C6 H13 N O2'    131.173 
LEU 'L-peptide linking' y LEUCINE                                        ? 'C6 H13 N O2'    131.173 
LYS 'L-peptide linking' y LYSINE                                         ? 'C6 H15 N2 O2 1' 147.195 
MET 'L-peptide linking' y METHIONINE                                     ? 'C5 H11 N O2 S'  149.211 
PHE 'L-peptide linking' y PHENYLALANINE                                  ? 'C9 H11 N O2'    165.189 
PRO 'L-peptide linking' y PROLINE                                        ? 'C5 H9 N O2'     115.130 
SER 'L-peptide linking' y SERINE                                         ? 'C3 H7 N O3'     105.093 
THR 'L-peptide linking' y THREONINE                                      ? 'C4 H9 N O3'     119.119 
TRP 'L-peptide linking' y TRYPTOPHAN                                     ? 'C11 H12 N2 O2'  204.225 
TYR 'L-peptide linking' y TYROSINE                                       ? 'C9 H11 N O3'    181.189 
VAL 'L-peptide linking' y VALINE                                         ? 'C5 H11 N O2'    117.146 
# 
loop_
_pdbx_poly_seq_scheme.asym_id 
_pdbx_poly_seq_scheme.entity_id 
_pdbx_poly_seq_scheme.seq_id 
_pdbx_poly_seq_scheme.mon_id 
_pdbx_poly_seq_scheme.ndb_seq_num 
_pdbx_poly_seq_scheme.pdb_seq_num 
_pdbx_poly_seq_scheme.auth_seq_num 
_pdbx_poly_seq_scheme.pdb_mon_id 
_pdbx_poly_seq_scheme.auth_mon_id 
_pdbx_poly_seq_scheme.pdb_strand_id 
_pdbx_poly_seq_scheme.pdb_ins_code 
_pdbx_poly_seq_scheme.hetero 
A 1 1   SER 1   2   2   SER SER A . n 
A 1 2   GLN 2   3   3   GLN GLN A . n 
A 1 3   ILE 3   4   4   ILE ILE A . n 
A 1 4   ARG 4   5   5   ARG ARG A . n 
A 1 5   GLN 5   6   6   GLN GLN A . n 
A 1 6   ASN 6   7   7   ASN ASN A . n 
A 1 7   TYR 7   8   8   TYR TYR A . n 
A 1 8   SER 8   9   9   SER SER A . n 
A 1 9   THR 9   10  10  THR THR A . n 
A 1 10  GLU 10  11  11  GLU GLU A . n 
A 1 11  VAL 11  12  12  VAL VAL A . n 
A 1 12  GLU 12  13  13  GLU GLU A . n 
A 1 13  ALA 13  14  14  ALA ALA A . n 
A 1 14  ALA 14  15  15  ALA ALA A . n 
A 1 15  VAL 15  16  16  VAL VAL A . n 
A 1 16  ASN 16  17  17  ASN ASN A . n 
A 1 17  ARG 17  18  18  ARG ARG A . n 
A 1 18  LEU 18  19  19  LEU LEU A . n 
A 1 19  VAL 19  20  20  VAL VAL A . n 
A 1 20  ASN 20  21  21  ASN ASN A . n 
A 1 21  LEU 21  22  22  LEU LEU A . n 
A 1 22  TYR 22  23  23  TYR TYR A . n 
A 1 23  LEU 23  24  24  LEU LEU A . n 
A 1 24  ARG 24  25  25  ARG ARG A . n 
A 1 25  ALA 25  26  26  ALA ALA A . n 
A 1 26  SER 26  27  27  SER SER A . n 
A 1 27  TYR 27  28  28  TYR TYR A . n 
A 1 28  THR 28  29  29  THR THR A . n 
A 1 29  TYR 29  30  30  TYR TYR A . n 
A 1 30  LEU 30  31  31  LEU LEU A . n 
A 1 31  SER 31  32  32  SER SER A . n 
A 1 32  LEU 32  33  33  LEU LEU A . n 
A 1 33  GLY 33  34  34  GLY GLY A . n 
A 1 34  PHE 34  35  35  PHE PHE A . n 
A 1 35  TYR 35  36  36  TYR TYR A . n 
A 1 36  PHE 36  37  37  PHE PHE A . n 
A 1 37  ASP 37  38  38  ASP ASP A . n 
A 1 38  ARG 38  39  39  ARG ARG A . n 
A 1 39  ASP 39  40  40  ASP ASP A . n 
A 1 40  ASP 40  41  41  ASP ASP A . n 
A 1 41  VAL 41  42  42  VAL VAL A . n 
A 1 42  ALA 42  43  43  ALA ALA A . n 
A 1 43  LEU 43  44  44  LEU LEU A . n 
A 1 44  GLU 44  45  45  GLU GLU A . n 
A 1 45  GLY 45  46  46  GLY GLY A . n 
A 1 46  VAL 46  47  47  VAL VAL A . n 
A 1 47  CYS 47  48  48  CYS CYS A . n 
A 1 48  HIS 48  49  49  HIS HIS A . n 
A 1 49  PHE 49  50  50  PHE PHE A . n 
A 1 50  PHE 50  51  51  PHE PHE A . n 
A 1 51  ARG 51  52  52  ARG ARG A . n 
A 1 52  GLU 52  53  53  GLU GLU A . n 
A 1 53  LEU 53  54  54  LEU LEU A . n 
A 1 54  ALA 54  55  55  ALA ALA A . n 
A 1 55  GLU 55  56  56  GLU GLU A . n 
A 1 56  GLU 56  57  57  GLU GLU A . n 
A 1 57  LYS 57  58  58  LYS LYS A . n 
A 1 58  ARG 58  59  59  ARG ARG A . n 
A 1 59  GLU 59  60  60  GLU GLU A . n 
A 1 60  GLY 60  61  61  GLY GLY A . n 
A 1 61  ALA 61  62  62  ALA ALA A . n 
A 1 62  GLU 62  63  63  GLU GLU A . n 
A 1 63  ARG 63  64  64  ARG ARG A . n 
A 1 64  LEU 64  65  65  LEU LEU A . n 
A 1 65  LEU 65  66  66  LEU LEU A . n 
A 1 66  LYS 66  67  67  LYS LYS A . n 
A 1 67  MET 67  68  68  MET MET A . n 
A 1 68  GLN 68  69  69  GLN GLN A . n 
A 1 69  ASN 69  70  70  ASN ASN A . n 
A 1 70  GLN 70  71  71  GLN GLN A . n 
A 1 71  ARG 71  72  72  ARG ARG A . n 
A 1 72  GLY 72  73  73  GLY GLY A . n 
A 1 73  GLY 73  74  74  GLY GLY A . n 
A 1 74  ARG 74  75  75  ARG ARG A . n 
A 1 75  ALA 75  76  76  ALA ALA A . n 
A 1 76  LEU 76  77  77  LEU LEU A . n 
A 1 77  PHE 77  78  78  PHE PHE A . n 
A 1 78  GLN 78  79  79  GLN GLN A . n 
A 1 79  ASP 79  80  80  ASP ASP A . n 
A 1 80  LEU 80  81  81  LEU LEU A . n 
A 1 81  GLN 81  82  82  GLN GLN A . n 
A 1 82  LYS 82  83  83  LYS LYS A . n 
A 1 83  PRO 83  84  84  PRO PRO A . n 
A 1 84  SER 84  85  85  SER SER A . n 
A 1 85  GLN 85  86  86  GLN GLN A . n 
A 1 86  ASP 86  87  87  ASP ASP A . n 
A 1 87  GLU 87  88  88  GLU GLU A . n 
A 1 88  TRP 88  89  89  TRP TRP A . n 
A 1 89  GLY 89  90  90  GLY GLY A . n 
A 1 90  THR 90  91  91  THR THR A . n 
A 1 91  THR 91  92  92  THR THR A . n 
A 1 92  LEU 92  93  93  LEU LEU A . n 
A 1 93  ASP 93  94  94  ASP ASP A . n 
A 1 94  ALA 94  95  95  ALA ALA A . n 
A 1 95  MET 95  96  96  MET MET A . n 
A 1 96  LYS 96  97  97  LYS LYS A . n 
A 1 97  ALA 97  98  98  ALA ALA A . n 
A 1 98  ALA 98  99  99  ALA ALA A . n 
A 1 99  ILE 99  100 100 ILE ILE A . n 
A 1 100 VAL 100 101 101 VAL VAL A . n 
A 1 101 LEU 101 102 102 LEU LEU A . n 
A 1 102 GLU 102 103 103 GLU GLU A . n 
A 1 103 LYS 103 104 104 LYS LYS A . n 
A 1 104 SER 104 105 105 SER SER A . n 
A 1 105 LEU 105 106 106 LEU LEU A . n 
A 1 106 ASN 106 107 107 ASN ASN A . n 
A 1 107 GLN 107 108 108 GLN GLN A . n 
A 1 108 ALA 108 109 109 ALA ALA A . n 
A 1 109 LEU 109 110 110 LEU LEU A . n 
A 1 110 LEU 110 111 111 LEU LEU A . n 
A 1 111 ASP 111 112 112 ASP ASP A . n 
A 1 112 LEU 112 113 113 LEU LEU A . n 
A 1 113 HIS 113 114 114 HIS HIS A . n 
A 1 114 ALA 114 115 115 ALA ALA A . n 
A 1 115 LEU 115 116 116 LEU LEU A . n 
A 1 116 GLY 116 117 117 GLY GLY A . n 
A 1 117 SER 117 118 118 SER SER A . n 
A 1 118 ALA 118 119 119 ALA ALA A . n 
A 1 119 GLN 119 120 120 GLN GLN A . n 
A 1 120 ALA 120 121 121 ALA ALA A . n 
A 1 121 ASP 121 122 122 ASP ASP A . n 
A 1 122 PRO 122 123 123 PRO PRO A . n 
A 1 123 HIS 123 124 124 HIS HIS A . n 
A 1 124 LEU 124 125 125 LEU LEU A . n 
A 1 125 CYS 125 126 126 CYS CYS A . n 
A 1 126 ASP 126 127 127 ASP ASP A . n 
A 1 127 PHE 127 128 128 PHE PHE A . n 
A 1 128 LEU 128 129 129 LEU LEU A . n 
A 1 129 GLU 129 130 130 GLU GLU A . n 
A 1 130 SER 130 131 131 SER SER A . n 
A 1 131 HIS 131 132 132 HIS HIS A . n 
A 1 132 PHE 132 133 133 PHE PHE A . n 
A 1 133 LEU 133 134 134 LEU LEU A . n 
A 1 134 ASP 134 135 135 ASP ASP A . n 
A 1 135 GLU 135 136 136 GLU GLU A . n 
A 1 136 GLU 136 137 137 GLU GLU A . n 
A 1 137 VAL 137 138 138 VAL VAL A . n 
A 1 138 LYS 138 139 139 LYS LYS A . n 
A 1 139 LEU 139 140 140 LEU LEU A . n 
A 1 140 ILE 140 141 141 ILE ILE A . n 
A 1 141 LYS 141 142 142 LYS LYS A . n 
A 1 142 LYS 142 143 143 LYS LYS A . n 
A 1 143 MET 143 144 144 MET MET A . n 
A 1 144 GLY 144 145 145 GLY GLY A . n 
A 1 145 ASP 145 146 146 ASP ASP A . n 
A 1 146 HIS 146 147 147 HIS HIS A . n 
A 1 147 LEU 147 148 148 LEU LEU A . n 
A 1 148 THR 148 149 149 THR THR A . n 
A 1 149 ASN 149 150 150 ASN ASN A . n 
A 1 150 ILE 150 151 151 ILE ILE A . n 
A 1 151 GLN 151 152 152 GLN GLN A . n 
A 1 152 ARG 152 153 153 ARG ARG A . n 
A 1 153 LEU 153 154 154 LEU LEU A . n 
A 1 154 VAL 154 155 155 VAL VAL A . n 
A 1 155 GLY 155 156 ?   ?   ?   A . n 
A 1 156 SER 156 157 ?   ?   ?   A . n 
A 1 157 GLN 157 158 158 GLN GLN A . n 
A 1 158 ALA 158 159 159 ALA ALA A . n 
A 1 159 GLY 159 160 160 GLY GLY A . n 
A 1 160 LEU 160 161 161 LEU LEU A . n 
A 1 161 GLY 161 162 162 GLY GLY A . n 
A 1 162 GLU 162 163 163 GLU GLU A . n 
A 1 163 TYR 163 164 164 TYR TYR A . n 
A 1 164 LEU 164 165 165 LEU LEU A . n 
A 1 165 PHE 165 166 166 PHE PHE A . n 
A 1 166 GLU 166 167 167 GLU GLU A . n 
A 1 167 ARG 167 168 168 ARG ARG A . n 
A 1 168 LEU 168 169 169 LEU LEU A . n 
A 1 169 THR 169 170 170 THR THR A . n 
A 1 170 LEU 170 171 171 LEU LEU A . n 
# 
loop_
_pdbx_nonpoly_scheme.asym_id 
_pdbx_nonpoly_scheme.entity_id 
_pdbx_nonpoly_scheme.mon_id 
_pdbx_nonpoly_scheme.ndb_seq_num 
_pdbx_nonpoly_scheme.pdb_seq_num 
_pdbx_nonpoly_scheme.auth_seq_num 
_pdbx_nonpoly_scheme.pdb_mon_id 
_pdbx_nonpoly_scheme.auth_mon_id 
_pdbx_nonpoly_scheme.pdb_strand_id 
_pdbx_nonpoly_scheme.pdb_ins_code 
B 2 CD  1   1001 1001 CD  CD  A . 
C 2 CD  1   1002 1002 CD  CD  A . 
D 2 CD  1   1003 1003 CD  CD  A . 
E 2 CD  1   1004 1004 CD  CD  A . 
F 2 CD  1   1005 1005 CD  CD  A . 
G 2 CD  1   1006 1006 CD  CD  A . 
H 2 CD  1   1007 1007 CD  CD  A . 
I 3 DFE 1   172  172  DFE DFE A . 
J 4 HOH 1   1008 1    HOH HOH A . 
J 4 HOH 2   1009 4    HOH HOH A . 
J 4 HOH 3   1010 5    HOH HOH A . 
J 4 HOH 4   1011 6    HOH HOH A . 
J 4 HOH 5   1012 7    HOH HOH A . 
J 4 HOH 6   1013 8    HOH HOH A . 
J 4 HOH 7   1014 9    HOH HOH A . 
J 4 HOH 8   1015 10   HOH HOH A . 
J 4 HOH 9   1016 11   HOH HOH A . 
J 4 HOH 10  1017 12   HOH HOH A . 
J 4 HOH 11  1018 13   HOH HOH A . 
J 4 HOH 12  1019 14   HOH HOH A . 
J 4 HOH 13  1020 15   HOH HOH A . 
J 4 HOH 14  1021 16   HOH HOH A . 
J 4 HOH 15  1022 17   HOH HOH A . 
J 4 HOH 16  1023 18   HOH HOH A . 
J 4 HOH 17  1024 19   HOH HOH A . 
J 4 HOH 18  1025 20   HOH HOH A . 
J 4 HOH 19  1026 21   HOH HOH A . 
J 4 HOH 20  1027 22   HOH HOH A . 
J 4 HOH 21  1028 23   HOH HOH A . 
J 4 HOH 22  1029 24   HOH HOH A . 
J 4 HOH 23  1030 25   HOH HOH A . 
J 4 HOH 24  1031 26   HOH HOH A . 
J 4 HOH 25  1032 27   HOH HOH A . 
J 4 HOH 26  1033 28   HOH HOH A . 
J 4 HOH 27  1034 29   HOH HOH A . 
J 4 HOH 28  1035 30   HOH HOH A . 
J 4 HOH 29  1036 31   HOH HOH A . 
J 4 HOH 30  1037 32   HOH HOH A . 
J 4 HOH 31  1038 33   HOH HOH A . 
J 4 HOH 32  1039 34   HOH HOH A . 
J 4 HOH 33  1040 35   HOH HOH A . 
J 4 HOH 34  1041 36   HOH HOH A . 
J 4 HOH 35  1042 37   HOH HOH A . 
J 4 HOH 36  1043 38   HOH HOH A . 
J 4 HOH 37  1044 39   HOH HOH A . 
J 4 HOH 38  1045 40   HOH HOH A . 
J 4 HOH 39  1046 41   HOH HOH A . 
J 4 HOH 40  1047 42   HOH HOH A . 
J 4 HOH 41  1048 43   HOH HOH A . 
J 4 HOH 42  1049 44   HOH HOH A . 
J 4 HOH 43  1050 45   HOH HOH A . 
J 4 HOH 44  1051 46   HOH HOH A . 
J 4 HOH 45  1052 47   HOH HOH A . 
J 4 HOH 46  1053 48   HOH HOH A . 
J 4 HOH 47  1054 49   HOH HOH A . 
J 4 HOH 48  1055 50   HOH HOH A . 
J 4 HOH 49  1056 51   HOH HOH A . 
J 4 HOH 50  1057 52   HOH HOH A . 
J 4 HOH 51  1058 53   HOH HOH A . 
J 4 HOH 52  1059 54   HOH HOH A . 
J 4 HOH 53  1060 55   HOH HOH A . 
J 4 HOH 54  1061 56   HOH HOH A . 
J 4 HOH 55  1062 57   HOH HOH A . 
J 4 HOH 56  1063 58   HOH HOH A . 
J 4 HOH 57  1064 59   HOH HOH A . 
J 4 HOH 58  1065 60   HOH HOH A . 
J 4 HOH 59  1066 61   HOH HOH A . 
J 4 HOH 60  1067 62   HOH HOH A . 
J 4 HOH 61  1068 63   HOH HOH A . 
J 4 HOH 62  1069 64   HOH HOH A . 
J 4 HOH 63  1070 65   HOH HOH A . 
J 4 HOH 64  1071 66   HOH HOH A . 
J 4 HOH 65  1072 67   HOH HOH A . 
J 4 HOH 66  1073 68   HOH HOH A . 
J 4 HOH 67  1074 69   HOH HOH A . 
J 4 HOH 68  1075 70   HOH HOH A . 
J 4 HOH 69  1076 71   HOH HOH A . 
J 4 HOH 70  1077 72   HOH HOH A . 
J 4 HOH 71  1078 73   HOH HOH A . 
J 4 HOH 72  1079 74   HOH HOH A . 
J 4 HOH 73  1080 75   HOH HOH A . 
J 4 HOH 74  1081 76   HOH HOH A . 
J 4 HOH 75  1082 77   HOH HOH A . 
J 4 HOH 76  1083 78   HOH HOH A . 
J 4 HOH 77  1084 79   HOH HOH A . 
J 4 HOH 78  1085 80   HOH HOH A . 
J 4 HOH 79  1086 81   HOH HOH A . 
J 4 HOH 80  1087 82   HOH HOH A . 
J 4 HOH 81  1088 83   HOH HOH A . 
J 4 HOH 82  1089 84   HOH HOH A . 
J 4 HOH 83  1090 85   HOH HOH A . 
J 4 HOH 84  1091 86   HOH HOH A . 
J 4 HOH 85  1092 87   HOH HOH A . 
J 4 HOH 86  1093 88   HOH HOH A . 
J 4 HOH 87  1094 89   HOH HOH A . 
J 4 HOH 88  1095 90   HOH HOH A . 
J 4 HOH 89  1096 91   HOH HOH A . 
J 4 HOH 90  1097 92   HOH HOH A . 
J 4 HOH 91  1098 93   HOH HOH A . 
J 4 HOH 92  1099 94   HOH HOH A . 
J 4 HOH 93  1100 95   HOH HOH A . 
J 4 HOH 94  1101 96   HOH HOH A . 
J 4 HOH 95  1102 97   HOH HOH A . 
J 4 HOH 96  1103 98   HOH HOH A . 
J 4 HOH 97  1104 99   HOH HOH A . 
J 4 HOH 98  1105 100  HOH HOH A . 
J 4 HOH 99  1106 101  HOH HOH A . 
J 4 HOH 100 1107 102  HOH HOH A . 
J 4 HOH 101 1108 103  HOH HOH A . 
J 4 HOH 102 1109 104  HOH HOH A . 
J 4 HOH 103 1110 105  HOH HOH A . 
J 4 HOH 104 1111 106  HOH HOH A . 
J 4 HOH 105 1112 107  HOH HOH A . 
J 4 HOH 106 1113 108  HOH HOH A . 
J 4 HOH 107 1114 109  HOH HOH A . 
J 4 HOH 108 1115 110  HOH HOH A . 
J 4 HOH 109 1116 111  HOH HOH A . 
J 4 HOH 110 1117 112  HOH HOH A . 
J 4 HOH 111 1118 113  HOH HOH A . 
J 4 HOH 112 1119 114  HOH HOH A . 
J 4 HOH 113 1120 115  HOH HOH A . 
J 4 HOH 114 1121 116  HOH HOH A . 
J 4 HOH 115 1122 117  HOH HOH A . 
J 4 HOH 116 1123 118  HOH HOH A . 
J 4 HOH 117 1124 119  HOH HOH A . 
J 4 HOH 118 1125 120  HOH HOH A . 
J 4 HOH 119 1126 121  HOH HOH A . 
J 4 HOH 120 1127 123  HOH HOH A . 
J 4 HOH 121 1128 124  HOH HOH A . 
J 4 HOH 122 1129 125  HOH HOH A . 
J 4 HOH 123 1130 126  HOH HOH A . 
J 4 HOH 124 1131 127  HOH HOH A . 
J 4 HOH 125 1132 128  HOH HOH A . 
J 4 HOH 126 1133 129  HOH HOH A . 
J 4 HOH 127 1134 130  HOH HOH A . 
J 4 HOH 128 1135 131  HOH HOH A . 
J 4 HOH 129 1136 132  HOH HOH A . 
J 4 HOH 130 1137 133  HOH HOH A . 
J 4 HOH 131 1138 134  HOH HOH A . 
J 4 HOH 132 1139 135  HOH HOH A . 
J 4 HOH 133 1140 136  HOH HOH A . 
J 4 HOH 134 1141 137  HOH HOH A . 
J 4 HOH 135 1142 138  HOH HOH A . 
J 4 HOH 136 1143 139  HOH HOH A . 
J 4 HOH 137 1144 140  HOH HOH A . 
J 4 HOH 138 1145 141  HOH HOH A . 
J 4 HOH 139 1146 142  HOH HOH A . 
J 4 HOH 140 1147 143  HOH HOH A . 
J 4 HOH 141 1148 144  HOH HOH A . 
J 4 HOH 142 1149 145  HOH HOH A . 
J 4 HOH 143 1150 146  HOH HOH A . 
J 4 HOH 144 1151 147  HOH HOH A . 
J 4 HOH 145 1152 148  HOH HOH A . 
J 4 HOH 146 1153 149  HOH HOH A . 
J 4 HOH 147 1154 150  HOH HOH A . 
J 4 HOH 148 1155 151  HOH HOH A . 
J 4 HOH 149 1156 152  HOH HOH A . 
J 4 HOH 150 1157 153  HOH HOH A . 
J 4 HOH 151 1158 154  HOH HOH A . 
J 4 HOH 152 1159 156  HOH HOH A . 
J 4 HOH 153 1160 157  HOH HOH A . 
J 4 HOH 154 1161 158  HOH HOH A . 
J 4 HOH 155 1162 160  HOH HOH A . 
J 4 HOH 156 1163 161  HOH HOH A . 
J 4 HOH 157 1164 163  HOH HOH A . 
J 4 HOH 158 1165 164  HOH HOH A . 
J 4 HOH 159 1166 165  HOH HOH A . 
J 4 HOH 160 1167 166  HOH HOH A . 
J 4 HOH 161 1168 167  HOH HOH A . 
J 4 HOH 162 1169 168  HOH HOH A . 
J 4 HOH 163 1170 169  HOH HOH A . 
J 4 HOH 164 1171 170  HOH HOH A . 
J 4 HOH 165 1172 171  HOH HOH A . 
J 4 HOH 166 1173 172  HOH HOH A . 
J 4 HOH 167 1174 173  HOH HOH A . 
J 4 HOH 168 1175 174  HOH HOH A . 
J 4 HOH 169 1176 175  HOH HOH A . 
J 4 HOH 170 1177 176  HOH HOH A . 
J 4 HOH 171 1178 177  HOH HOH A . 
J 4 HOH 172 1179 178  HOH HOH A . 
J 4 HOH 173 1180 179  HOH HOH A . 
J 4 HOH 174 1181 180  HOH HOH A . 
J 4 HOH 175 1182 181  HOH HOH A . 
J 4 HOH 176 1183 182  HOH HOH A . 
J 4 HOH 177 1184 183  HOH HOH A . 
J 4 HOH 178 1185 184  HOH HOH A . 
J 4 HOH 179 1186 185  HOH HOH A . 
J 4 HOH 180 1187 186  HOH HOH A . 
J 4 HOH 181 1188 187  HOH HOH A . 
J 4 HOH 182 1189 188  HOH HOH A . 
J 4 HOH 183 1190 189  HOH HOH A . 
# 
loop_
_software.name 
_software.version 
_software.date 
_software.type 
_software.contact_author 
_software.contact_author_email 
_software.classification 
_software.location 
_software.language 
_software.citation_id 
_software.pdbx_ordinal 
d*TREK      9.4L  'Mar 4 2005'     package 'Pflugrath, J.W.' jwp@RigakuMSC.com        'data scaling'    
http://www.msc.com/protein/dtrek.html ?          ? 1 
REFMAC      .     ?                program 'Murshudov, G.N.' ccp4@dl.ac.uk            refinement        
http://www.ccp4.ac.uk/main.html       Fortran_77 ? 2 
PDB_EXTRACT 2.000 'April. 3, 2006' package PDB               sw-help@rcsb.rutgers.edu 'data extraction' 
http://pdb.rutgers.edu/software/      C++        ? 3 
ADSC        .     ?                ?       ?                 ?                        'data collection' ? ?          ? 4 
XTALVIEW    .     ?                ?       ?                 ?                        refinement        ? ?          ? 5 
# 
_cell.entry_id           2GYD 
_cell.length_a           181.890 
_cell.length_b           181.890 
_cell.length_c           181.890 
_cell.angle_alpha        90.00 
_cell.angle_beta         90.00 
_cell.angle_gamma        90.00 
_cell.Z_PDB              96 
_cell.pdbx_unique_axis   ? 
_cell.length_a_esd       ? 
_cell.length_b_esd       ? 
_cell.length_c_esd       ? 
_cell.angle_alpha_esd    ? 
_cell.angle_beta_esd     ? 
_cell.angle_gamma_esd    ? 
# 
_symmetry.entry_id                         2GYD 
_symmetry.space_group_name_H-M             'F 4 3 2' 
_symmetry.pdbx_full_space_group_name_H-M   ? 
_symmetry.cell_setting                     ? 
_symmetry.Int_Tables_number                209 
_symmetry.space_group_name_Hall            ? 
# 
_exptl.crystals_number   1 
_exptl.entry_id          2GYD 
_exptl.method            'X-RAY DIFFRACTION' 
# 
_exptl_crystal.id                    1 
_exptl_crystal.density_Matthews      3.23 
_exptl_crystal.density_meas          ? 
_exptl_crystal.density_percent_sol   61.92 
_exptl_crystal.description           ? 
_exptl_crystal.F_000                 ? 
_exptl_crystal.preparation           ? 
# 
_exptl_crystal_grow.crystal_id      1 
_exptl_crystal_grow.method          'VAPOR DIFFUSION, HANGING DROP' 
_exptl_crystal_grow.pH              7.5 
_exptl_crystal_grow.temp            298 
_exptl_crystal_grow.temp_details    ? 
_exptl_crystal_grow.pdbx_details    
'0.05 M cadmium sulfate, 0.1 M HEPES, and 1.0 M sodium acetate, pH 7.5, VAPOR DIFFUSION, HANGING DROP, temperature 298K' 
_exptl_crystal_grow.pdbx_pH_range   . 
# 
_diffrn.id                     1 
_diffrn.ambient_temp           100 
_diffrn.ambient_temp_details   ? 
_diffrn.crystal_id             1 
# 
_diffrn_detector.diffrn_id              1 
_diffrn_detector.detector               CCD 
_diffrn_detector.type                   'ADSC QUANTUM 315' 
_diffrn_detector.pdbx_collection_date   2005-11-08 
_diffrn_detector.details                ? 
# 
_diffrn_radiation.diffrn_id                        1 
_diffrn_radiation.wavelength_id                    1 
_diffrn_radiation.pdbx_diffrn_protocol             'SINGLE WAVELENGTH' 
_diffrn_radiation.monochromator                    ? 
_diffrn_radiation.pdbx_monochromatic_or_laue_m_l   M 
_diffrn_radiation.pdbx_scattering_type             x-ray 
# 
_diffrn_radiation_wavelength.id           1 
_diffrn_radiation_wavelength.wavelength   0.9791 
_diffrn_radiation_wavelength.wt           1.0 
# 
_diffrn_source.diffrn_id                   1 
_diffrn_source.source                      SYNCHROTRON 
_diffrn_source.type                        'NSLS BEAMLINE X6A' 
_diffrn_source.pdbx_wavelength             ? 
_diffrn_source.pdbx_wavelength_list        0.9791 
_diffrn_source.pdbx_synchrotron_site       NSLS 
_diffrn_source.pdbx_synchrotron_beamline   X6A 
# 
_reflns.entry_id                     2GYD 
_reflns.d_resolution_high            1.720 
_reflns.d_resolution_low             37.130 
_reflns.number_obs                   27676 
_reflns.pdbx_scaling_rejects         29232 
_reflns.pdbx_Rmerge_I_obs            0.075 
_reflns.pdbx_netI_over_sigmaI        16.900 
_reflns.pdbx_chi_squared             0.690 
_reflns.pdbx_redundancy              18.940 
_reflns.percent_possible_obs         99.000 
_reflns.observed_criterion_sigma_F   0 
_reflns.observed_criterion_sigma_I   0 
_reflns.number_all                   27676 
_reflns.pdbx_Rsym_value              ? 
_reflns.B_iso_Wilson_estimate        ? 
_reflns.R_free_details               ? 
_reflns.limit_h_max                  ? 
_reflns.limit_h_min                  ? 
_reflns.limit_k_max                  ? 
_reflns.limit_k_min                  ? 
_reflns.limit_l_max                  ? 
_reflns.limit_l_min                  ? 
_reflns.observed_criterion_F_max     ? 
_reflns.observed_criterion_F_min     ? 
_reflns.pdbx_ordinal                 1 
_reflns.pdbx_diffrn_id               1 
# 
loop_
_reflns_shell.d_res_high 
_reflns_shell.d_res_low 
_reflns_shell.number_measured_obs 
_reflns_shell.number_measured_all 
_reflns_shell.number_unique_obs 
_reflns_shell.Rmerge_I_obs 
_reflns_shell.meanI_over_sigI_obs 
_reflns_shell.pdbx_Rsym_value 
_reflns_shell.pdbx_chi_squared 
_reflns_shell.pdbx_redundancy 
_reflns_shell.percent_possible_obs 
_reflns_shell.number_unique_all 
_reflns_shell.percent_possible_all 
_reflns_shell.pdbx_ordinal 
_reflns_shell.pdbx_diffrn_id 
1.72 1.78  ? 28208 ? 0.432 2.8  ? 0.510 10.12 ? 2547 93.00  1  1 
1.78 1.85  ? 37247 ? 0.359 4.2  ? 0.440 12.72 ? 2672 97.70  2  1 
1.85 1.94  ? 52022 ? 0.357 7.2  ? 1.110 17.57 ? 2719 99.90  3  1 
1.94 2.04  ? 60973 ? 0.281 8.1  ? 0.800 20.63 ? 2760 100.00 4  1 
2.04 2.17  ? 59845 ? 0.216 10.3 ? 0.960 20.75 ? 2741 100.00 5  1 
2.17 2.33  ? 61120 ? 0.173 12.9 ? 1.020 20.68 ? 2761 100.00 6  1 
2.33 2.57  ? 60790 ? 0.109 14.2 ? 0.560 20.85 ? 2791 100.00 7  1 
2.57 2.94  ? 62695 ? 0.074 21.0 ? 0.620 21.58 ? 2799 100.00 8  1 
2.94 3.71  ? 65231 ? 0.048 29.0 ? 0.420 22.18 ? 2851 99.90  9  1 
3.71 37.13 ? 65154 ? 0.035 40.4 ? 0.360 21.02 ? 3035 99.70  10 1 
# 
_refine.entry_id                                 2GYD 
_refine.ls_d_res_high                            1.720 
_refine.ls_d_res_low                             37.130 
_refine.pdbx_ls_sigma_F                          0.00 
_refine.ls_percent_reflns_obs                    99.030 
_refine.ls_number_reflns_obs                     27673 
_refine.pdbx_ls_cross_valid_method               THROUGHOUT 
_refine.pdbx_R_Free_selection_details            RANDOM 
_refine.details                                  ? 
_refine.ls_R_factor_all                          0.208 
_refine.ls_R_factor_R_work                       0.207 
_refine.ls_R_factor_R_free                       0.217 
_refine.ls_percent_reflns_R_free                 5.100 
_refine.ls_number_reflns_R_free                  1409 
_refine.B_iso_mean                               22.533 
_refine.correlation_coeff_Fo_to_Fc               0.948 
_refine.correlation_coeff_Fo_to_Fc_free          0.942 
_refine.pdbx_overall_ESU_R                       0.101 
_refine.pdbx_overall_ESU_R_Free                  0.093 
_refine.overall_SU_ML                            0.054 
_refine.overall_SU_B                             1.617 
_refine.solvent_model_details                    MASK 
_refine.pdbx_solvent_vdw_probe_radii             1.200 
_refine.pdbx_solvent_ion_probe_radii             0.800 
_refine.pdbx_solvent_shrinkage_radii             0.800 
_refine.pdbx_stereochemistry_target_values       'MAXIMUM LIKELIHOOD' 
_refine.pdbx_ls_sigma_I                          ? 
_refine.ls_number_reflns_all                     27673 
_refine.ls_R_factor_obs                          0.208 
_refine.ls_redundancy_reflns_obs                 ? 
_refine.pdbx_data_cutoff_high_absF               ? 
_refine.pdbx_data_cutoff_low_absF                ? 
_refine.ls_number_parameters                     ? 
_refine.ls_number_restraints                     ? 
_refine.ls_R_factor_R_free_error                 ? 
_refine.ls_R_factor_R_free_error_details         ? 
_refine.pdbx_method_to_determine_struct          'FOURIER SYNTHESIS' 
_refine.pdbx_starting_model                      1XZ1 
_refine.pdbx_stereochem_target_val_spec_case     ? 
_refine.solvent_model_param_bsol                 ? 
_refine.solvent_model_param_ksol                 ? 
_refine.occupancy_max                            ? 
_refine.occupancy_min                            ? 
_refine.pdbx_isotropic_thermal_model             isotropic 
_refine.aniso_B[1][1]                            ? 
_refine.aniso_B[1][2]                            ? 
_refine.aniso_B[1][3]                            ? 
_refine.aniso_B[2][2]                            ? 
_refine.aniso_B[2][3]                            ? 
_refine.aniso_B[3][3]                            ? 
_refine.B_iso_min                                ? 
_refine.B_iso_max                                ? 
_refine.overall_SU_R_Cruickshank_DPI             ? 
_refine.overall_SU_R_free                        ? 
_refine.pdbx_data_cutoff_high_rms_absF           ? 
_refine.ls_wR_factor_R_free                      ? 
_refine.ls_wR_factor_R_work                      ? 
_refine.overall_FOM_free_R_set                   ? 
_refine.overall_FOM_work_R_set                   ? 
_refine.pdbx_refine_id                           'X-RAY DIFFRACTION' 
_refine.pdbx_diffrn_id                           1 
_refine.pdbx_TLS_residual_ADP_flag               ? 
_refine.pdbx_overall_phase_error                 ? 
_refine.pdbx_overall_SU_R_free_Cruickshank_DPI   ? 
_refine.pdbx_overall_SU_R_Blow_DPI               ? 
_refine.pdbx_overall_SU_R_free_Blow_DPI          ? 
# 
_refine_hist.pdbx_refine_id                   'X-RAY DIFFRACTION' 
_refine_hist.cycle_id                         LAST 
_refine_hist.pdbx_number_atoms_protein        1354 
_refine_hist.pdbx_number_atoms_nucleic_acid   0 
_refine_hist.pdbx_number_atoms_ligand         17 
_refine_hist.number_atoms_solvent             183 
_refine_hist.number_atoms_total               1554 
_refine_hist.d_res_high                       1.720 
_refine_hist.d_res_low                        37.130 
# 
loop_
_refine_ls_restr.type 
_refine_ls_restr.number 
_refine_ls_restr.dev_ideal 
_refine_ls_restr.dev_ideal_target 
_refine_ls_restr.weight 
_refine_ls_restr.pdbx_refine_id 
_refine_ls_restr.pdbx_restraint_function 
r_bond_refined_d         1385 0.011  0.022  ? 'X-RAY DIFFRACTION' ? 
r_angle_refined_deg      1865 1.097  1.977  ? 'X-RAY DIFFRACTION' ? 
r_dihedral_angle_1_deg   166  4.577  5.000  ? 'X-RAY DIFFRACTION' ? 
r_dihedral_angle_2_deg   74   37.163 24.324 ? 'X-RAY DIFFRACTION' ? 
r_dihedral_angle_3_deg   251  13.640 15.000 ? 'X-RAY DIFFRACTION' ? 
r_dihedral_angle_4_deg   11   21.931 15.000 ? 'X-RAY DIFFRACTION' ? 
r_chiral_restr           206  0.081  0.200  ? 'X-RAY DIFFRACTION' ? 
r_gen_planes_refined     1043 0.005  0.020  ? 'X-RAY DIFFRACTION' ? 
r_nbd_refined            679  0.204  0.200  ? 'X-RAY DIFFRACTION' ? 
r_nbtor_refined          970  0.300  0.200  ? 'X-RAY DIFFRACTION' ? 
r_xyhbond_nbd_refined    153  0.183  0.200  ? 'X-RAY DIFFRACTION' ? 
r_metal_ion_refined      2    0.133  0.200  ? 'X-RAY DIFFRACTION' ? 
r_symmetry_vdw_refined   71   0.196  0.200  ? 'X-RAY DIFFRACTION' ? 
r_symmetry_hbond_refined 26   0.206  0.200  ? 'X-RAY DIFFRACTION' ? 
r_mcbond_it              860  1.397  1.500  ? 'X-RAY DIFFRACTION' ? 
r_mcangle_it             1317 1.395  2.000  ? 'X-RAY DIFFRACTION' ? 
r_scbond_it              586  2.596  3.000  ? 'X-RAY DIFFRACTION' ? 
r_scangle_it             548  4.262  4.500  ? 'X-RAY DIFFRACTION' ? 
# 
_refine_ls_shell.d_res_high                       1.720 
_refine_ls_shell.d_res_low                        1.765 
_refine_ls_shell.pdbx_total_number_of_bins_used   20 
_refine_ls_shell.percent_reflns_obs               92.630 
_refine_ls_shell.number_reflns_R_work             1774 
_refine_ls_shell.R_factor_all                     ? 
_refine_ls_shell.R_factor_R_work                  0.246 
_refine_ls_shell.R_factor_R_free                  0.26 
_refine_ls_shell.percent_reflns_R_free            ? 
_refine_ls_shell.number_reflns_R_free             99 
_refine_ls_shell.R_factor_R_free_error            ? 
_refine_ls_shell.number_reflns_all                ? 
_refine_ls_shell.number_reflns_obs                1873 
_refine_ls_shell.redundancy_reflns_obs            ? 
_refine_ls_shell.pdbx_refine_id                   'X-RAY DIFFRACTION' 
# 
_struct.entry_id                  2GYD 
_struct.title                     'Complex of equine apoferritin with the H-diaziflurane photolabeling reagent' 
_struct.pdbx_model_details        ? 
_struct.pdbx_CASP_flag            ? 
_struct.pdbx_model_type_details   ? 
# 
_struct_keywords.entry_id        2GYD 
_struct_keywords.pdbx_keywords   'METAL BINDING PROTEIN' 
_struct_keywords.text            'helical bundles, anesthetic, isoflurane, METAL BINDING PROTEIN' 
# 
loop_
_struct_asym.id 
_struct_asym.pdbx_blank_PDB_chainid_flag 
_struct_asym.pdbx_modified 
_struct_asym.entity_id 
_struct_asym.details 
A N N 1 ? 
B N N 2 ? 
C N N 2 ? 
D N N 2 ? 
E N N 2 ? 
F N N 2 ? 
G N N 2 ? 
H N N 2 ? 
I N N 3 ? 
J N N 4 ? 
# 
_struct_ref.id                         1 
_struct_ref.db_name                    GB 
_struct_ref.db_code                    BAD96182 
_struct_ref.pdbx_db_accession          62896483 
_struct_ref.entity_id                  1 
_struct_ref.pdbx_seq_one_letter_code   
;SQIRQNYSTEVEAAVNRLVNLYLRASYTYLSLGFYFDRDDVALEGVCHFFRELAEEKREGAERLLKMQNQRGGRALFQDL
QKPSQDEWGTTLDAMKAAIVLEKSLNQALLDLHALGSAQADPHLCDFLESHFLDEEVKLIKKMGDHLTNIQRLVGSQAGL
GEYLFERLTL
;
_struct_ref.pdbx_align_begin           3 
_struct_ref.pdbx_db_isoform            ? 
# 
_struct_ref_seq.align_id                      1 
_struct_ref_seq.ref_id                        1 
_struct_ref_seq.pdbx_PDB_id_code              2GYD 
_struct_ref_seq.pdbx_strand_id                A 
_struct_ref_seq.seq_align_beg                 1 
_struct_ref_seq.pdbx_seq_align_beg_ins_code   ? 
_struct_ref_seq.seq_align_end                 170 
_struct_ref_seq.pdbx_seq_align_end_ins_code   ? 
_struct_ref_seq.pdbx_db_accession             62896483 
_struct_ref_seq.db_align_beg                  3 
_struct_ref_seq.pdbx_db_align_beg_ins_code    ? 
_struct_ref_seq.db_align_end                  172 
_struct_ref_seq.pdbx_db_align_end_ins_code    ? 
_struct_ref_seq.pdbx_auth_seq_align_beg       2 
_struct_ref_seq.pdbx_auth_seq_align_end       171 
# 
_pdbx_struct_assembly.id                   1 
_pdbx_struct_assembly.details              author_and_software_defined_assembly 
_pdbx_struct_assembly.method_details       PISA,PQS 
_pdbx_struct_assembly.oligomeric_details   24-meric 
_pdbx_struct_assembly.oligomeric_count     24 
# 
loop_
_pdbx_struct_assembly_prop.biol_id 
_pdbx_struct_assembly_prop.type 
_pdbx_struct_assembly_prop.value 
_pdbx_struct_assembly_prop.details 
1 'ABSA (A^2)' 97770  ? 
1 MORE         -316   ? 
1 'SSA (A^2)'  134180 ? 
# 
_pdbx_struct_assembly_gen.assembly_id       1 
_pdbx_struct_assembly_gen.oper_expression   1,2,3,4,5,6,7,8,9,10,11,12,13,14,15,16,17,18,19,20,21,22,23,24 
_pdbx_struct_assembly_gen.asym_id_list      A,B,C,D,E,F,G,H,I,J 
# 
loop_
_pdbx_struct_oper_list.id 
_pdbx_struct_oper_list.type 
_pdbx_struct_oper_list.name 
_pdbx_struct_oper_list.symmetry_operation 
_pdbx_struct_oper_list.matrix[1][1] 
_pdbx_struct_oper_list.matrix[1][2] 
_pdbx_struct_oper_list.matrix[1][3] 
_pdbx_struct_oper_list.vector[1] 
_pdbx_struct_oper_list.matrix[2][1] 
_pdbx_struct_oper_list.matrix[2][2] 
_pdbx_struct_oper_list.matrix[2][3] 
_pdbx_struct_oper_list.vector[2] 
_pdbx_struct_oper_list.matrix[3][1] 
_pdbx_struct_oper_list.matrix[3][2] 
_pdbx_struct_oper_list.matrix[3][3] 
_pdbx_struct_oper_list.vector[3] 
1  'identity operation'         1_555  x,y,z    1.0000000000  0.0000000000  0.0000000000  0.0000000000   0.0000000000  1.0000000000  0.0000000000  0.0000000000  0.0000000000  0.0000000000  1.0000000000  0.0000000000   
2  'crystal symmetry operation' 2_555  -x,-y,z  -0.9995351663 -0.0298573817 0.0061634420  25.7445350250  -0.0298573817 0.9178112722  -0.3958926689 11.5457062329 0.0061634420  -0.3958926689 -0.9182761059 53.9889288924  
3  'crystal symmetry operation' 3_555  -x,y,-z  0.0302964735  -0.1866645633 -0.9819564474 38.8554046634  -0.1866645633 -0.9661809391 0.1779065309  86.7910720041 -0.9819564474 0.1779065309  -0.0641155344 24.2696800980  
4  'crystal symmetry operation' 4_555  x,-y,-z  -0.0307613072 0.2165219450  0.9757930054  -15.5345777362 0.2165219450  -0.9516303332 0.2179861380  80.4352213734 0.9757930054  0.2179861380  -0.0176083596 -2.4178045408  
5  'crystal symmetry operation' 5_555  z,x,y    -0.4993215017 0.5680908585  -0.6541794972 5.4048781888   -0.6146824287 0.2998451773  0.7295604029  24.9993114212 0.6106091629  0.7663978381  0.1994763244  -26.5644685141 
6  'crystal symmetry operation' 6_555  z,-x,-y  0.4780956973  0.7952934933  0.3727368560  -36.2093618894 0.6099407149  0.0047264765  -0.7924329528 52.0247071558 -0.6319785032 0.6062061695  -0.4828221738 8.7734978552   
7  'crystal symmetry operation' 7_555  -z,-x,y  0.5212056623  -0.5720557340 0.6333221098  19.4320266621  -0.7909897204 -0.0451717075 0.6101596341  44.8456588810 -0.3204370762 -0.8189699348 -0.4760339548 68.5187141286  
8  'crystal symmetry operation' 8_555  -z,x,-y  -0.4999798579 -0.7913286177 -0.3518794687 60.4378189907  0.7957314342  -0.2593999463 -0.5472870842 56.9023221525 0.3418064166  -0.5536340728 0.7593798042  25.1130609798  
9  'crystal symmetry operation' 9_555  y,z,x    -0.4993215017 -0.6146824287 0.6106091629  34.2859172358  0.5680908585  0.2998451773  0.7663978381  9.7925663825  -0.6541794972 0.7295604029  0.1994763244  -9.4037646795  
10 'crystal symmetry operation' 10_555 -y,z,-x  0.5212056623  -0.7909897204 -0.3204370762 47.3003092763  -0.5720557340 -0.0451717075 -0.8189699348 69.2567241003 0.6333221098  0.6101596341  -0.4760339548 -7.0525084729  
11 'crystal symmetry operation' 11_555 y,-z,-x  -0.4999798579 0.7957314342  0.3418064166  -23.6450796475 -0.7913286177 -0.2593999463 -0.5536340728 76.4900813051 -0.3518794687 -0.5472870842 0.7593798042  33.3383822776  
12 'crystal symmetry operation' 12_555 -y,-z,x  0.4780956973  0.6099407149  -0.6319785032 -8.8757849125  0.7952934933  0.0047264765  0.6062061695  23.2326278226 0.3727368560  -0.7924329528 -0.4828221738 58.9586953243  
13 'crystal symmetry operation' 13_555 y,x,-z   -0.9995337764 -0.0061656861 -0.0299034142 25.3694998714  -0.0061656861 -0.9184604051 0.3954648765  78.3192875142 -0.0299034142 0.3954648765  0.9179941815  -15.7528594142 
14 'crystal symmetry operation' 14_555 -y,-x,-z 0.9990689427  0.0360230677  0.0237399722  -2.0486729443  0.0360230677  -0.9993508671 0.0004277925  88.9070058634 0.0237399722  0.0004277925  -0.9997180756 37.6047349714  
15 'crystal symmetry operation' 15_555 y,-x,z   0.0002324168  0.1872146916  0.9823189936  -14.7286622831 -0.2170720732 0.9589056361  -0.1827011112 7.9633601734  -0.9761555516 -0.2131915577 0.0408619470  39.6874770124  
16 'crystal symmetry operation' 16_555 -y,x,z   0.0002324168  -0.2170720732 -0.9761555516 40.4731973081  0.1872146916  0.9589056361  -0.2131915577 3.5823460595  0.9823189936  -0.1827011112 0.0408619470  14.3014518800  
17 'crystal symmetry operation' 17_555 x,z,-y   0.4846193464  -0.5925926643 0.6434112397  20.6073719625  0.8091146093  0.0241848334  -0.5871529979 44.8197707770 0.3323817657  0.8051391359  0.4911958202  -30.4141616539 
18 'crystal symmetry operation' 18_555 -x,z,y   -0.4627351858 -0.8130794848 -0.3532391530 60.9788545496  -0.8130794848 0.2304886364  0.5345809012  34.2295197058 -0.3532391530 0.5345809012  -0.7677534506 13.9578885014  
19 'crystal symmetry operation' 19_555 -x,-z,-y -0.5065035070 0.5965575398  -0.6225538524 3.6210851388   0.5965575398  -0.2788583032 -0.7525670391 64.1072585313 -0.6225538524 -0.7525670391 -0.2146381898 64.3007204889  
20 'crystal symmetry operation' 20_555 x,-z,y   0.4846193464  0.8091146093  0.3323817657  -36.1419496988 -0.5925926643 0.0241848334  0.8051391359  35.6154505964 0.6434112397  -0.5871529979 0.4911958202  27.9963571131  
21 'crystal symmetry operation' 21_555 z,y,-x   0.5151482368  0.5907307511  -0.6210148741 -8.6796056803  -0.7773953144 0.0169095305  -0.6287850133 65.3949481880 -0.3609415732 0.8066915442  0.4679422328  -21.5381106029 
22 'crystal symmetry operation' 22_555 z,-y,x   -0.5363740412 0.7726536006  0.3395722329  -22.1248780203 0.7726536006  0.2876621234  0.5659124634  11.6290703890 0.3395722329  0.5659124634  -0.7512880822 3.7471399440   
23 'crystal symmetry operation' 23_555 -z,y,x   0.5151482368  -0.7773953144 -0.3609415732 47.5350103437  0.5907307511  0.0169095305  0.8066915442  21.3961238161 -0.6210148741 -0.6287850133 0.4679422328  45.8077907008  
24 'crystal symmetry operation' 24_555 -z,-y,-x -0.4939224324 -0.5859890373 0.6423842144  32.3348353091  -0.5859890373 -0.3214811843 -0.7438189943 80.3518572173 0.6423842144  -0.7438189943 -0.1845963834 47.8239844076 
# 
_struct_biol.id                    1 
_struct_biol.details               'Biological unit is a 24-mer; see 1XZ1 for transformations required to create the 24-mer.' 
_struct_biol.pdbx_parent_biol_id   ? 
# 
loop_
_struct_conf.conf_type_id 
_struct_conf.id 
_struct_conf.pdbx_PDB_helix_id 
_struct_conf.beg_label_comp_id 
_struct_conf.beg_label_asym_id 
_struct_conf.beg_label_seq_id 
_struct_conf.pdbx_beg_PDB_ins_code 
_struct_conf.end_label_comp_id 
_struct_conf.end_label_asym_id 
_struct_conf.end_label_seq_id 
_struct_conf.pdbx_end_PDB_ins_code 
_struct_conf.beg_auth_comp_id 
_struct_conf.beg_auth_asym_id 
_struct_conf.beg_auth_seq_id 
_struct_conf.end_auth_comp_id 
_struct_conf.end_auth_asym_id 
_struct_conf.end_auth_seq_id 
_struct_conf.pdbx_PDB_helix_class 
_struct_conf.details 
_struct_conf.pdbx_PDB_helix_length 
HELX_P HELX_P1 1 SER A 8   ? ASP A 37  ? SER A 9   ASP A 38  1 ? 30 
HELX_P HELX_P2 2 LEU A 43  ? GLY A 72  ? LEU A 44  GLY A 73  1 ? 30 
HELX_P HELX_P3 3 THR A 90  ? GLN A 119 ? THR A 91  GLN A 120 1 ? 30 
HELX_P HELX_P4 4 ASP A 121 ? PHE A 132 ? ASP A 122 PHE A 133 1 ? 12 
HELX_P HELX_P5 5 PHE A 132 ? VAL A 154 ? PHE A 133 VAL A 155 1 ? 23 
HELX_P HELX_P6 6 GLN A 157 ? THR A 169 ? GLN A 158 THR A 170 1 ? 13 
# 
_struct_conf_type.id          HELX_P 
_struct_conf_type.criteria    ? 
_struct_conf_type.reference   ? 
# 
loop_
_struct_conn.id 
_struct_conn.conn_type_id 
_struct_conn.pdbx_leaving_atom_flag 
_struct_conn.pdbx_PDB_id 
_struct_conn.ptnr1_label_asym_id 
_struct_conn.ptnr1_label_comp_id 
_struct_conn.ptnr1_label_seq_id 
_struct_conn.ptnr1_label_atom_id 
_struct_conn.pdbx_ptnr1_label_alt_id 
_struct_conn.pdbx_ptnr1_PDB_ins_code 
_struct_conn.pdbx_ptnr1_standard_comp_id 
_struct_conn.ptnr1_symmetry 
_struct_conn.ptnr2_label_asym_id 
_struct_conn.ptnr2_label_comp_id 
_struct_conn.ptnr2_label_seq_id 
_struct_conn.ptnr2_label_atom_id 
_struct_conn.pdbx_ptnr2_label_alt_id 
_struct_conn.pdbx_ptnr2_PDB_ins_code 
_struct_conn.ptnr1_auth_asym_id 
_struct_conn.ptnr1_auth_comp_id 
_struct_conn.ptnr1_auth_seq_id 
_struct_conn.ptnr2_auth_asym_id 
_struct_conn.ptnr2_auth_comp_id 
_struct_conn.ptnr2_auth_seq_id 
_struct_conn.ptnr2_symmetry 
_struct_conn.pdbx_ptnr3_label_atom_id 
_struct_conn.pdbx_ptnr3_label_seq_id 
_struct_conn.pdbx_ptnr3_label_comp_id 
_struct_conn.pdbx_ptnr3_label_asym_id 
_struct_conn.pdbx_ptnr3_label_alt_id 
_struct_conn.pdbx_ptnr3_PDB_ins_code 
_struct_conn.details 
_struct_conn.pdbx_dist_value 
_struct_conn.pdbx_value_order 
_struct_conn.pdbx_role 
covale1  covale none ? A SER 26  OG  ? ? ? 1_555  I DFE . CAA ? ? A SER 27   A DFE 172  1_555  ? ? ? ? ? ? ? 1.458 ? ? 
metalc1  metalc ?    ? A GLU 52  OE1 ? ? ? 1_555  D CD  . CD  ? ? A GLU 53   A CD  1003 1_555  ? ? ? ? ? ? ? 2.573 ? ? 
metalc2  metalc ?    ? A GLU 55  OE1 ? ? ? 1_555  D CD  . CD  ? ? A GLU 56   A CD  1003 1_555  ? ? ? ? ? ? ? 2.595 ? ? 
metalc3  metalc ?    ? A GLU 56  OE1 ? ? ? 1_555  F CD  . CD  ? ? A GLU 57   A CD  1005 1_555  ? ? ? ? ? ? ? 2.663 ? ? 
metalc4  metalc ?    ? A GLU 59  OE1 ? ? ? 1_555  F CD  . CD  ? ? A GLU 60   A CD  1005 1_555  ? ? ? ? ? ? ? 2.960 ? ? 
metalc5  metalc ?    ? A GLU 59  OE2 ? ? ? 1_555  F CD  . CD  ? ? A GLU 60   A CD  1005 1_555  ? ? ? ? ? ? ? 2.419 ? ? 
metalc6  metalc ?    ? A ASP 79  OD1 ? ? ? 1_555  B CD  . CD  A ? A ASP 80   A CD  1001 1_555  ? ? ? ? ? ? ? 2.518 ? ? 
metalc7  metalc ?    ? A ASP 79  OD2 ? ? ? 1_555  B CD  . CD  A ? A ASP 80   A CD  1001 1_555  ? ? ? ? ? ? ? 2.326 ? ? 
metalc8  metalc ?    ? A ASP 79  OD1 ? ? ? 72_555 B CD  . CD  A ? A ASP 80   A CD  1001 1_555  ? ? ? ? ? ? ? 2.483 ? ? 
metalc9  metalc ?    ? A ASP 79  OD2 ? ? ? 72_555 B CD  . CD  A ? A ASP 80   A CD  1001 1_555  ? ? ? ? ? ? ? 2.287 ? ? 
metalc10 metalc ?    ? A GLU 87  OE1 ? ? ? 1_555  E CD  . CD  ? ? A GLU 88   A CD  1004 1_555  ? ? ? ? ? ? ? 2.555 ? ? 
metalc11 metalc ?    ? A GLU 87  OE2 ? ? ? 1_555  E CD  . CD  ? ? A GLU 88   A CD  1004 1_555  ? ? ? ? ? ? ? 2.510 ? ? 
metalc12 metalc ?    ? A HIS 113 NE2 ? ? ? 1_555  G CD  . CD  A ? A HIS 114  A CD  1006 1_555  ? ? ? ? ? ? ? 2.097 ? ? 
metalc13 metalc ?    ? A CYS 125 SG  ? ? ? 9_555  C CD  . CD  A ? A CYS 126  A CD  1002 1_555  ? ? ? ? ? ? ? 2.409 ? ? 
metalc14 metalc ?    ? A CYS 125 SG  ? ? ? 1_555  G CD  . CD  A ? A CYS 126  A CD  1006 1_555  ? ? ? ? ? ? ? 2.621 ? ? 
metalc15 metalc ?    ? A GLU 129 OE2 ? ? ? 1_555  C CD  . CD  A ? A GLU 130  A CD  1002 1_555  ? ? ? ? ? ? ? 2.406 ? ? 
metalc16 metalc ?    ? A GLU 129 OE1 ? ? ? 1_555  C CD  . CD  A ? A GLU 130  A CD  1002 1_555  ? ? ? ? ? ? ? 3.021 ? ? 
metalc17 metalc ?    ? A GLU 129 OE1 ? ? ? 1_555  H CD  . CD  A ? A GLU 130  A CD  1007 1_555  ? ? ? ? ? ? ? 2.492 ? ? 
metalc18 metalc ?    ? A GLU 129 OE1 ? ? ? 9_555  H CD  . CD  A ? A GLU 130  A CD  1007 1_555  ? ? ? ? ? ? ? 2.484 ? ? 
metalc19 metalc ?    ? A GLU 129 OE1 ? ? ? 5_555  H CD  . CD  A ? A GLU 130  A CD  1007 1_555  ? ? ? ? ? ? ? 2.810 ? ? 
metalc20 metalc ?    ? B CD  .   CD  A ? ? 1_555  J HOH . O   ? ? A CD  1001 A HOH 1037 22_555 ? ? ? ? ? ? ? 2.413 ? ? 
metalc21 metalc ?    ? B CD  .   CD  A ? ? 1_555  J HOH . O   ? ? A CD  1001 A HOH 1037 51_555 ? ? ? ? ? ? ? 2.452 ? ? 
metalc22 metalc ?    ? F CD  .   CD  ? ? ? 1_555  J HOH . O   ? ? A CD  1005 A HOH 1156 1_555  ? ? ? ? ? ? ? 2.078 ? ? 
# 
loop_
_struct_conn_type.id 
_struct_conn_type.criteria 
_struct_conn_type.reference 
covale ? ? 
metalc ? ? 
# 
loop_
_pdbx_struct_conn_angle.id 
_pdbx_struct_conn_angle.ptnr1_label_atom_id 
_pdbx_struct_conn_angle.ptnr1_label_alt_id 
_pdbx_struct_conn_angle.ptnr1_label_asym_id 
_pdbx_struct_conn_angle.ptnr1_label_comp_id 
_pdbx_struct_conn_angle.ptnr1_label_seq_id 
_pdbx_struct_conn_angle.ptnr1_auth_atom_id 
_pdbx_struct_conn_angle.ptnr1_auth_asym_id 
_pdbx_struct_conn_angle.ptnr1_auth_comp_id 
_pdbx_struct_conn_angle.ptnr1_auth_seq_id 
_pdbx_struct_conn_angle.ptnr1_PDB_ins_code 
_pdbx_struct_conn_angle.ptnr1_symmetry 
_pdbx_struct_conn_angle.ptnr2_label_atom_id 
_pdbx_struct_conn_angle.ptnr2_label_alt_id 
_pdbx_struct_conn_angle.ptnr2_label_asym_id 
_pdbx_struct_conn_angle.ptnr2_label_comp_id 
_pdbx_struct_conn_angle.ptnr2_label_seq_id 
_pdbx_struct_conn_angle.ptnr2_auth_atom_id 
_pdbx_struct_conn_angle.ptnr2_auth_asym_id 
_pdbx_struct_conn_angle.ptnr2_auth_comp_id 
_pdbx_struct_conn_angle.ptnr2_auth_seq_id 
_pdbx_struct_conn_angle.ptnr2_PDB_ins_code 
_pdbx_struct_conn_angle.ptnr2_symmetry 
_pdbx_struct_conn_angle.ptnr3_label_atom_id 
_pdbx_struct_conn_angle.ptnr3_label_alt_id 
_pdbx_struct_conn_angle.ptnr3_label_asym_id 
_pdbx_struct_conn_angle.ptnr3_label_comp_id 
_pdbx_struct_conn_angle.ptnr3_label_seq_id 
_pdbx_struct_conn_angle.ptnr3_auth_atom_id 
_pdbx_struct_conn_angle.ptnr3_auth_asym_id 
_pdbx_struct_conn_angle.ptnr3_auth_comp_id 
_pdbx_struct_conn_angle.ptnr3_auth_seq_id 
_pdbx_struct_conn_angle.ptnr3_PDB_ins_code 
_pdbx_struct_conn_angle.ptnr3_symmetry 
_pdbx_struct_conn_angle.value 
_pdbx_struct_conn_angle.value_esd 
1  OE1 ? A GLU 52  ? A GLU 53   ? 1_555  CD ? D CD . ? A CD 1003 ? 1_555 OE1 ? A GLU 55  ? A GLU 56   ? 1_555  101.3 ? 
2  OE1 ? A GLU 56  ? A GLU 57   ? 1_555  CD ? F CD . ? A CD 1005 ? 1_555 OE1 ? A GLU 59  ? A GLU 60   ? 1_555  120.6 ? 
3  OE1 ? A GLU 56  ? A GLU 57   ? 1_555  CD ? F CD . ? A CD 1005 ? 1_555 OE2 ? A GLU 59  ? A GLU 60   ? 1_555  97.3  ? 
4  OE1 ? A GLU 59  ? A GLU 60   ? 1_555  CD ? F CD . ? A CD 1005 ? 1_555 OE2 ? A GLU 59  ? A GLU 60   ? 1_555  47.2  ? 
5  OE1 ? A GLU 56  ? A GLU 57   ? 1_555  CD ? F CD . ? A CD 1005 ? 1_555 O   ? J HOH .   ? A HOH 1156 ? 1_555  52.5  ? 
6  OE1 ? A GLU 59  ? A GLU 60   ? 1_555  CD ? F CD . ? A CD 1005 ? 1_555 O   ? J HOH .   ? A HOH 1156 ? 1_555  68.7  ? 
7  OE2 ? A GLU 59  ? A GLU 60   ? 1_555  CD ? F CD . ? A CD 1005 ? 1_555 O   ? J HOH .   ? A HOH 1156 ? 1_555  66.8  ? 
8  OD1 ? A ASP 79  ? A ASP 80   ? 1_555  CD A B CD . ? A CD 1001 ? 1_555 OD2 ? A ASP 79  ? A ASP 80   ? 1_555  53.4  ? 
9  OD1 ? A ASP 79  ? A ASP 80   ? 1_555  CD A B CD . ? A CD 1001 ? 1_555 OD1 ? A ASP 79  ? A ASP 80   ? 72_555 141.1 ? 
10 OD2 ? A ASP 79  ? A ASP 80   ? 1_555  CD A B CD . ? A CD 1001 ? 1_555 OD1 ? A ASP 79  ? A ASP 80   ? 72_555 93.4  ? 
11 OD1 ? A ASP 79  ? A ASP 80   ? 1_555  CD A B CD . ? A CD 1001 ? 1_555 OD2 ? A ASP 79  ? A ASP 80   ? 72_555 93.4  ? 
12 OD2 ? A ASP 79  ? A ASP 80   ? 1_555  CD A B CD . ? A CD 1001 ? 1_555 OD2 ? A ASP 79  ? A ASP 80   ? 72_555 74.7  ? 
13 OD1 ? A ASP 79  ? A ASP 80   ? 72_555 CD A B CD . ? A CD 1001 ? 1_555 OD2 ? A ASP 79  ? A ASP 80   ? 72_555 54.3  ? 
14 OD1 ? A ASP 79  ? A ASP 80   ? 1_555  CD A B CD . ? A CD 1001 ? 1_555 O   ? J HOH .   ? A HOH 1037 ? 22_555 99.9  ? 
15 OD2 ? A ASP 79  ? A ASP 80   ? 1_555  CD A B CD . ? A CD 1001 ? 1_555 O   ? J HOH .   ? A HOH 1037 ? 22_555 151.0 ? 
16 OD1 ? A ASP 79  ? A ASP 80   ? 72_555 CD A B CD . ? A CD 1001 ? 1_555 O   ? J HOH .   ? A HOH 1037 ? 22_555 105.7 ? 
17 OD2 ? A ASP 79  ? A ASP 80   ? 72_555 CD A B CD . ? A CD 1001 ? 1_555 O   ? J HOH .   ? A HOH 1037 ? 22_555 98.8  ? 
18 OD1 ? A ASP 79  ? A ASP 80   ? 1_555  CD A B CD . ? A CD 1001 ? 1_555 O   ? J HOH .   ? A HOH 1037 ? 51_555 103.5 ? 
19 OD2 ? A ASP 79  ? A ASP 80   ? 1_555  CD A B CD . ? A CD 1001 ? 1_555 O   ? J HOH .   ? A HOH 1037 ? 51_555 96.6  ? 
20 OD1 ? A ASP 79  ? A ASP 80   ? 72_555 CD A B CD . ? A CD 1001 ? 1_555 O   ? J HOH .   ? A HOH 1037 ? 51_555 99.8  ? 
21 OD2 ? A ASP 79  ? A ASP 80   ? 72_555 CD A B CD . ? A CD 1001 ? 1_555 O   ? J HOH .   ? A HOH 1037 ? 51_555 151.0 ? 
22 O   ? J HOH .   ? A HOH 1037 ? 22_555 CD A B CD . ? A CD 1001 ? 1_555 O   ? J HOH .   ? A HOH 1037 ? 51_555 101.2 ? 
23 OE1 ? A GLU 87  ? A GLU 88   ? 1_555  CD ? E CD . ? A CD 1004 ? 1_555 OE2 ? A GLU 87  ? A GLU 88   ? 1_555  51.6  ? 
24 NE2 ? A HIS 113 ? A HIS 114  ? 1_555  CD A G CD . ? A CD 1006 ? 1_555 SG  ? A CYS 125 ? A CYS 126  ? 1_555  88.1  ? 
25 SG  ? A CYS 125 ? A CYS 126  ? 9_555  CD A C CD . ? A CD 1002 ? 1_555 OE2 ? A GLU 129 ? A GLU 130  ? 1_555  122.2 ? 
26 SG  ? A CYS 125 ? A CYS 126  ? 9_555  CD A C CD . ? A CD 1002 ? 1_555 OE1 ? A GLU 129 ? A GLU 130  ? 1_555  104.0 ? 
27 OE2 ? A GLU 129 ? A GLU 130  ? 1_555  CD A C CD . ? A CD 1002 ? 1_555 OE1 ? A GLU 129 ? A GLU 130  ? 1_555  46.1  ? 
28 OE1 ? A GLU 129 ? A GLU 130  ? 1_555  CD A H CD . ? A CD 1007 ? 1_555 OE1 ? A GLU 129 ? A GLU 130  ? 9_555  127.9 ? 
29 OE1 ? A GLU 129 ? A GLU 130  ? 1_555  CD A H CD . ? A CD 1007 ? 1_555 OE1 ? A GLU 129 ? A GLU 130  ? 5_555  114.9 ? 
30 OE1 ? A GLU 129 ? A GLU 130  ? 9_555  CD A H CD . ? A CD 1007 ? 1_555 OE1 ? A GLU 129 ? A GLU 130  ? 5_555  115.1 ? 
# 
_pdbx_modification_feature.ordinal                            1 
_pdbx_modification_feature.label_comp_id                      DFE 
_pdbx_modification_feature.label_asym_id                      I 
_pdbx_modification_feature.label_seq_id                       . 
_pdbx_modification_feature.label_alt_id                       ? 
_pdbx_modification_feature.modified_residue_label_comp_id     SER 
_pdbx_modification_feature.modified_residue_label_asym_id     A 
_pdbx_modification_feature.modified_residue_label_seq_id      26 
_pdbx_modification_feature.modified_residue_label_alt_id      ? 
_pdbx_modification_feature.auth_comp_id                       DFE 
_pdbx_modification_feature.auth_asym_id                       A 
_pdbx_modification_feature.auth_seq_id                        172 
_pdbx_modification_feature.PDB_ins_code                       ? 
_pdbx_modification_feature.symmetry                           1_555 
_pdbx_modification_feature.modified_residue_auth_comp_id      SER 
_pdbx_modification_feature.modified_residue_auth_asym_id      A 
_pdbx_modification_feature.modified_residue_auth_seq_id       27 
_pdbx_modification_feature.modified_residue_PDB_ins_code      ? 
_pdbx_modification_feature.modified_residue_symmetry          1_555 
_pdbx_modification_feature.comp_id_linking_atom               CAA 
_pdbx_modification_feature.modified_residue_id_linking_atom   OG 
_pdbx_modification_feature.modified_residue_id                SER 
_pdbx_modification_feature.ref_pcm_id                         1 
_pdbx_modification_feature.ref_comp_id                        DFE 
_pdbx_modification_feature.type                               None 
_pdbx_modification_feature.category                           'Covalent chemical modification' 
# 
loop_
_struct_site.id 
_struct_site.pdbx_evidence_code 
_struct_site.pdbx_auth_asym_id 
_struct_site.pdbx_auth_comp_id 
_struct_site.pdbx_auth_seq_id 
_struct_site.pdbx_auth_ins_code 
_struct_site.pdbx_num_residues 
_struct_site.details 
AC1 Software A CD  1001 ? 4 'BINDING SITE FOR RESIDUE CD A 1001' 
AC2 Software A CD  1002 ? 7 'BINDING SITE FOR RESIDUE CD A 1002' 
AC3 Software A CD  1003 ? 2 'BINDING SITE FOR RESIDUE CD A 1003' 
AC4 Software A CD  1004 ? 1 'BINDING SITE FOR RESIDUE CD A 1004' 
AC5 Software A CD  1005 ? 4 'BINDING SITE FOR RESIDUE CD A 1005' 
AC6 Software A CD  1006 ? 6 'BINDING SITE FOR RESIDUE CD A 1006' 
AC7 Software A CD  1007 ? 6 'BINDING SITE FOR RESIDUE CD A 1007' 
AC8 Software A DFE 172  ? 6 'BINDING SITE FOR RESIDUE DFE A 172' 
# 
loop_
_struct_site_gen.id 
_struct_site_gen.site_id 
_struct_site_gen.pdbx_num_res 
_struct_site_gen.label_comp_id 
_struct_site_gen.label_asym_id 
_struct_site_gen.label_seq_id 
_struct_site_gen.pdbx_auth_ins_code 
_struct_site_gen.auth_comp_id 
_struct_site_gen.auth_asym_id 
_struct_site_gen.auth_seq_id 
_struct_site_gen.label_atom_id 
_struct_site_gen.label_alt_id 
_struct_site_gen.symmetry 
_struct_site_gen.details 
1  AC1 4 ASP A 79  ? ASP A 80   . ? 72_555 ? 
2  AC1 4 ASP A 79  ? ASP A 80   . ? 1_555  ? 
3  AC1 4 HOH J .   ? HOH A 1037 . ? 51_555 ? 
4  AC1 4 HOH J .   ? HOH A 1037 . ? 22_555 ? 
5  AC2 7 CYS A 125 ? CYS A 126  . ? 9_555  ? 
6  AC2 7 GLU A 129 ? GLU A 130  . ? 1_555  ? 
7  AC2 7 CD  G .   ? CD  A 1006 . ? 9_555  ? 
8  AC2 7 CD  G .   ? CD  A 1006 . ? 1_555  ? 
9  AC2 7 CD  H .   ? CD  A 1007 . ? 9_555  ? 
10 AC2 7 CD  H .   ? CD  A 1007 . ? 5_555  ? 
11 AC2 7 CD  H .   ? CD  A 1007 . ? 1_555  ? 
12 AC3 2 GLU A 52  ? GLU A 53   . ? 1_555  ? 
13 AC3 2 GLU A 55  ? GLU A 56   . ? 1_555  ? 
14 AC4 1 GLU A 87  ? GLU A 88   . ? 1_555  ? 
15 AC5 4 GLU A 55  ? GLU A 56   . ? 1_555  ? 
16 AC5 4 GLU A 56  ? GLU A 57   . ? 1_555  ? 
17 AC5 4 GLU A 59  ? GLU A 60   . ? 1_555  ? 
18 AC5 4 HOH J .   ? HOH A 1156 . ? 1_555  ? 
19 AC6 6 HIS A 113 ? HIS A 114  . ? 1_555  ? 
20 AC6 6 SER A 117 ? SER A 118  . ? 1_555  ? 
21 AC6 6 CYS A 125 ? CYS A 126  . ? 1_555  ? 
22 AC6 6 GLU A 129 ? GLU A 130  . ? 1_555  ? 
23 AC6 6 CD  C .   ? CD  A 1002 . ? 5_555  ? 
24 AC6 6 CD  C .   ? CD  A 1002 . ? 1_555  ? 
25 AC7 6 GLU A 129 ? GLU A 130  . ? 1_555  ? 
26 AC7 6 GLU A 129 ? GLU A 130  . ? 9_555  ? 
27 AC7 6 GLU A 129 ? GLU A 130  . ? 5_555  ? 
28 AC7 6 CD  C .   ? CD  A 1002 . ? 1_555  ? 
29 AC7 6 CD  C .   ? CD  A 1002 . ? 5_555  ? 
30 AC7 6 CD  C .   ? CD  A 1002 . ? 9_555  ? 
31 AC8 6 LEU A 23  ? LEU A 24   . ? 1_555  ? 
32 AC8 6 LEU A 23  ? LEU A 24   . ? 22_555 ? 
33 AC8 6 SER A 26  ? SER A 27   . ? 1_555  ? 
34 AC8 6 SER A 26  ? SER A 27   . ? 22_555 ? 
35 AC8 6 TYR A 27  ? TYR A 28   . ? 1_555  ? 
36 AC8 6 LEU A 80  ? LEU A 81   . ? 22_555 ? 
# 
_pdbx_entry_details.entry_id                   2GYD 
_pdbx_entry_details.compound_details           ? 
_pdbx_entry_details.source_details             ? 
_pdbx_entry_details.nonpolymer_details         ? 
_pdbx_entry_details.sequence_details           ? 
_pdbx_entry_details.has_ligand_of_interest     ? 
_pdbx_entry_details.has_protein_modification   Y 
# 
loop_
_pdbx_validate_close_contact.id 
_pdbx_validate_close_contact.PDB_model_num 
_pdbx_validate_close_contact.auth_atom_id_1 
_pdbx_validate_close_contact.auth_asym_id_1 
_pdbx_validate_close_contact.auth_comp_id_1 
_pdbx_validate_close_contact.auth_seq_id_1 
_pdbx_validate_close_contact.PDB_ins_code_1 
_pdbx_validate_close_contact.label_alt_id_1 
_pdbx_validate_close_contact.auth_atom_id_2 
_pdbx_validate_close_contact.auth_asym_id_2 
_pdbx_validate_close_contact.auth_comp_id_2 
_pdbx_validate_close_contact.auth_seq_id_2 
_pdbx_validate_close_contact.PDB_ins_code_2 
_pdbx_validate_close_contact.label_alt_id_2 
_pdbx_validate_close_contact.dist 
1 1 SG  A CYS 48   ? ? O A HOH 1164 ? ? 2.04 
2 1 O   A HOH 1030 ? ? O A HOH 1178 ? ? 2.09 
3 1 OE1 A GLU 57   ? ? O A HOH 1156 ? ? 2.16 
# 
loop_
_pdbx_validate_torsion.id 
_pdbx_validate_torsion.PDB_model_num 
_pdbx_validate_torsion.auth_comp_id 
_pdbx_validate_torsion.auth_asym_id 
_pdbx_validate_torsion.auth_seq_id 
_pdbx_validate_torsion.PDB_ins_code 
_pdbx_validate_torsion.label_alt_id 
_pdbx_validate_torsion.phi 
_pdbx_validate_torsion.psi 
1 1 VAL A 42  ? ? -125.28 -63.04 
2 1 PHE A 133 ? ? -134.77 -49.95 
# 
loop_
_pdbx_struct_special_symmetry.id 
_pdbx_struct_special_symmetry.PDB_model_num 
_pdbx_struct_special_symmetry.auth_asym_id 
_pdbx_struct_special_symmetry.auth_comp_id 
_pdbx_struct_special_symmetry.auth_seq_id 
_pdbx_struct_special_symmetry.PDB_ins_code 
_pdbx_struct_special_symmetry.label_asym_id 
_pdbx_struct_special_symmetry.label_comp_id 
_pdbx_struct_special_symmetry.label_seq_id 
1 1 A CD  1001 ? B CD  . 
2 1 A CD  1007 ? H CD  . 
3 1 A HOH 1132 ? J HOH . 
4 1 A HOH 1158 ? J HOH . 
# 
_pdbx_database_remark.id     600 
_pdbx_database_remark.text   
;HETEROGEN  
SER 27 reacts with H-diaziflurane to form the adduct  
2-(1,1-DIFLUOROETHOXY)-1,1,1-TRIFLUOROETHANE (Ligand  
Code DFE)
;
# 
loop_
_pdbx_unobs_or_zero_occ_residues.id 
_pdbx_unobs_or_zero_occ_residues.PDB_model_num 
_pdbx_unobs_or_zero_occ_residues.polymer_flag 
_pdbx_unobs_or_zero_occ_residues.occupancy_flag 
_pdbx_unobs_or_zero_occ_residues.auth_asym_id 
_pdbx_unobs_or_zero_occ_residues.auth_comp_id 
_pdbx_unobs_or_zero_occ_residues.auth_seq_id 
_pdbx_unobs_or_zero_occ_residues.PDB_ins_code 
_pdbx_unobs_or_zero_occ_residues.label_asym_id 
_pdbx_unobs_or_zero_occ_residues.label_comp_id 
_pdbx_unobs_or_zero_occ_residues.label_seq_id 
1 1 Y 1 A GLY 156 ? A GLY 155 
2 1 Y 1 A SER 157 ? A SER 156 
# 
loop_
_chem_comp_atom.comp_id 
_chem_comp_atom.atom_id 
_chem_comp_atom.type_symbol 
_chem_comp_atom.pdbx_aromatic_flag 
_chem_comp_atom.pdbx_stereo_config 
_chem_comp_atom.pdbx_ordinal 
ALA N    N  N N 1   
ALA CA   C  N S 2   
ALA C    C  N N 3   
ALA O    O  N N 4   
ALA CB   C  N N 5   
ALA OXT  O  N N 6   
ALA H    H  N N 7   
ALA H2   H  N N 8   
ALA HA   H  N N 9   
ALA HB1  H  N N 10  
ALA HB2  H  N N 11  
ALA HB3  H  N N 12  
ALA HXT  H  N N 13  
ARG N    N  N N 14  
ARG CA   C  N S 15  
ARG C    C  N N 16  
ARG O    O  N N 17  
ARG CB   C  N N 18  
ARG CG   C  N N 19  
ARG CD   C  N N 20  
ARG NE   N  N N 21  
ARG CZ   C  N N 22  
ARG NH1  N  N N 23  
ARG NH2  N  N N 24  
ARG OXT  O  N N 25  
ARG H    H  N N 26  
ARG H2   H  N N 27  
ARG HA   H  N N 28  
ARG HB2  H  N N 29  
ARG HB3  H  N N 30  
ARG HG2  H  N N 31  
ARG HG3  H  N N 32  
ARG HD2  H  N N 33  
ARG HD3  H  N N 34  
ARG HE   H  N N 35  
ARG HH11 H  N N 36  
ARG HH12 H  N N 37  
ARG HH21 H  N N 38  
ARG HH22 H  N N 39  
ARG HXT  H  N N 40  
ASN N    N  N N 41  
ASN CA   C  N S 42  
ASN C    C  N N 43  
ASN O    O  N N 44  
ASN CB   C  N N 45  
ASN CG   C  N N 46  
ASN OD1  O  N N 47  
ASN ND2  N  N N 48  
ASN OXT  O  N N 49  
ASN H    H  N N 50  
ASN H2   H  N N 51  
ASN HA   H  N N 52  
ASN HB2  H  N N 53  
ASN HB3  H  N N 54  
ASN HD21 H  N N 55  
ASN HD22 H  N N 56  
ASN HXT  H  N N 57  
ASP N    N  N N 58  
ASP CA   C  N S 59  
ASP C    C  N N 60  
ASP O    O  N N 61  
ASP CB   C  N N 62  
ASP CG   C  N N 63  
ASP OD1  O  N N 64  
ASP OD2  O  N N 65  
ASP OXT  O  N N 66  
ASP H    H  N N 67  
ASP H2   H  N N 68  
ASP HA   H  N N 69  
ASP HB2  H  N N 70  
ASP HB3  H  N N 71  
ASP HD2  H  N N 72  
ASP HXT  H  N N 73  
CD  CD   CD N N 74  
CYS N    N  N N 75  
CYS CA   C  N R 76  
CYS C    C  N N 77  
CYS O    O  N N 78  
CYS CB   C  N N 79  
CYS SG   S  N N 80  
CYS OXT  O  N N 81  
CYS H    H  N N 82  
CYS H2   H  N N 83  
CYS HA   H  N N 84  
CYS HB2  H  N N 85  
CYS HB3  H  N N 86  
CYS HG   H  N N 87  
CYS HXT  H  N N 88  
DFE CAA  C  N N 89  
DFE CAI  C  N N 90  
DFE FAB  F  N N 91  
DFE FAC  F  N N 92  
DFE OAH  O  N N 93  
DFE CAG  C  N N 94  
DFE CAJ  C  N N 95  
DFE FAE  F  N N 96  
DFE FAF  F  N N 97  
DFE FAD  F  N N 98  
DFE HAA1 H  N N 99  
DFE HAA2 H  N N 100 
DFE HAA3 H  N N 101 
DFE HAG1 H  N N 102 
DFE HAG2 H  N N 103 
GLN N    N  N N 104 
GLN CA   C  N S 105 
GLN C    C  N N 106 
GLN O    O  N N 107 
GLN CB   C  N N 108 
GLN CG   C  N N 109 
GLN CD   C  N N 110 
GLN OE1  O  N N 111 
GLN NE2  N  N N 112 
GLN OXT  O  N N 113 
GLN H    H  N N 114 
GLN H2   H  N N 115 
GLN HA   H  N N 116 
GLN HB2  H  N N 117 
GLN HB3  H  N N 118 
GLN HG2  H  N N 119 
GLN HG3  H  N N 120 
GLN HE21 H  N N 121 
GLN HE22 H  N N 122 
GLN HXT  H  N N 123 
GLU N    N  N N 124 
GLU CA   C  N S 125 
GLU C    C  N N 126 
GLU O    O  N N 127 
GLU CB   C  N N 128 
GLU CG   C  N N 129 
GLU CD   C  N N 130 
GLU OE1  O  N N 131 
GLU OE2  O  N N 132 
GLU OXT  O  N N 133 
GLU H    H  N N 134 
GLU H2   H  N N 135 
GLU HA   H  N N 136 
GLU HB2  H  N N 137 
GLU HB3  H  N N 138 
GLU HG2  H  N N 139 
GLU HG3  H  N N 140 
GLU HE2  H  N N 141 
GLU HXT  H  N N 142 
GLY N    N  N N 143 
GLY CA   C  N N 144 
GLY C    C  N N 145 
GLY O    O  N N 146 
GLY OXT  O  N N 147 
GLY H    H  N N 148 
GLY H2   H  N N 149 
GLY HA2  H  N N 150 
GLY HA3  H  N N 151 
GLY HXT  H  N N 152 
HIS N    N  N N 153 
HIS CA   C  N S 154 
HIS C    C  N N 155 
HIS O    O  N N 156 
HIS CB   C  N N 157 
HIS CG   C  Y N 158 
HIS ND1  N  Y N 159 
HIS CD2  C  Y N 160 
HIS CE1  C  Y N 161 
HIS NE2  N  Y N 162 
HIS OXT  O  N N 163 
HIS H    H  N N 164 
HIS H2   H  N N 165 
HIS HA   H  N N 166 
HIS HB2  H  N N 167 
HIS HB3  H  N N 168 
HIS HD1  H  N N 169 
HIS HD2  H  N N 170 
HIS HE1  H  N N 171 
HIS HE2  H  N N 172 
HIS HXT  H  N N 173 
HOH O    O  N N 174 
HOH H1   H  N N 175 
HOH H2   H  N N 176 
ILE N    N  N N 177 
ILE CA   C  N S 178 
ILE C    C  N N 179 
ILE O    O  N N 180 
ILE CB   C  N S 181 
ILE CG1  C  N N 182 
ILE CG2  C  N N 183 
ILE CD1  C  N N 184 
ILE OXT  O  N N 185 
ILE H    H  N N 186 
ILE H2   H  N N 187 
ILE HA   H  N N 188 
ILE HB   H  N N 189 
ILE HG12 H  N N 190 
ILE HG13 H  N N 191 
ILE HG21 H  N N 192 
ILE HG22 H  N N 193 
ILE HG23 H  N N 194 
ILE HD11 H  N N 195 
ILE HD12 H  N N 196 
ILE HD13 H  N N 197 
ILE HXT  H  N N 198 
LEU N    N  N N 199 
LEU CA   C  N S 200 
LEU C    C  N N 201 
LEU O    O  N N 202 
LEU CB   C  N N 203 
LEU CG   C  N N 204 
LEU CD1  C  N N 205 
LEU CD2  C  N N 206 
LEU OXT  O  N N 207 
LEU H    H  N N 208 
LEU H2   H  N N 209 
LEU HA   H  N N 210 
LEU HB2  H  N N 211 
LEU HB3  H  N N 212 
LEU HG   H  N N 213 
LEU HD11 H  N N 214 
LEU HD12 H  N N 215 
LEU HD13 H  N N 216 
LEU HD21 H  N N 217 
LEU HD22 H  N N 218 
LEU HD23 H  N N 219 
LEU HXT  H  N N 220 
LYS N    N  N N 221 
LYS CA   C  N S 222 
LYS C    C  N N 223 
LYS O    O  N N 224 
LYS CB   C  N N 225 
LYS CG   C  N N 226 
LYS CD   C  N N 227 
LYS CE   C  N N 228 
LYS NZ   N  N N 229 
LYS OXT  O  N N 230 
LYS H    H  N N 231 
LYS H2   H  N N 232 
LYS HA   H  N N 233 
LYS HB2  H  N N 234 
LYS HB3  H  N N 235 
LYS HG2  H  N N 236 
LYS HG3  H  N N 237 
LYS HD2  H  N N 238 
LYS HD3  H  N N 239 
LYS HE2  H  N N 240 
LYS HE3  H  N N 241 
LYS HZ1  H  N N 242 
LYS HZ2  H  N N 243 
LYS HZ3  H  N N 244 
LYS HXT  H  N N 245 
MET N    N  N N 246 
MET CA   C  N S 247 
MET C    C  N N 248 
MET O    O  N N 249 
MET CB   C  N N 250 
MET CG   C  N N 251 
MET SD   S  N N 252 
MET CE   C  N N 253 
MET OXT  O  N N 254 
MET H    H  N N 255 
MET H2   H  N N 256 
MET HA   H  N N 257 
MET HB2  H  N N 258 
MET HB3  H  N N 259 
MET HG2  H  N N 260 
MET HG3  H  N N 261 
MET HE1  H  N N 262 
MET HE2  H  N N 263 
MET HE3  H  N N 264 
MET HXT  H  N N 265 
PHE N    N  N N 266 
PHE CA   C  N S 267 
PHE C    C  N N 268 
PHE O    O  N N 269 
PHE CB   C  N N 270 
PHE CG   C  Y N 271 
PHE CD1  C  Y N 272 
PHE CD2  C  Y N 273 
PHE CE1  C  Y N 274 
PHE CE2  C  Y N 275 
PHE CZ   C  Y N 276 
PHE OXT  O  N N 277 
PHE H    H  N N 278 
PHE H2   H  N N 279 
PHE HA   H  N N 280 
PHE HB2  H  N N 281 
PHE HB3  H  N N 282 
PHE HD1  H  N N 283 
PHE HD2  H  N N 284 
PHE HE1  H  N N 285 
PHE HE2  H  N N 286 
PHE HZ   H  N N 287 
PHE HXT  H  N N 288 
PRO N    N  N N 289 
PRO CA   C  N S 290 
PRO C    C  N N 291 
PRO O    O  N N 292 
PRO CB   C  N N 293 
PRO CG   C  N N 294 
PRO CD   C  N N 295 
PRO OXT  O  N N 296 
PRO H    H  N N 297 
PRO HA   H  N N 298 
PRO HB2  H  N N 299 
PRO HB3  H  N N 300 
PRO HG2  H  N N 301 
PRO HG3  H  N N 302 
PRO HD2  H  N N 303 
PRO HD3  H  N N 304 
PRO HXT  H  N N 305 
SER N    N  N N 306 
SER CA   C  N S 307 
SER C    C  N N 308 
SER O    O  N N 309 
SER CB   C  N N 310 
SER OG   O  N N 311 
SER OXT  O  N N 312 
SER H    H  N N 313 
SER H2   H  N N 314 
SER HA   H  N N 315 
SER HB2  H  N N 316 
SER HB3  H  N N 317 
SER HG   H  N N 318 
SER HXT  H  N N 319 
THR N    N  N N 320 
THR CA   C  N S 321 
THR C    C  N N 322 
THR O    O  N N 323 
THR CB   C  N R 324 
THR OG1  O  N N 325 
THR CG2  C  N N 326 
THR OXT  O  N N 327 
THR H    H  N N 328 
THR H2   H  N N 329 
THR HA   H  N N 330 
THR HB   H  N N 331 
THR HG1  H  N N 332 
THR HG21 H  N N 333 
THR HG22 H  N N 334 
THR HG23 H  N N 335 
THR HXT  H  N N 336 
TRP N    N  N N 337 
TRP CA   C  N S 338 
TRP C    C  N N 339 
TRP O    O  N N 340 
TRP CB   C  N N 341 
TRP CG   C  Y N 342 
TRP CD1  C  Y N 343 
TRP CD2  C  Y N 344 
TRP NE1  N  Y N 345 
TRP CE2  C  Y N 346 
TRP CE3  C  Y N 347 
TRP CZ2  C  Y N 348 
TRP CZ3  C  Y N 349 
TRP CH2  C  Y N 350 
TRP OXT  O  N N 351 
TRP H    H  N N 352 
TRP H2   H  N N 353 
TRP HA   H  N N 354 
TRP HB2  H  N N 355 
TRP HB3  H  N N 356 
TRP HD1  H  N N 357 
TRP HE1  H  N N 358 
TRP HE3  H  N N 359 
TRP HZ2  H  N N 360 
TRP HZ3  H  N N 361 
TRP HH2  H  N N 362 
TRP HXT  H  N N 363 
TYR N    N  N N 364 
TYR CA   C  N S 365 
TYR C    C  N N 366 
TYR O    O  N N 367 
TYR CB   C  N N 368 
TYR CG   C  Y N 369 
TYR CD1  C  Y N 370 
TYR CD2  C  Y N 371 
TYR CE1  C  Y N 372 
TYR CE2  C  Y N 373 
TYR CZ   C  Y N 374 
TYR OH   O  N N 375 
TYR OXT  O  N N 376 
TYR H    H  N N 377 
TYR H2   H  N N 378 
TYR HA   H  N N 379 
TYR HB2  H  N N 380 
TYR HB3  H  N N 381 
TYR HD1  H  N N 382 
TYR HD2  H  N N 383 
TYR HE1  H  N N 384 
TYR HE2  H  N N 385 
TYR HH   H  N N 386 
TYR HXT  H  N N 387 
VAL N    N  N N 388 
VAL CA   C  N S 389 
VAL C    C  N N 390 
VAL O    O  N N 391 
VAL CB   C  N N 392 
VAL CG1  C  N N 393 
VAL CG2  C  N N 394 
VAL OXT  O  N N 395 
VAL H    H  N N 396 
VAL H2   H  N N 397 
VAL HA   H  N N 398 
VAL HB   H  N N 399 
VAL HG11 H  N N 400 
VAL HG12 H  N N 401 
VAL HG13 H  N N 402 
VAL HG21 H  N N 403 
VAL HG22 H  N N 404 
VAL HG23 H  N N 405 
VAL HXT  H  N N 406 
# 
loop_
_chem_comp_bond.comp_id 
_chem_comp_bond.atom_id_1 
_chem_comp_bond.atom_id_2 
_chem_comp_bond.value_order 
_chem_comp_bond.pdbx_aromatic_flag 
_chem_comp_bond.pdbx_stereo_config 
_chem_comp_bond.pdbx_ordinal 
ALA N   CA   sing N N 1   
ALA N   H    sing N N 2   
ALA N   H2   sing N N 3   
ALA CA  C    sing N N 4   
ALA CA  CB   sing N N 5   
ALA CA  HA   sing N N 6   
ALA C   O    doub N N 7   
ALA C   OXT  sing N N 8   
ALA CB  HB1  sing N N 9   
ALA CB  HB2  sing N N 10  
ALA CB  HB3  sing N N 11  
ALA OXT HXT  sing N N 12  
ARG N   CA   sing N N 13  
ARG N   H    sing N N 14  
ARG N   H2   sing N N 15  
ARG CA  C    sing N N 16  
ARG CA  CB   sing N N 17  
ARG CA  HA   sing N N 18  
ARG C   O    doub N N 19  
ARG C   OXT  sing N N 20  
ARG CB  CG   sing N N 21  
ARG CB  HB2  sing N N 22  
ARG CB  HB3  sing N N 23  
ARG CG  CD   sing N N 24  
ARG CG  HG2  sing N N 25  
ARG CG  HG3  sing N N 26  
ARG CD  NE   sing N N 27  
ARG CD  HD2  sing N N 28  
ARG CD  HD3  sing N N 29  
ARG NE  CZ   sing N N 30  
ARG NE  HE   sing N N 31  
ARG CZ  NH1  sing N N 32  
ARG CZ  NH2  doub N N 33  
ARG NH1 HH11 sing N N 34  
ARG NH1 HH12 sing N N 35  
ARG NH2 HH21 sing N N 36  
ARG NH2 HH22 sing N N 37  
ARG OXT HXT  sing N N 38  
ASN N   CA   sing N N 39  
ASN N   H    sing N N 40  
ASN N   H2   sing N N 41  
ASN CA  C    sing N N 42  
ASN CA  CB   sing N N 43  
ASN CA  HA   sing N N 44  
ASN C   O    doub N N 45  
ASN C   OXT  sing N N 46  
ASN CB  CG   sing N N 47  
ASN CB  HB2  sing N N 48  
ASN CB  HB3  sing N N 49  
ASN CG  OD1  doub N N 50  
ASN CG  ND2  sing N N 51  
ASN ND2 HD21 sing N N 52  
ASN ND2 HD22 sing N N 53  
ASN OXT HXT  sing N N 54  
ASP N   CA   sing N N 55  
ASP N   H    sing N N 56  
ASP N   H2   sing N N 57  
ASP CA  C    sing N N 58  
ASP CA  CB   sing N N 59  
ASP CA  HA   sing N N 60  
ASP C   O    doub N N 61  
ASP C   OXT  sing N N 62  
ASP CB  CG   sing N N 63  
ASP CB  HB2  sing N N 64  
ASP CB  HB3  sing N N 65  
ASP CG  OD1  doub N N 66  
ASP CG  OD2  sing N N 67  
ASP OD2 HD2  sing N N 68  
ASP OXT HXT  sing N N 69  
CYS N   CA   sing N N 70  
CYS N   H    sing N N 71  
CYS N   H2   sing N N 72  
CYS CA  C    sing N N 73  
CYS CA  CB   sing N N 74  
CYS CA  HA   sing N N 75  
CYS C   O    doub N N 76  
CYS C   OXT  sing N N 77  
CYS CB  SG   sing N N 78  
CYS CB  HB2  sing N N 79  
CYS CB  HB3  sing N N 80  
CYS SG  HG   sing N N 81  
CYS OXT HXT  sing N N 82  
DFE CAA CAI  sing N N 83  
DFE CAA HAA1 sing N N 84  
DFE CAA HAA2 sing N N 85  
DFE CAA HAA3 sing N N 86  
DFE CAI FAB  sing N N 87  
DFE CAI FAC  sing N N 88  
DFE CAI OAH  sing N N 89  
DFE OAH CAG  sing N N 90  
DFE CAG CAJ  sing N N 91  
DFE CAG HAG1 sing N N 92  
DFE CAG HAG2 sing N N 93  
DFE CAJ FAE  sing N N 94  
DFE CAJ FAF  sing N N 95  
DFE CAJ FAD  sing N N 96  
GLN N   CA   sing N N 97  
GLN N   H    sing N N 98  
GLN N   H2   sing N N 99  
GLN CA  C    sing N N 100 
GLN CA  CB   sing N N 101 
GLN CA  HA   sing N N 102 
GLN C   O    doub N N 103 
GLN C   OXT  sing N N 104 
GLN CB  CG   sing N N 105 
GLN CB  HB2  sing N N 106 
GLN CB  HB3  sing N N 107 
GLN CG  CD   sing N N 108 
GLN CG  HG2  sing N N 109 
GLN CG  HG3  sing N N 110 
GLN CD  OE1  doub N N 111 
GLN CD  NE2  sing N N 112 
GLN NE2 HE21 sing N N 113 
GLN NE2 HE22 sing N N 114 
GLN OXT HXT  sing N N 115 
GLU N   CA   sing N N 116 
GLU N   H    sing N N 117 
GLU N   H2   sing N N 118 
GLU CA  C    sing N N 119 
GLU CA  CB   sing N N 120 
GLU CA  HA   sing N N 121 
GLU C   O    doub N N 122 
GLU C   OXT  sing N N 123 
GLU CB  CG   sing N N 124 
GLU CB  HB2  sing N N 125 
GLU CB  HB3  sing N N 126 
GLU CG  CD   sing N N 127 
GLU CG  HG2  sing N N 128 
GLU CG  HG3  sing N N 129 
GLU CD  OE1  doub N N 130 
GLU CD  OE2  sing N N 131 
GLU OE2 HE2  sing N N 132 
GLU OXT HXT  sing N N 133 
GLY N   CA   sing N N 134 
GLY N   H    sing N N 135 
GLY N   H2   sing N N 136 
GLY CA  C    sing N N 137 
GLY CA  HA2  sing N N 138 
GLY CA  HA3  sing N N 139 
GLY C   O    doub N N 140 
GLY C   OXT  sing N N 141 
GLY OXT HXT  sing N N 142 
HIS N   CA   sing N N 143 
HIS N   H    sing N N 144 
HIS N   H2   sing N N 145 
HIS CA  C    sing N N 146 
HIS CA  CB   sing N N 147 
HIS CA  HA   sing N N 148 
HIS C   O    doub N N 149 
HIS C   OXT  sing N N 150 
HIS CB  CG   sing N N 151 
HIS CB  HB2  sing N N 152 
HIS CB  HB3  sing N N 153 
HIS CG  ND1  sing Y N 154 
HIS CG  CD2  doub Y N 155 
HIS ND1 CE1  doub Y N 156 
HIS ND1 HD1  sing N N 157 
HIS CD2 NE2  sing Y N 158 
HIS CD2 HD2  sing N N 159 
HIS CE1 NE2  sing Y N 160 
HIS CE1 HE1  sing N N 161 
HIS NE2 HE2  sing N N 162 
HIS OXT HXT  sing N N 163 
HOH O   H1   sing N N 164 
HOH O   H2   sing N N 165 
ILE N   CA   sing N N 166 
ILE N   H    sing N N 167 
ILE N   H2   sing N N 168 
ILE CA  C    sing N N 169 
ILE CA  CB   sing N N 170 
ILE CA  HA   sing N N 171 
ILE C   O    doub N N 172 
ILE C   OXT  sing N N 173 
ILE CB  CG1  sing N N 174 
ILE CB  CG2  sing N N 175 
ILE CB  HB   sing N N 176 
ILE CG1 CD1  sing N N 177 
ILE CG1 HG12 sing N N 178 
ILE CG1 HG13 sing N N 179 
ILE CG2 HG21 sing N N 180 
ILE CG2 HG22 sing N N 181 
ILE CG2 HG23 sing N N 182 
ILE CD1 HD11 sing N N 183 
ILE CD1 HD12 sing N N 184 
ILE CD1 HD13 sing N N 185 
ILE OXT HXT  sing N N 186 
LEU N   CA   sing N N 187 
LEU N   H    sing N N 188 
LEU N   H2   sing N N 189 
LEU CA  C    sing N N 190 
LEU CA  CB   sing N N 191 
LEU CA  HA   sing N N 192 
LEU C   O    doub N N 193 
LEU C   OXT  sing N N 194 
LEU CB  CG   sing N N 195 
LEU CB  HB2  sing N N 196 
LEU CB  HB3  sing N N 197 
LEU CG  CD1  sing N N 198 
LEU CG  CD2  sing N N 199 
LEU CG  HG   sing N N 200 
LEU CD1 HD11 sing N N 201 
LEU CD1 HD12 sing N N 202 
LEU CD1 HD13 sing N N 203 
LEU CD2 HD21 sing N N 204 
LEU CD2 HD22 sing N N 205 
LEU CD2 HD23 sing N N 206 
LEU OXT HXT  sing N N 207 
LYS N   CA   sing N N 208 
LYS N   H    sing N N 209 
LYS N   H2   sing N N 210 
LYS CA  C    sing N N 211 
LYS CA  CB   sing N N 212 
LYS CA  HA   sing N N 213 
LYS C   O    doub N N 214 
LYS C   OXT  sing N N 215 
LYS CB  CG   sing N N 216 
LYS CB  HB2  sing N N 217 
LYS CB  HB3  sing N N 218 
LYS CG  CD   sing N N 219 
LYS CG  HG2  sing N N 220 
LYS CG  HG3  sing N N 221 
LYS CD  CE   sing N N 222 
LYS CD  HD2  sing N N 223 
LYS CD  HD3  sing N N 224 
LYS CE  NZ   sing N N 225 
LYS CE  HE2  sing N N 226 
LYS CE  HE3  sing N N 227 
LYS NZ  HZ1  sing N N 228 
LYS NZ  HZ2  sing N N 229 
LYS NZ  HZ3  sing N N 230 
LYS OXT HXT  sing N N 231 
MET N   CA   sing N N 232 
MET N   H    sing N N 233 
MET N   H2   sing N N 234 
MET CA  C    sing N N 235 
MET CA  CB   sing N N 236 
MET CA  HA   sing N N 237 
MET C   O    doub N N 238 
MET C   OXT  sing N N 239 
MET CB  CG   sing N N 240 
MET CB  HB2  sing N N 241 
MET CB  HB3  sing N N 242 
MET CG  SD   sing N N 243 
MET CG  HG2  sing N N 244 
MET CG  HG3  sing N N 245 
MET SD  CE   sing N N 246 
MET CE  HE1  sing N N 247 
MET CE  HE2  sing N N 248 
MET CE  HE3  sing N N 249 
MET OXT HXT  sing N N 250 
PHE N   CA   sing N N 251 
PHE N   H    sing N N 252 
PHE N   H2   sing N N 253 
PHE CA  C    sing N N 254 
PHE CA  CB   sing N N 255 
PHE CA  HA   sing N N 256 
PHE C   O    doub N N 257 
PHE C   OXT  sing N N 258 
PHE CB  CG   sing N N 259 
PHE CB  HB2  sing N N 260 
PHE CB  HB3  sing N N 261 
PHE CG  CD1  doub Y N 262 
PHE CG  CD2  sing Y N 263 
PHE CD1 CE1  sing Y N 264 
PHE CD1 HD1  sing N N 265 
PHE CD2 CE2  doub Y N 266 
PHE CD2 HD2  sing N N 267 
PHE CE1 CZ   doub Y N 268 
PHE CE1 HE1  sing N N 269 
PHE CE2 CZ   sing Y N 270 
PHE CE2 HE2  sing N N 271 
PHE CZ  HZ   sing N N 272 
PHE OXT HXT  sing N N 273 
PRO N   CA   sing N N 274 
PRO N   CD   sing N N 275 
PRO N   H    sing N N 276 
PRO CA  C    sing N N 277 
PRO CA  CB   sing N N 278 
PRO CA  HA   sing N N 279 
PRO C   O    doub N N 280 
PRO C   OXT  sing N N 281 
PRO CB  CG   sing N N 282 
PRO CB  HB2  sing N N 283 
PRO CB  HB3  sing N N 284 
PRO CG  CD   sing N N 285 
PRO CG  HG2  sing N N 286 
PRO CG  HG3  sing N N 287 
PRO CD  HD2  sing N N 288 
PRO CD  HD3  sing N N 289 
PRO OXT HXT  sing N N 290 
SER N   CA   sing N N 291 
SER N   H    sing N N 292 
SER N   H2   sing N N 293 
SER CA  C    sing N N 294 
SER CA  CB   sing N N 295 
SER CA  HA   sing N N 296 
SER C   O    doub N N 297 
SER C   OXT  sing N N 298 
SER CB  OG   sing N N 299 
SER CB  HB2  sing N N 300 
SER CB  HB3  sing N N 301 
SER OG  HG   sing N N 302 
SER OXT HXT  sing N N 303 
THR N   CA   sing N N 304 
THR N   H    sing N N 305 
THR N   H2   sing N N 306 
THR CA  C    sing N N 307 
THR CA  CB   sing N N 308 
THR CA  HA   sing N N 309 
THR C   O    doub N N 310 
THR C   OXT  sing N N 311 
THR CB  OG1  sing N N 312 
THR CB  CG2  sing N N 313 
THR CB  HB   sing N N 314 
THR OG1 HG1  sing N N 315 
THR CG2 HG21 sing N N 316 
THR CG2 HG22 sing N N 317 
THR CG2 HG23 sing N N 318 
THR OXT HXT  sing N N 319 
TRP N   CA   sing N N 320 
TRP N   H    sing N N 321 
TRP N   H2   sing N N 322 
TRP CA  C    sing N N 323 
TRP CA  CB   sing N N 324 
TRP CA  HA   sing N N 325 
TRP C   O    doub N N 326 
TRP C   OXT  sing N N 327 
TRP CB  CG   sing N N 328 
TRP CB  HB2  sing N N 329 
TRP CB  HB3  sing N N 330 
TRP CG  CD1  doub Y N 331 
TRP CG  CD2  sing Y N 332 
TRP CD1 NE1  sing Y N 333 
TRP CD1 HD1  sing N N 334 
TRP CD2 CE2  doub Y N 335 
TRP CD2 CE3  sing Y N 336 
TRP NE1 CE2  sing Y N 337 
TRP NE1 HE1  sing N N 338 
TRP CE2 CZ2  sing Y N 339 
TRP CE3 CZ3  doub Y N 340 
TRP CE3 HE3  sing N N 341 
TRP CZ2 CH2  doub Y N 342 
TRP CZ2 HZ2  sing N N 343 
TRP CZ3 CH2  sing Y N 344 
TRP CZ3 HZ3  sing N N 345 
TRP CH2 HH2  sing N N 346 
TRP OXT HXT  sing N N 347 
TYR N   CA   sing N N 348 
TYR N   H    sing N N 349 
TYR N   H2   sing N N 350 
TYR CA  C    sing N N 351 
TYR CA  CB   sing N N 352 
TYR CA  HA   sing N N 353 
TYR C   O    doub N N 354 
TYR C   OXT  sing N N 355 
TYR CB  CG   sing N N 356 
TYR CB  HB2  sing N N 357 
TYR CB  HB3  sing N N 358 
TYR CG  CD1  doub Y N 359 
TYR CG  CD2  sing Y N 360 
TYR CD1 CE1  sing Y N 361 
TYR CD1 HD1  sing N N 362 
TYR CD2 CE2  doub Y N 363 
TYR CD2 HD2  sing N N 364 
TYR CE1 CZ   doub Y N 365 
TYR CE1 HE1  sing N N 366 
TYR CE2 CZ   sing Y N 367 
TYR CE2 HE2  sing N N 368 
TYR CZ  OH   sing N N 369 
TYR OH  HH   sing N N 370 
TYR OXT HXT  sing N N 371 
VAL N   CA   sing N N 372 
VAL N   H    sing N N 373 
VAL N   H2   sing N N 374 
VAL CA  C    sing N N 375 
VAL CA  CB   sing N N 376 
VAL CA  HA   sing N N 377 
VAL C   O    doub N N 378 
VAL C   OXT  sing N N 379 
VAL CB  CG1  sing N N 380 
VAL CB  CG2  sing N N 381 
VAL CB  HB   sing N N 382 
VAL CG1 HG11 sing N N 383 
VAL CG1 HG12 sing N N 384 
VAL CG1 HG13 sing N N 385 
VAL CG2 HG21 sing N N 386 
VAL CG2 HG22 sing N N 387 
VAL CG2 HG23 sing N N 388 
VAL OXT HXT  sing N N 389 
# 
_pdbx_initial_refinement_model.id               1 
_pdbx_initial_refinement_model.entity_id_list   ? 
_pdbx_initial_refinement_model.type             'experimental model' 
_pdbx_initial_refinement_model.source_name      PDB 
_pdbx_initial_refinement_model.accession_code   1XZ1 
_pdbx_initial_refinement_model.details          ? 
# 
_atom_sites.entry_id                    2GYD 
_atom_sites.fract_transf_matrix[1][1]   -0.00382741 
_atom_sites.fract_transf_matrix[1][2]   -0.00085502 
_atom_sites.fract_transf_matrix[1][3]   -0.00385329 
_atom_sites.fract_transf_matrix[2][1]   0.00394613 
_atom_sites.fract_transf_matrix[2][2]   -0.00071494 
_atom_sites.fract_transf_matrix[2][3]   -0.00376098 
_atom_sites.fract_transf_matrix[3][1]   0.00008382 
_atom_sites.fract_transf_matrix[3][2]   -0.00538385 
_atom_sites.fract_transf_matrix[3][3]   0.00111138 
_atom_sites.fract_transf_vector[1]      0.158221 
_atom_sites.fract_transf_vector[2]      0.054857 
_atom_sites.fract_transf_vector[3]      0.218520 
# 
loop_
_atom_type.symbol 
C  
CD 
F  
N  
O  
S  
# 
loop_
_atom_site.group_PDB 
_atom_site.id 
_atom_site.type_symbol 
_atom_site.label_atom_id 
_atom_site.label_alt_id 
_atom_site.label_comp_id 
_atom_site.label_asym_id 
_atom_site.label_entity_id 
_atom_site.label_seq_id 
_atom_site.pdbx_PDB_ins_code 
_atom_site.Cartn_x 
_atom_site.Cartn_y 
_atom_site.Cartn_z 
_atom_site.occupancy 
_atom_site.B_iso_or_equiv 
_atom_site.pdbx_formal_charge 
_atom_site.auth_seq_id 
_atom_site.auth_comp_id 
_atom_site.auth_asym_id 
_atom_site.auth_atom_id 
_atom_site.pdbx_PDB_model_num 
ATOM   1    N  N   . SER A 1 1   ? -10.815 11.623  -26.064 1.00 29.48  ? 2    SER A N   1 
ATOM   2    C  CA  . SER A 1 1   ? -10.488 12.885  -25.330 1.00 28.46  ? 2    SER A CA  1 
ATOM   3    C  C   . SER A 1 1   ? -9.606  13.807  -26.164 1.00 28.37  ? 2    SER A C   1 
ATOM   4    O  O   . SER A 1 1   ? -8.624  13.357  -26.761 1.00 29.25  ? 2    SER A O   1 
ATOM   5    C  CB  . SER A 1 1   ? -9.787  12.577  -24.003 1.00 28.89  ? 2    SER A CB  1 
ATOM   6    O  OG  . SER A 1 1   ? -9.183  13.746  -23.476 1.00 28.62  ? 2    SER A OG  1 
ATOM   7    N  N   . GLN A 1 2   ? -9.944  15.099  -26.162 1.00 26.72  ? 3    GLN A N   1 
ATOM   8    C  CA  . GLN A 1 2   ? -9.192  16.142  -26.868 1.00 25.40  ? 3    GLN A CA  1 
ATOM   9    C  C   . GLN A 1 2   ? -7.714  16.237  -26.452 1.00 24.20  ? 3    GLN A C   1 
ATOM   10   O  O   . GLN A 1 2   ? -6.890  16.769  -27.195 1.00 24.45  ? 3    GLN A O   1 
ATOM   11   C  CB  . GLN A 1 2   ? -9.861  17.507  -26.649 1.00 26.02  ? 3    GLN A CB  1 
ATOM   12   C  CG  . GLN A 1 2   ? -9.762  18.026  -25.201 1.00 26.95  ? 3    GLN A CG  1 
ATOM   13   C  CD  . GLN A 1 2   ? -10.576 19.287  -24.932 1.00 28.98  ? 3    GLN A CD  1 
ATOM   14   O  OE1 . GLN A 1 2   ? -10.807 20.097  -25.846 1.00 30.20  ? 3    GLN A OE1 1 
ATOM   15   N  NE2 . GLN A 1 2   ? -11.019 19.462  -23.667 1.00 23.24  ? 3    GLN A NE2 1 
ATOM   16   N  N   . ILE A 1 3   ? -7.392  15.773  -25.252 1.00 21.57  ? 4    ILE A N   1 
ATOM   17   C  CA  . ILE A 1 3   ? -6.028  15.903  -24.747 1.00 20.02  ? 4    ILE A CA  1 
ATOM   18   C  C   . ILE A 1 3   ? -5.213  14.601  -24.870 1.00 19.55  ? 4    ILE A C   1 
ATOM   19   O  O   . ILE A 1 3   ? -3.983  14.604  -24.717 1.00 19.13  ? 4    ILE A O   1 
ATOM   20   C  CB  . ILE A 1 3   ? -5.998  16.369  -23.266 1.00 20.36  ? 4    ILE A CB  1 
ATOM   21   C  CG1 . ILE A 1 3   ? -6.527  15.269  -22.331 1.00 18.76  ? 4    ILE A CG1 1 
ATOM   22   C  CG2 . ILE A 1 3   ? -6.717  17.707  -23.101 1.00 19.42  ? 4    ILE A CG2 1 
ATOM   23   C  CD1 . ILE A 1 3   ? -6.387  15.613  -20.859 1.00 20.01  ? 4    ILE A CD1 1 
ATOM   24   N  N   . ARG A 1 4   ? -5.903  13.492  -25.117 1.00 18.87  ? 5    ARG A N   1 
ATOM   25   C  CA  . ARG A 1 4   ? -5.250  12.179  -25.058 1.00 18.80  ? 5    ARG A CA  1 
ATOM   26   C  C   . ARG A 1 4   ? -4.178  12.024  -26.136 1.00 18.83  ? 5    ARG A C   1 
ATOM   27   O  O   . ARG A 1 4   ? -4.427  12.301  -27.311 1.00 19.72  ? 5    ARG A O   1 
ATOM   28   C  CB  . ARG A 1 4   ? -6.300  11.080  -25.184 1.00 18.98  ? 5    ARG A CB  1 
ATOM   29   C  CG  . ARG A 1 4   ? -5.783  9.712   -24.799 1.00 19.28  ? 5    ARG A CG  1 
ATOM   30   C  CD  . ARG A 1 4   ? -6.878  8.672   -24.962 1.00 22.00  ? 5    ARG A CD  1 
ATOM   31   N  NE  . ARG A 1 4   ? -6.445  7.359   -24.493 1.00 21.68  ? 5    ARG A NE  1 
ATOM   32   C  CZ  . ARG A 1 4   ? -7.169  6.579   -23.700 1.00 19.81  ? 5    ARG A CZ  1 
ATOM   33   N  NH1 . ARG A 1 4   ? -8.376  6.972   -23.311 1.00 19.20  ? 5    ARG A NH1 1 
ATOM   34   N  NH2 . ARG A 1 4   ? -6.700  5.398   -23.330 1.00 19.83  ? 5    ARG A NH2 1 
ATOM   35   N  N   . GLN A 1 5   ? -2.981  11.589  -25.732 1.00 17.84  ? 6    GLN A N   1 
ATOM   36   C  CA  . GLN A 1 5   ? -1.864  11.432  -26.673 1.00 18.19  ? 6    GLN A CA  1 
ATOM   37   C  C   . GLN A 1 5   ? -0.907  10.395  -26.134 1.00 17.36  ? 6    GLN A C   1 
ATOM   38   O  O   . GLN A 1 5   ? -0.407  10.518  -25.013 1.00 16.28  ? 6    GLN A O   1 
ATOM   39   C  CB  . GLN A 1 5   ? -1.159  12.781  -26.890 1.00 17.66  ? 6    GLN A CB  1 
ATOM   40   C  CG  . GLN A 1 5   ? -0.033  12.782  -27.958 1.00 18.96  ? 6    GLN A CG  1 
ATOM   41   C  CD  . GLN A 1 5   ? 0.471   14.191  -28.295 1.00 19.94  ? 6    GLN A CD  1 
ATOM   42   O  OE1 . GLN A 1 5   ? 0.988   14.429  -29.391 1.00 25.25  ? 6    GLN A OE1 1 
ATOM   43   N  NE2 . GLN A 1 5   ? 0.309   15.125  -27.371 1.00 17.06  ? 6    GLN A NE2 1 
ATOM   44   N  N   . ASN A 1 6   ? -0.675  9.342   -26.924 1.00 16.80  ? 7    ASN A N   1 
ATOM   45   C  CA  . ASN A 1 6   ? 0.246   8.266   -26.523 1.00 17.13  ? 7    ASN A CA  1 
ATOM   46   C  C   . ASN A 1 6   ? -0.195  7.554   -25.252 1.00 17.29  ? 7    ASN A C   1 
ATOM   47   O  O   . ASN A 1 6   ? 0.636   7.054   -24.497 1.00 16.94  ? 7    ASN A O   1 
ATOM   48   C  CB  . ASN A 1 6   ? 1.681   8.797   -26.357 1.00 17.33  ? 7    ASN A CB  1 
ATOM   49   C  CG  . ASN A 1 6   ? 2.725   7.676   -26.320 1.00 17.65  ? 7    ASN A CG  1 
ATOM   50   O  OD1 . ASN A 1 6   ? 3.639   7.679   -25.483 1.00 20.98  ? 7    ASN A OD1 1 
ATOM   51   N  ND2 . ASN A 1 6   ? 2.580   6.712   -27.215 1.00 17.10  ? 7    ASN A ND2 1 
ATOM   52   N  N   . TYR A 1 7   ? -1.501  7.504   -25.010 1.00 17.37  ? 8    TYR A N   1 
ATOM   53   C  CA  . TYR A 1 7   ? -2.014  6.860   -23.790 1.00 17.44  ? 8    TYR A CA  1 
ATOM   54   C  C   . TYR A 1 7   ? -2.887  5.672   -24.179 1.00 17.79  ? 8    TYR A C   1 
ATOM   55   O  O   . TYR A 1 7   ? -4.038  5.833   -24.622 1.00 18.77  ? 8    TYR A O   1 
ATOM   56   C  CB  . TYR A 1 7   ? -2.814  7.850   -22.938 1.00 17.79  ? 8    TYR A CB  1 
ATOM   57   C  CG  . TYR A 1 7   ? -3.085  7.399   -21.499 1.00 18.04  ? 8    TYR A CG  1 
ATOM   58   C  CD1 . TYR A 1 7   ? -2.029  7.098   -20.619 1.00 18.01  ? 8    TYR A CD1 1 
ATOM   59   C  CD2 . TYR A 1 7   ? -4.391  7.336   -21.004 1.00 19.16  ? 8    TYR A CD2 1 
ATOM   60   C  CE1 . TYR A 1 7   ? -2.272  6.715   -19.298 1.00 18.91  ? 8    TYR A CE1 1 
ATOM   61   C  CE2 . TYR A 1 7   ? -4.646  6.951   -19.672 1.00 17.50  ? 8    TYR A CE2 1 
ATOM   62   C  CZ  . TYR A 1 7   ? -3.575  6.642   -18.826 1.00 19.01  ? 8    TYR A CZ  1 
ATOM   63   O  OH  . TYR A 1 7   ? -3.815  6.259   -17.514 1.00 19.67  ? 8    TYR A OH  1 
ATOM   64   N  N   . SER A 1 8   ? -2.336  4.478   -24.028 1.00 17.80  ? 9    SER A N   1 
ATOM   65   C  CA  . SER A 1 8   ? -3.013  3.280   -24.515 1.00 18.50  ? 9    SER A CA  1 
ATOM   66   C  C   . SER A 1 8   ? -4.229  2.911   -23.663 1.00 18.61  ? 9    SER A C   1 
ATOM   67   O  O   . SER A 1 8   ? -4.311  3.266   -22.474 1.00 17.68  ? 9    SER A O   1 
ATOM   68   C  CB  . SER A 1 8   ? -2.035  2.106   -24.598 1.00 18.30  ? 9    SER A CB  1 
ATOM   69   O  OG  . SER A 1 8   ? -1.618  1.702   -23.306 1.00 19.26  ? 9    SER A OG  1 
ATOM   70   N  N   . THR A 1 9   ? -5.177  2.200   -24.277 1.00 18.57  ? 10   THR A N   1 
ATOM   71   C  CA  . THR A 1 9   ? -6.332  1.673   -23.536 1.00 19.08  ? 10   THR A CA  1 
ATOM   72   C  C   . THR A 1 9   ? -5.877  0.652   -22.493 1.00 18.72  ? 10   THR A C   1 
ATOM   73   O  O   . THR A 1 9   ? -6.494  0.550   -21.421 1.00 17.98  ? 10   THR A O   1 
ATOM   74   C  CB  . THR A 1 9   ? -7.374  1.027   -24.471 1.00 19.72  ? 10   THR A CB  1 
ATOM   75   O  OG1 . THR A 1 9   ? -6.728  0.027   -25.264 1.00 22.06  ? 10   THR A OG1 1 
ATOM   76   C  CG2 . THR A 1 9   ? -7.982  2.080   -25.396 1.00 21.29  ? 10   THR A CG2 1 
ATOM   77   N  N   . GLU A 1 10  ? -4.792  -0.079  -22.784 1.00 18.96  ? 11   GLU A N   1 
ATOM   78   C  CA  . GLU A 1 10  ? -4.265  -1.085  -21.870 1.00 18.73  ? 11   GLU A CA  1 
ATOM   79   C  C   . GLU A 1 10  ? -3.760  -0.444  -20.574 1.00 18.18  ? 11   GLU A C   1 
ATOM   80   O  O   . GLU A 1 10  ? -4.050  -0.934  -19.481 1.00 17.92  ? 11   GLU A O   1 
ATOM   81   C  CB  . GLU A 1 10  ? -3.133  -1.893  -22.521 1.00 19.67  ? 11   GLU A CB  1 
ATOM   82   C  CG  . GLU A 1 10  ? -3.611  -2.833  -23.629 1.00 21.66  ? 11   GLU A CG  1 
ATOM   83   C  CD  . GLU A 1 10  ? -3.717  -2.180  -25.003 1.00 26.25  ? 11   GLU A CD  1 
ATOM   84   O  OE1 . GLU A 1 10  ? -4.030  -2.933  -25.950 1.00 29.27  ? 11   GLU A OE1 1 
ATOM   85   O  OE2 . GLU A 1 10  ? -3.493  -0.943  -25.160 1.00 24.32  ? 11   GLU A OE2 1 
ATOM   86   N  N   . VAL A 1 11  ? -3.017  0.652   -20.709 1.00 17.67  ? 12   VAL A N   1 
ATOM   87   C  CA  . VAL A 1 11  ? -2.526  1.384   -19.552 1.00 17.05  ? 12   VAL A CA  1 
ATOM   88   C  C   . VAL A 1 11  ? -3.692  2.019   -18.792 1.00 16.84  ? 12   VAL A C   1 
ATOM   89   O  O   . VAL A 1 11  ? -3.755  1.915   -17.572 1.00 16.35  ? 12   VAL A O   1 
ATOM   90   C  CB  . VAL A 1 11  ? -1.448  2.436   -19.940 1.00 17.33  ? 12   VAL A CB  1 
ATOM   91   C  CG1 . VAL A 1 11  ? -1.227  3.433   -18.804 1.00 18.32  ? 12   VAL A CG1 1 
ATOM   92   C  CG2 . VAL A 1 11  ? -0.118  1.703   -20.306 1.00 16.82  ? 12   VAL A CG2 1 
ATOM   93   N  N   . GLU A 1 12  ? -4.612  2.656   -19.521 1.00 16.10  ? 13   GLU A N   1 
ATOM   94   C  CA  . GLU A 1 12  ? -5.797  3.250   -18.890 1.00 16.43  ? 13   GLU A CA  1 
ATOM   95   C  C   . GLU A 1 12  ? -6.488  2.216   -17.997 1.00 16.24  ? 13   GLU A C   1 
ATOM   96   O  O   . GLU A 1 12  ? -6.811  2.495   -16.833 1.00 15.32  ? 13   GLU A O   1 
ATOM   97   C  CB  . GLU A 1 12  ? -6.776  3.752   -19.955 1.00 16.22  ? 13   GLU A CB  1 
ATOM   98   C  CG  . GLU A 1 12  ? -8.035  4.435   -19.386 1.00 17.34  ? 13   GLU A CG  1 
ATOM   99   C  CD  . GLU A 1 12  ? -8.984  4.892   -20.493 1.00 19.35  ? 13   GLU A CD  1 
ATOM   100  O  OE1 . GLU A 1 12  ? -9.962  5.607   -20.177 1.00 19.38  ? 13   GLU A OE1 1 
ATOM   101  O  OE2 . GLU A 1 12  ? -8.762  4.522   -21.669 1.00 22.60  ? 13   GLU A OE2 1 
ATOM   102  N  N   . ALA A 1 13  ? -6.735  1.025   -18.540 1.00 16.14  ? 14   ALA A N   1 
ATOM   103  C  CA  . ALA A 1 13  ? -7.402  -0.023  -17.754 1.00 16.42  ? 14   ALA A CA  1 
ATOM   104  C  C   . ALA A 1 13  ? -6.558  -0.501  -16.561 1.00 16.67  ? 14   ALA A C   1 
ATOM   105  O  O   . ALA A 1 13  ? -7.101  -0.737  -15.477 1.00 17.22  ? 14   ALA A O   1 
ATOM   106  C  CB  . ALA A 1 13  ? -7.791  -1.212  -18.653 1.00 15.75  ? 14   ALA A CB  1 
ATOM   107  N  N   . ALA A 1 14  ? -5.251  -0.654  -16.769 1.00 16.17  ? 15   ALA A N   1 
ATOM   108  C  CA  . ALA A 1 14  ? -4.353  -1.091  -15.695 1.00 16.02  ? 15   ALA A CA  1 
ATOM   109  C  C   . ALA A 1 14  ? -4.280  -0.054  -14.575 1.00 15.93  ? 15   ALA A C   1 
ATOM   110  O  O   . ALA A 1 14  ? -4.140  -0.419  -13.396 1.00 15.63  ? 15   ALA A O   1 
ATOM   111  C  CB  . ALA A 1 14  ? -2.955  -1.374  -16.245 1.00 16.35  ? 15   ALA A CB  1 
ATOM   112  N  N   . VAL A 1 15  ? -4.334  1.232   -14.944 1.00 15.28  ? 16   VAL A N   1 
ATOM   113  C  CA  . VAL A 1 15  ? -4.337  2.317   -13.959 1.00 15.69  ? 16   VAL A CA  1 
ATOM   114  C  C   . VAL A 1 15  ? -5.618  2.200   -13.113 1.00 15.38  ? 16   VAL A C   1 
ATOM   115  O  O   . VAL A 1 15  ? -5.551  2.268   -11.879 1.00 15.05  ? 16   VAL A O   1 
ATOM   116  C  CB  . VAL A 1 15  ? -4.186  3.712   -14.606 1.00 16.02  ? 16   VAL A CB  1 
ATOM   117  C  CG1 . VAL A 1 15  ? -4.505  4.832   -13.604 1.00 15.85  ? 16   VAL A CG1 1 
ATOM   118  C  CG2 . VAL A 1 15  ? -2.735  3.913   -15.137 1.00 16.30  ? 16   VAL A CG2 1 
ATOM   119  N  N   . ASN A 1 16  ? -6.763  1.955   -13.760 1.00 15.26  ? 17   ASN A N   1 
ATOM   120  C  CA  . ASN A 1 16  ? -8.001  1.742   -12.995 1.00 15.52  ? 17   ASN A CA  1 
ATOM   121  C  C   . ASN A 1 16  ? -7.889  0.550   -12.031 1.00 15.41  ? 17   ASN A C   1 
ATOM   122  O  O   . ASN A 1 16  ? -8.336  0.607   -10.886 1.00 15.54  ? 17   ASN A O   1 
ATOM   123  C  CB  . ASN A 1 16  ? -9.228  1.637   -13.904 1.00 15.62  ? 17   ASN A CB  1 
ATOM   124  C  CG  . ASN A 1 16  ? -9.656  2.977   -14.430 1.00 17.43  ? 17   ASN A CG  1 
ATOM   125  O  OD1 . ASN A 1 16  ? -9.520  4.000   -13.742 1.00 16.18  ? 17   ASN A OD1 1 
ATOM   126  N  ND2 . ASN A 1 16  ? -10.190 2.995   -15.645 1.00 16.32  ? 17   ASN A ND2 1 
ATOM   127  N  N   . ARG A 1 17  ? -7.260  -0.526  -12.482 1.00 16.11  ? 18   ARG A N   1 
ATOM   128  C  CA  . ARG A 1 17  ? -7.086  -1.680  -11.608 1.00 16.60  ? 18   ARG A CA  1 
ATOM   129  C  C   . ARG A 1 17  ? -6.192  -1.332  -10.409 1.00 16.22  ? 18   ARG A C   1 
ATOM   130  O  O   . ARG A 1 17  ? -6.477  -1.724  -9.263  1.00 16.18  ? 18   ARG A O   1 
ATOM   131  C  CB  . ARG A 1 17  ? -6.555  -2.891  -12.391 1.00 17.00  ? 18   ARG A CB  1 
ATOM   132  C  CG  . ARG A 1 17  ? -7.638  -3.514  -13.286 1.00 21.06  ? 18   ARG A CG  1 
ATOM   133  C  CD  . ARG A 1 17  ? -7.246  -4.871  -13.877 1.00 24.69  ? 18   ARG A CD  1 
ATOM   134  N  NE  . ARG A 1 17  ? -6.079  -4.761  -14.755 1.00 27.52  ? 18   ARG A NE  1 
ATOM   135  C  CZ  . ARG A 1 17  ? -6.133  -4.459  -16.050 1.00 27.48  ? 18   ARG A CZ  1 
ATOM   136  N  NH1 . ARG A 1 17  ? -7.304  -4.241  -16.648 1.00 29.85  ? 18   ARG A NH1 1 
ATOM   137  N  NH2 . ARG A 1 17  ? -5.015  -4.376  -16.740 1.00 29.18  ? 18   ARG A NH2 1 
ATOM   138  N  N   . LEU A 1 18  ? -5.138  -0.568  -10.674 1.00 16.08  ? 19   LEU A N   1 
ATOM   139  C  CA  . LEU A 1 18  ? -4.183  -0.202  -9.635  1.00 15.61  ? 19   LEU A CA  1 
ATOM   140  C  C   . LEU A 1 18  ? -4.845  0.707   -8.595  1.00 15.10  ? 19   LEU A C   1 
ATOM   141  O  O   . LEU A 1 18  ? -4.554  0.597   -7.399  1.00 15.79  ? 19   LEU A O   1 
ATOM   142  C  CB  . LEU A 1 18  ? -2.950  0.467   -10.239 1.00 15.72  ? 19   LEU A CB  1 
ATOM   143  C  CG  . LEU A 1 18  ? -1.724  0.616   -9.306  1.00 16.68  ? 19   LEU A CG  1 
ATOM   144  C  CD1 . LEU A 1 18  ? -1.240  -0.743  -8.746  1.00 18.03  ? 19   LEU A CD1 1 
ATOM   145  C  CD2 . LEU A 1 18  ? -0.599  1.293   -10.049 1.00 20.24  ? 19   LEU A CD2 1 
ATOM   146  N  N   . VAL A 1 19  ? -5.761  1.566   -9.040  1.00 14.49  ? 20   VAL A N   1 
ATOM   147  C  CA  . VAL A 1 19  ? -6.540  2.391   -8.105  1.00 14.80  ? 20   VAL A CA  1 
ATOM   148  C  C   . VAL A 1 19  ? -7.340  1.502   -7.125  1.00 15.29  ? 20   VAL A C   1 
ATOM   149  O  O   . VAL A 1 19  ? -7.342  1.742   -5.903  1.00 15.08  ? 20   VAL A O   1 
ATOM   150  C  CB  . VAL A 1 19  ? -7.471  3.371   -8.874  1.00 14.79  ? 20   VAL A CB  1 
ATOM   151  C  CG1 . VAL A 1 19  ? -8.523  3.987   -7.953  1.00 14.42  ? 20   VAL A CG1 1 
ATOM   152  C  CG2 . VAL A 1 19  ? -6.625  4.478   -9.509  1.00 13.20  ? 20   VAL A CG2 1 
ATOM   153  N  N   . ASN A 1 20  ? -8.014  0.486   -7.666  1.00 14.75  ? 21   ASN A N   1 
ATOM   154  C  CA  . ASN A 1 20  ? -8.775  -0.448  -6.840  1.00 15.27  ? 21   ASN A CA  1 
ATOM   155  C  C   . ASN A 1 20  ? -7.827  -1.124  -5.828  1.00 15.57  ? 21   ASN A C   1 
ATOM   156  O  O   . ASN A 1 20  ? -8.150  -1.223  -4.662  1.00 15.41  ? 21   ASN A O   1 
ATOM   157  C  CB  . ASN A 1 20  ? -9.511  -1.470  -7.707  1.00 16.56  ? 21   ASN A CB  1 
ATOM   158  C  CG  . ASN A 1 20  ? -10.506 -2.304  -6.912  1.00 15.34  ? 21   ASN A CG  1 
ATOM   159  O  OD1 . ASN A 1 20  ? -10.164 -3.389  -6.437  1.00 18.76  ? 21   ASN A OD1 1 
ATOM   160  N  ND2 . ASN A 1 20  ? -11.746 -1.811  -6.779  1.00 15.99  ? 21   ASN A ND2 1 
ATOM   161  N  N   . LEU A 1 21  ? -6.655  -1.540  -6.291  1.00 14.77  ? 22   LEU A N   1 
ATOM   162  C  CA  . LEU A 1 21  ? -5.655  -2.158  -5.419  1.00 17.08  ? 22   LEU A CA  1 
ATOM   163  C  C   . LEU A 1 21  ? -5.216  -1.234  -4.280  1.00 16.00  ? 22   LEU A C   1 
ATOM   164  O  O   . LEU A 1 21  ? -5.101  -1.672  -3.130  1.00 15.68  ? 22   LEU A O   1 
ATOM   165  C  CB  . LEU A 1 21  ? -4.446  -2.580  -6.251  1.00 17.62  ? 22   LEU A CB  1 
ATOM   166  C  CG  . LEU A 1 21  ? -4.120  -4.065  -6.292  1.00 24.23  ? 22   LEU A CG  1 
ATOM   167  C  CD1 . LEU A 1 21  ? -5.301  -4.913  -6.792  1.00 27.50  ? 22   LEU A CD1 1 
ATOM   168  C  CD2 . LEU A 1 21  ? -2.884  -4.295  -7.159  1.00 27.36  ? 22   LEU A CD2 1 
ATOM   169  N  N   . TYR A 1 22  ? -4.947  0.028   -4.605  1.00 15.60  ? 23   TYR A N   1 
ATOM   170  C  CA  . TYR A 1 22  ? -4.531  0.999   -3.576  1.00 15.28  ? 23   TYR A CA  1 
ATOM   171  C  C   . TYR A 1 22  ? -5.649  1.300   -2.581  1.00 15.54  ? 23   TYR A C   1 
ATOM   172  O  O   . TYR A 1 22  ? -5.393  1.408   -1.371  1.00 14.34  ? 23   TYR A O   1 
ATOM   173  C  CB  . TYR A 1 22  ? -3.970  2.284   -4.210  1.00 15.30  ? 23   TYR A CB  1 
ATOM   174  C  CG  . TYR A 1 22  ? -2.476  2.179   -4.423  1.00 17.56  ? 23   TYR A CG  1 
ATOM   175  C  CD1 . TYR A 1 22  ? -1.585  2.830   -3.557  1.00 16.90  ? 23   TYR A CD1 1 
ATOM   176  C  CD2 . TYR A 1 22  ? -1.953  1.386   -5.442  1.00 18.25  ? 23   TYR A CD2 1 
ATOM   177  C  CE1 . TYR A 1 22  ? -0.187  2.716   -3.713  1.00 20.55  ? 23   TYR A CE1 1 
ATOM   178  C  CE2 . TYR A 1 22  ? -0.562  1.264   -5.618  1.00 19.13  ? 23   TYR A CE2 1 
ATOM   179  C  CZ  . TYR A 1 22  ? 0.304   1.927   -4.746  1.00 22.23  ? 23   TYR A CZ  1 
ATOM   180  O  OH  . TYR A 1 22  ? 1.662   1.803   -4.922  1.00 22.57  ? 23   TYR A OH  1 
ATOM   181  N  N   . LEU A 1 23  ? -6.878  1.462   -3.079  1.00 14.78  ? 24   LEU A N   1 
ATOM   182  C  CA  . LEU A 1 23  ? -8.013  1.648   -2.169  1.00 15.15  ? 24   LEU A CA  1 
ATOM   183  C  C   . LEU A 1 23  ? -8.245  0.420   -1.281  1.00 15.45  ? 24   LEU A C   1 
ATOM   184  O  O   . LEU A 1 23  ? -8.516  0.590   -0.094  1.00 15.63  ? 24   LEU A O   1 
ATOM   185  C  CB  . LEU A 1 23  ? -9.273  2.043   -2.935  1.00 14.78  ? 24   LEU A CB  1 
ATOM   186  C  CG  . LEU A 1 23  ? -9.220  3.430   -3.604  1.00 15.89  ? 24   LEU A CG  1 
ATOM   187  C  CD1 . LEU A 1 23  ? -10.447 3.555   -4.489  1.00 15.59  ? 24   LEU A CD1 1 
ATOM   188  C  CD2 . LEU A 1 23  ? -9.140  4.574   -2.563  1.00 17.68  ? 24   LEU A CD2 1 
ATOM   189  N  N   . ARG A 1 24  ? -8.123  -0.788  -1.845  1.00 15.43  ? 25   ARG A N   1 
ATOM   190  C  CA  . ARG A 1 24  ? -8.175  -2.041  -1.058  1.00 16.46  ? 25   ARG A CA  1 
ATOM   191  C  C   . ARG A 1 24  ? -7.119  -2.023  0.038   1.00 16.56  ? 25   ARG A C   1 
ATOM   192  O  O   . ARG A 1 24  ? -7.407  -2.380  1.191   1.00 15.76  ? 25   ARG A O   1 
ATOM   193  C  CB  . ARG A 1 24  ? -7.925  -3.264  -1.953  1.00 17.09  ? 25   ARG A CB  1 
ATOM   194  C  CG  . ARG A 1 24  ? -9.168  -3.790  -2.680  1.00 19.49  ? 25   ARG A CG  1 
ATOM   195  C  CD  . ARG A 1 24  ? -8.804  -4.934  -3.643  1.00 22.76  ? 25   ARG A CD  1 
ATOM   196  N  NE  . ARG A 1 24  ? -8.219  -6.086  -2.958  1.00 24.27  ? 25   ARG A NE  1 
ATOM   197  C  CZ  . ARG A 1 24  ? -7.593  -7.093  -3.570  1.00 28.40  ? 25   ARG A CZ  1 
ATOM   198  N  NH1 . ARG A 1 24  ? -7.479  -7.120  -4.898  1.00 27.18  ? 25   ARG A NH1 1 
ATOM   199  N  NH2 . ARG A 1 24  ? -7.097  -8.096  -2.846  1.00 29.22  ? 25   ARG A NH2 1 
ATOM   200  N  N   . ALA A 1 25  ? -5.901  -1.597  -0.326  1.00 15.73  ? 26   ALA A N   1 
ATOM   201  C  CA  . ALA A 1 25  ? -4.792  -1.543  0.635   1.00 16.02  ? 26   ALA A CA  1 
ATOM   202  C  C   . ALA A 1 25  ? -5.098  -0.531  1.745   1.00 15.72  ? 26   ALA A C   1 
ATOM   203  O  O   . ALA A 1 25  ? -4.884  -0.808  2.929   1.00 15.19  ? 26   ALA A O   1 
ATOM   204  C  CB  . ALA A 1 25  ? -3.476  -1.201  -0.076  1.00 15.91  ? 26   ALA A CB  1 
ATOM   205  N  N   . SER A 1 26  ? -5.636  0.633   1.376   1.00 15.42  ? 27   SER A N   1 
ATOM   206  C  CA  . SER A 1 26  ? -6.040  1.630   2.388   1.00 15.64  ? 27   SER A CA  1 
ATOM   207  C  C   . SER A 1 26  ? -7.053  1.041   3.386   1.00 15.42  ? 27   SER A C   1 
ATOM   208  O  O   . SER A 1 26  ? -6.940  1.240   4.608   1.00 15.12  ? 27   SER A O   1 
ATOM   209  C  CB  . SER A 1 26  ? -6.585  2.880   1.693   1.00 15.65  ? 27   SER A CB  1 
ATOM   210  O  OG  . SER A 1 26  ? -7.002  3.842   2.639   1.00 18.51  ? 27   SER A OG  1 
ATOM   211  N  N   . TYR A 1 27  ? -8.021  0.298   2.854   1.00 14.92  ? 28   TYR A N   1 
ATOM   212  C  CA  . TYR A 1 27  ? -9.071  -0.327  3.664   1.00 13.64  ? 28   TYR A CA  1 
ATOM   213  C  C   . TYR A 1 27  ? -8.476  -1.377  4.604   1.00 14.08  ? 28   TYR A C   1 
ATOM   214  O  O   . TYR A 1 27  ? -8.862  -1.457  5.774   1.00 13.79  ? 28   TYR A O   1 
ATOM   215  C  CB  . TYR A 1 27  ? -10.088 -0.980  2.707   1.00 13.36  ? 28   TYR A CB  1 
ATOM   216  C  CG  . TYR A 1 27  ? -11.473 -1.260  3.261   1.00 13.51  ? 28   TYR A CG  1 
ATOM   217  C  CD1 . TYR A 1 27  ? -11.943 -0.650  4.443   1.00 15.02  ? 28   TYR A CD1 1 
ATOM   218  C  CD2 . TYR A 1 27  ? -12.340 -2.100  2.567   1.00 14.33  ? 28   TYR A CD2 1 
ATOM   219  C  CE1 . TYR A 1 27  ? -13.256 -0.908  4.923   1.00 15.22  ? 28   TYR A CE1 1 
ATOM   220  C  CE2 . TYR A 1 27  ? -13.649 -2.360  3.045   1.00 13.76  ? 28   TYR A CE2 1 
ATOM   221  C  CZ  . TYR A 1 27  ? -14.100 -1.750  4.206   1.00 15.29  ? 28   TYR A CZ  1 
ATOM   222  O  OH  . TYR A 1 27  ? -15.380 -2.030  4.666   1.00 15.19  ? 28   TYR A OH  1 
ATOM   223  N  N   . THR A 1 28  ? -7.547  -2.182  4.081   1.00 13.15  ? 29   THR A N   1 
ATOM   224  C  CA  . THR A 1 28  ? -6.846  -3.179  4.892   1.00 13.54  ? 29   THR A CA  1 
ATOM   225  C  C   . THR A 1 28  ? -6.093  -2.486  6.055   1.00 13.42  ? 29   THR A C   1 
ATOM   226  O  O   . THR A 1 28  ? -6.180  -2.925  7.190   1.00 12.96  ? 29   THR A O   1 
ATOM   227  C  CB  . THR A 1 28  ? -5.895  -4.051  4.027   1.00 13.81  ? 29   THR A CB  1 
ATOM   228  O  OG1 . THR A 1 28  ? -6.698  -4.791  3.091   1.00 14.21  ? 29   THR A OG1 1 
ATOM   229  C  CG2 . THR A 1 28  ? -5.075  -5.051  4.910   1.00 14.34  ? 29   THR A CG2 1 
ATOM   230  N  N   . TYR A 1 29  ? -5.408  -1.378  5.776   1.00 13.71  ? 30   TYR A N   1 
ATOM   231  C  CA  . TYR A 1 29  ? -4.711  -0.672  6.853   1.00 13.71  ? 30   TYR A CA  1 
ATOM   232  C  C   . TYR A 1 29  ? -5.645  0.007   7.844   1.00 13.98  ? 30   TYR A C   1 
ATOM   233  O  O   . TYR A 1 29  ? -5.317  0.105   9.012   1.00 14.13  ? 30   TYR A O   1 
ATOM   234  C  CB  . TYR A 1 29  ? -3.717  0.350   6.298   1.00 12.99  ? 30   TYR A CB  1 
ATOM   235  C  CG  . TYR A 1 29  ? -2.515  -0.307  5.693   1.00 14.24  ? 30   TYR A CG  1 
ATOM   236  C  CD1 . TYR A 1 29  ? -1.763  -1.221  6.435   1.00 15.01  ? 30   TYR A CD1 1 
ATOM   237  C  CD2 . TYR A 1 29  ? -2.120  -0.023  4.382   1.00 15.06  ? 30   TYR A CD2 1 
ATOM   238  C  CE1 . TYR A 1 29  ? -0.642  -1.846  5.913   1.00 17.74  ? 30   TYR A CE1 1 
ATOM   239  C  CE2 . TYR A 1 29  ? -0.958  -0.651  3.830   1.00 16.64  ? 30   TYR A CE2 1 
ATOM   240  C  CZ  . TYR A 1 29  ? -0.235  -1.552  4.615   1.00 16.40  ? 30   TYR A CZ  1 
ATOM   241  O  OH  . TYR A 1 29  ? 0.896   -2.176  4.143   1.00 19.19  ? 30   TYR A OH  1 
ATOM   242  N  N   . LEU A 1 30  ? -6.798  0.478   7.374   1.00 14.02  ? 31   LEU A N   1 
ATOM   243  C  CA  . LEU A 1 30  ? -7.820  1.005   8.278   1.00 14.83  ? 31   LEU A CA  1 
ATOM   244  C  C   . LEU A 1 30  ? -8.227  -0.089  9.290   1.00 14.77  ? 31   LEU A C   1 
ATOM   245  O  O   . LEU A 1 30  ? -8.329  0.168   10.506  1.00 14.52  ? 31   LEU A O   1 
ATOM   246  C  CB  . LEU A 1 30  ? -9.034  1.501   7.473   1.00 15.30  ? 31   LEU A CB  1 
ATOM   247  C  CG  . LEU A 1 30  ? -10.119 2.165   8.327   1.00 18.87  ? 31   LEU A CG  1 
ATOM   248  C  CD1 . LEU A 1 30  ? -9.628  3.524   8.841   1.00 20.56  ? 31   LEU A CD1 1 
ATOM   249  C  CD2 . LEU A 1 30  ? -11.442 2.304   7.546   1.00 21.68  ? 31   LEU A CD2 1 
ATOM   250  N  N   . SER A 1 31  ? -8.459  -1.303  8.781   1.00 14.43  ? 32   SER A N   1 
ATOM   251  C  CA  . SER A 1 31  ? -8.848  -2.436  9.620   1.00 14.13  ? 32   SER A CA  1 
ATOM   252  C  C   . SER A 1 31  ? -7.738  -2.813  10.601  1.00 14.68  ? 32   SER A C   1 
ATOM   253  O  O   . SER A 1 31  ? -7.991  -3.016  11.807  1.00 14.31  ? 32   SER A O   1 
ATOM   254  C  CB  . SER A 1 31  ? -9.236  -3.641  8.768   1.00 14.38  ? 32   SER A CB  1 
ATOM   255  O  OG  . SER A 1 31  ? -9.553  -4.725  9.621   1.00 14.99  ? 32   SER A OG  1 
ATOM   256  N  N   . LEU A 1 32  ? -6.510  -2.886  10.095  1.00 14.19  ? 33   LEU A N   1 
ATOM   257  C  CA  . LEU A 1 32  ? -5.346  -3.162  10.954  1.00 14.73  ? 33   LEU A CA  1 
ATOM   258  C  C   . LEU A 1 32  ? -5.245  -2.127  12.083  1.00 14.78  ? 33   LEU A C   1 
ATOM   259  O  O   . LEU A 1 32  ? -5.116  -2.488  13.245  1.00 14.97  ? 33   LEU A O   1 
ATOM   260  C  CB  . LEU A 1 32  ? -4.060  -3.170  10.126  1.00 14.58  ? 33   LEU A CB  1 
ATOM   261  C  CG  . LEU A 1 32  ? -3.740  -4.497  9.433   1.00 15.08  ? 33   LEU A CG  1 
ATOM   262  C  CD1 . LEU A 1 32  ? -2.742  -4.255  8.282   1.00 13.59  ? 33   LEU A CD1 1 
ATOM   263  C  CD2 . LEU A 1 32  ? -3.144  -5.428  10.460  1.00 15.20  ? 33   LEU A CD2 1 
ATOM   264  N  N   . GLY A 1 33  ? -5.334  -0.844  11.735  1.00 14.91  ? 34   GLY A N   1 
ATOM   265  C  CA  . GLY A 1 33  ? -5.229  0.233   12.718  1.00 15.60  ? 34   GLY A CA  1 
ATOM   266  C  C   . GLY A 1 33  ? -6.268  0.116   13.830  1.00 16.02  ? 34   GLY A C   1 
ATOM   267  O  O   . GLY A 1 33  ? -5.932  0.145   15.020  1.00 17.01  ? 34   GLY A O   1 
ATOM   268  N  N   . PHE A 1 34  ? -7.528  -0.049  13.452  1.00 14.65  ? 35   PHE A N   1 
ATOM   269  C  CA  . PHE A 1 34  ? -8.565  -0.129  14.470  1.00 15.83  ? 35   PHE A CA  1 
ATOM   270  C  C   . PHE A 1 34  ? -8.511  -1.411  15.306  1.00 15.09  ? 35   PHE A C   1 
ATOM   271  O  O   . PHE A 1 34  ? -8.901  -1.393  16.457  1.00 15.87  ? 35   PHE A O   1 
ATOM   272  C  CB  . PHE A 1 34  ? -9.948  0.183   13.901  1.00 16.42  ? 35   PHE A CB  1 
ATOM   273  C  CG  . PHE A 1 34  ? -10.179 1.666   13.748  1.00 16.88  ? 35   PHE A CG  1 
ATOM   274  C  CD1 . PHE A 1 34  ? -10.498 2.451   14.863  1.00 18.68  ? 35   PHE A CD1 1 
ATOM   275  C  CD2 . PHE A 1 34  ? -10.019 2.280   12.514  1.00 19.29  ? 35   PHE A CD2 1 
ATOM   276  C  CE1 . PHE A 1 34  ? -10.684 3.826   14.753  1.00 19.86  ? 35   PHE A CE1 1 
ATOM   277  C  CE2 . PHE A 1 34  ? -10.205 3.668   12.373  1.00 20.69  ? 35   PHE A CE2 1 
ATOM   278  C  CZ  . PHE A 1 34  ? -10.532 4.448   13.499  1.00 22.17  ? 35   PHE A CZ  1 
ATOM   279  N  N   . TYR A 1 35  ? -8.007  -2.501  14.739  1.00 14.75  ? 36   TYR A N   1 
ATOM   280  C  CA  . TYR A 1 35  ? -7.793  -3.707  15.526  1.00 14.61  ? 36   TYR A CA  1 
ATOM   281  C  C   . TYR A 1 35  ? -6.834  -3.417  16.702  1.00 14.97  ? 36   TYR A C   1 
ATOM   282  O  O   . TYR A 1 35  ? -7.073  -3.838  17.836  1.00 15.22  ? 36   TYR A O   1 
ATOM   283  C  CB  . TYR A 1 35  ? -7.230  -4.822  14.640  1.00 14.86  ? 36   TYR A CB  1 
ATOM   284  C  CG  . TYR A 1 35  ? -6.766  -6.038  15.411  1.00 15.17  ? 36   TYR A CG  1 
ATOM   285  C  CD1 . TYR A 1 35  ? -7.687  -6.987  15.885  1.00 16.39  ? 36   TYR A CD1 1 
ATOM   286  C  CD2 . TYR A 1 35  ? -5.412  -6.250  15.651  1.00 16.68  ? 36   TYR A CD2 1 
ATOM   287  C  CE1 . TYR A 1 35  ? -7.264  -8.104  16.592  1.00 18.40  ? 36   TYR A CE1 1 
ATOM   288  C  CE2 . TYR A 1 35  ? -4.980  -7.366  16.358  1.00 18.85  ? 36   TYR A CE2 1 
ATOM   289  C  CZ  . TYR A 1 35  ? -5.912  -8.274  16.827  1.00 17.86  ? 36   TYR A CZ  1 
ATOM   290  O  OH  . TYR A 1 35  ? -5.494  -9.387  17.508  1.00 20.37  ? 36   TYR A OH  1 
ATOM   291  N  N   . PHE A 1 36  ? -5.745  -2.709  16.418  1.00 14.56  ? 37   PHE A N   1 
ATOM   292  C  CA  . PHE A 1 36  ? -4.759  -2.398  17.477  1.00 15.76  ? 37   PHE A CA  1 
ATOM   293  C  C   . PHE A 1 36  ? -5.241  -1.325  18.477  1.00 15.97  ? 37   PHE A C   1 
ATOM   294  O  O   . PHE A 1 36  ? -4.624  -1.126  19.541  1.00 17.60  ? 37   PHE A O   1 
ATOM   295  C  CB  . PHE A 1 36  ? -3.384  -2.107  16.861  1.00 16.30  ? 37   PHE A CB  1 
ATOM   296  C  CG  . PHE A 1 36  ? -2.699  -3.343  16.348  1.00 15.34  ? 37   PHE A CG  1 
ATOM   297  C  CD1 . PHE A 1 36  ? -1.996  -4.174  17.210  1.00 15.82  ? 37   PHE A CD1 1 
ATOM   298  C  CD2 . PHE A 1 36  ? -2.799  -3.697  15.001  1.00 15.91  ? 37   PHE A CD2 1 
ATOM   299  C  CE1 . PHE A 1 36  ? -1.392  -5.352  16.737  1.00 17.28  ? 37   PHE A CE1 1 
ATOM   300  C  CE2 . PHE A 1 36  ? -2.199  -4.843  14.514  1.00 15.04  ? 37   PHE A CE2 1 
ATOM   301  C  CZ  . PHE A 1 36  ? -1.496  -5.687  15.385  1.00 16.59  ? 37   PHE A CZ  1 
ATOM   302  N  N   . ASP A 1 37  ? -6.371  -0.681  18.157  1.00 15.90  ? 38   ASP A N   1 
ATOM   303  C  CA  . ASP A 1 37  ? -7.059  0.260   19.044  1.00 16.43  ? 38   ASP A CA  1 
ATOM   304  C  C   . ASP A 1 37  ? -8.063  -0.457  19.981  1.00 15.53  ? 38   ASP A C   1 
ATOM   305  O  O   . ASP A 1 37  ? -8.615  0.162   20.890  1.00 15.76  ? 38   ASP A O   1 
ATOM   306  C  CB  . ASP A 1 37  ? -7.762  1.322   18.173  1.00 16.76  ? 38   ASP A CB  1 
ATOM   307  C  CG  . ASP A 1 37  ? -8.489  2.379   18.967  1.00 19.80  ? 38   ASP A CG  1 
ATOM   308  O  OD1 . ASP A 1 37  ? -7.857  3.079   19.784  1.00 21.88  ? 38   ASP A OD1 1 
ATOM   309  O  OD2 . ASP A 1 37  ? -9.706  2.516   18.742  1.00 19.83  ? 38   ASP A OD2 1 
ATOM   310  N  N   . ARG A 1 38  ? -8.289  -1.756  19.768  1.00 14.56  ? 39   ARG A N   1 
ATOM   311  C  CA  . ARG A 1 38  ? -9.169  -2.554  20.643  1.00 14.65  ? 39   ARG A CA  1 
ATOM   312  C  C   . ARG A 1 38  ? -8.639  -2.544  22.077  1.00 15.46  ? 39   ARG A C   1 
ATOM   313  O  O   . ARG A 1 38  ? -7.415  -2.615  22.304  1.00 15.52  ? 39   ARG A O   1 
ATOM   314  C  CB  . ARG A 1 38  ? -9.310  -4.012  20.148  1.00 15.03  ? 39   ARG A CB  1 
ATOM   315  C  CG  . ARG A 1 38  ? -10.196 -4.167  18.881  1.00 15.20  ? 39   ARG A CG  1 
ATOM   316  C  CD  . ARG A 1 38  ? -10.093 -5.576  18.304  1.00 16.91  ? 39   ARG A CD  1 
ATOM   317  N  NE  . ARG A 1 38  ? -10.270 -6.633  19.314  1.00 19.74  ? 39   ARG A NE  1 
ATOM   318  C  CZ  . ARG A 1 38  ? -10.601 -7.902  19.044  1.00 20.12  ? 39   ARG A CZ  1 
ATOM   319  N  NH1 . ARG A 1 38  ? -10.852 -8.296  17.792  1.00 19.42  ? 39   ARG A NH1 1 
ATOM   320  N  NH2 . ARG A 1 38  ? -10.726 -8.777  20.037  1.00 20.79  ? 39   ARG A NH2 1 
ATOM   321  N  N   . ASP A 1 39  ? -9.551  -2.462  23.050  1.00 16.05  ? 40   ASP A N   1 
ATOM   322  C  CA  . ASP A 1 39  ? -9.135  -2.437  24.465  1.00 16.54  ? 40   ASP A CA  1 
ATOM   323  C  C   . ASP A 1 39  ? -8.392  -3.719  24.885  1.00 16.72  ? 40   ASP A C   1 
ATOM   324  O  O   . ASP A 1 39  ? -7.613  -3.694  25.844  1.00 17.30  ? 40   ASP A O   1 
ATOM   325  C  CB  . ASP A 1 39  ? -10.334 -2.190  25.394  1.00 17.13  ? 40   ASP A CB  1 
ATOM   326  C  CG  . ASP A 1 39  ? -11.206 -3.427  25.552  1.00 18.13  ? 40   ASP A CG  1 
ATOM   327  O  OD1 . ASP A 1 39  ? -12.153 -3.612  24.754  1.00 17.95  ? 40   ASP A OD1 1 
ATOM   328  O  OD2 . ASP A 1 39  ? -10.903 -4.259  26.437  1.00 18.94  ? 40   ASP A OD2 1 
ATOM   329  N  N   . ASP A 1 40  ? -8.657  -4.825  24.190  1.00 16.66  ? 41   ASP A N   1 
ATOM   330  C  CA  . ASP A 1 40  ? -8.010  -6.115  24.458  1.00 17.05  ? 41   ASP A CA  1 
ATOM   331  C  C   . ASP A 1 40  ? -6.772  -6.375  23.580  1.00 16.80  ? 41   ASP A C   1 
ATOM   332  O  O   . ASP A 1 40  ? -6.240  -7.500  23.545  1.00 17.27  ? 41   ASP A O   1 
ATOM   333  C  CB  . ASP A 1 40  ? -9.006  -7.283  24.346  1.00 17.29  ? 41   ASP A CB  1 
ATOM   334  C  CG  . ASP A 1 40  ? -9.617  -7.431  22.954  1.00 18.40  ? 41   ASP A CG  1 
ATOM   335  O  OD1 . ASP A 1 40  ? -9.444  -6.563  22.083  1.00 17.59  ? 41   ASP A OD1 1 
ATOM   336  O  OD2 . ASP A 1 40  ? -10.308 -8.446  22.738  1.00 22.06  ? 41   ASP A OD2 1 
ATOM   337  N  N   . VAL A 1 41  ? -6.344  -5.345  22.858  1.00 16.31  ? 42   VAL A N   1 
ATOM   338  C  CA  . VAL A 1 41  ? -5.119  -5.418  22.057  1.00 15.87  ? 42   VAL A CA  1 
ATOM   339  C  C   . VAL A 1 41  ? -4.251  -4.247  22.509  1.00 15.32  ? 42   VAL A C   1 
ATOM   340  O  O   . VAL A 1 41  ? -3.181  -4.468  23.056  1.00 15.76  ? 42   VAL A O   1 
ATOM   341  C  CB  . VAL A 1 41  ? -5.381  -5.372  20.524  1.00 16.29  ? 42   VAL A CB  1 
ATOM   342  C  CG1 . VAL A 1 41  ? -4.047  -5.438  19.737  1.00 16.58  ? 42   VAL A CG1 1 
ATOM   343  C  CG2 . VAL A 1 41  ? -6.318  -6.511  20.088  1.00 15.00  ? 42   VAL A CG2 1 
ATOM   344  N  N   . ALA A 1 42  ? -4.735  -3.017  22.301  1.00 14.96  ? 43   ALA A N   1 
ATOM   345  C  CA  . ALA A 1 42  ? -4.205  -1.832  22.982  1.00 15.00  ? 43   ALA A CA  1 
ATOM   346  C  C   . ALA A 1 42  ? -2.701  -1.590  22.733  1.00 15.76  ? 43   ALA A C   1 
ATOM   347  O  O   . ALA A 1 42  ? -1.896  -1.521  23.674  1.00 16.04  ? 43   ALA A O   1 
ATOM   348  C  CB  . ALA A 1 42  ? -4.503  -1.903  24.538  1.00 15.26  ? 43   ALA A CB  1 
ATOM   349  N  N   . LEU A 1 43  ? -2.328  -1.471  21.464  1.00 15.93  ? 44   LEU A N   1 
ATOM   350  C  CA  . LEU A 1 43  ? -0.958  -1.112  21.118  1.00 16.04  ? 44   LEU A CA  1 
ATOM   351  C  C   . LEU A 1 43  ? -0.982  0.153   20.273  1.00 16.95  ? 44   LEU A C   1 
ATOM   352  O  O   . LEU A 1 43  ? -1.032  0.086   19.054  1.00 15.67  ? 44   LEU A O   1 
ATOM   353  C  CB  . LEU A 1 43  ? -0.257  -2.272  20.395  1.00 16.20  ? 44   LEU A CB  1 
ATOM   354  C  CG  . LEU A 1 43  ? 0.080   -3.462  21.312  1.00 16.47  ? 44   LEU A CG  1 
ATOM   355  C  CD1 . LEU A 1 43  ? 0.317   -4.703  20.493  1.00 17.51  ? 44   LEU A CD1 1 
ATOM   356  C  CD2 . LEU A 1 43  ? 1.287   -3.167  22.253  1.00 16.48  ? 44   LEU A CD2 1 
ATOM   357  N  N   . GLU A 1 44  ? -0.937  1.301   20.940  1.00 17.10  ? 45   GLU A N   1 
ATOM   358  C  CA  . GLU A 1 44  ? -1.176  2.588   20.291  1.00 18.67  ? 45   GLU A CA  1 
ATOM   359  C  C   . GLU A 1 44  ? -0.202  2.880   19.127  1.00 17.80  ? 45   GLU A C   1 
ATOM   360  O  O   . GLU A 1 44  ? -0.624  3.355   18.068  1.00 18.04  ? 45   GLU A O   1 
ATOM   361  C  CB  . GLU A 1 44  ? -1.145  3.722   21.318  1.00 19.05  ? 45   GLU A CB  1 
ATOM   362  C  CG  . GLU A 1 44  ? -1.568  5.051   20.719  1.00 24.81  ? 45   GLU A CG  1 
ATOM   363  C  CD  . GLU A 1 44  ? -1.735  6.153   21.751  1.00 31.21  ? 45   GLU A CD  1 
ATOM   364  O  OE1 . GLU A 1 44  ? -1.524  5.904   22.964  1.00 31.70  ? 45   GLU A OE1 1 
ATOM   365  O  OE2 . GLU A 1 44  ? -2.089  7.278   21.331  1.00 36.00  ? 45   GLU A OE2 1 
ATOM   366  N  N   . GLY A 1 45  ? 1.081   2.584   19.321  1.00 17.06  ? 46   GLY A N   1 
ATOM   367  C  CA  . GLY A 1 45  ? 2.092   2.833   18.278  1.00 17.32  ? 46   GLY A CA  1 
ATOM   368  C  C   . GLY A 1 45  ? 1.848   1.994   17.029  1.00 17.07  ? 46   GLY A C   1 
ATOM   369  O  O   . GLY A 1 45  ? 2.158   2.422   15.907  1.00 17.22  ? 46   GLY A O   1 
ATOM   370  N  N   . VAL A 1 46  ? 1.295   0.799   17.223  1.00 16.33  ? 47   VAL A N   1 
ATOM   371  C  CA  . VAL A 1 46  ? 0.978   -0.096  16.103  1.00 16.14  ? 47   VAL A CA  1 
ATOM   372  C  C   . VAL A 1 46  ? -0.258  0.451   15.368  1.00 16.84  ? 47   VAL A C   1 
ATOM   373  O  O   . VAL A 1 46  ? -0.286  0.544   14.129  1.00 16.05  ? 47   VAL A O   1 
ATOM   374  C  CB  . VAL A 1 46  ? 0.781   -1.585  16.565  1.00 15.93  ? 47   VAL A CB  1 
ATOM   375  C  CG1 . VAL A 1 46  ? 0.519   -2.512  15.339  1.00 16.88  ? 47   VAL A CG1 1 
ATOM   376  C  CG2 . VAL A 1 46  ? 2.004   -2.100  17.365  1.00 15.27  ? 47   VAL A CG2 1 
ATOM   377  N  N   . CYS A 1 47  ? -1.275  0.828   16.140  1.00 16.59  ? 48   CYS A N   1 
ATOM   378  C  CA  . CYS A 1 47  ? -2.442  1.456   15.556  1.00 18.41  ? 48   CYS A CA  1 
ATOM   379  C  C   . CYS A 1 47  ? -2.031  2.685   14.710  1.00 18.53  ? 48   CYS A C   1 
ATOM   380  O  O   . CYS A 1 47  ? -2.489  2.869   13.578  1.00 17.48  ? 48   CYS A O   1 
ATOM   381  C  CB  . CYS A 1 47  ? -3.422  1.850   16.663  1.00 18.48  ? 48   CYS A CB  1 
ATOM   382  S  SG  . CYS A 1 47  ? -4.821  2.823   16.037  1.00 24.19  ? 48   CYS A SG  1 
ATOM   383  N  N   . HIS A 1 48  ? -1.154  3.524   15.252  1.00 18.70  ? 49   HIS A N   1 
ATOM   384  C  CA  . HIS A 1 48  ? -0.773  4.731   14.533  1.00 19.64  ? 49   HIS A CA  1 
ATOM   385  C  C   . HIS A 1 48  ? 0.023   4.411   13.262  1.00 18.73  ? 49   HIS A C   1 
ATOM   386  O  O   . HIS A 1 48  ? -0.184  5.046   12.224  1.00 18.29  ? 49   HIS A O   1 
ATOM   387  C  CB  . HIS A 1 48  ? -0.003  5.717   15.423  1.00 21.46  ? 49   HIS A CB  1 
ATOM   388  C  CG  . HIS A 1 48  ? 0.121   7.071   14.799  1.00 27.73  ? 49   HIS A CG  1 
ATOM   389  N  ND1 . HIS A 1 48  ? -0.898  8.004   14.841  1.00 33.48  ? 49   HIS A ND1 1 
ATOM   390  C  CD2 . HIS A 1 48  ? 1.104   7.620   14.044  1.00 32.37  ? 49   HIS A CD2 1 
ATOM   391  C  CE1 . HIS A 1 48  ? -0.527  9.088   14.178  1.00 34.13  ? 49   HIS A CE1 1 
ATOM   392  N  NE2 . HIS A 1 48  ? 0.681   8.880   13.682  1.00 34.65  ? 49   HIS A NE2 1 
ATOM   393  N  N   . PHE A 1 49  ? 0.910   3.419   13.345  1.00 17.67  ? 50   PHE A N   1 
ATOM   394  C  CA  . PHE A 1 49  ? 1.700   2.957   12.194  1.00 17.41  ? 50   PHE A CA  1 
ATOM   395  C  C   . PHE A 1 49  ? 0.758   2.592   11.038  1.00 17.29  ? 50   PHE A C   1 
ATOM   396  O  O   . PHE A 1 49  ? 0.948   3.031   9.913   1.00 18.01  ? 50   PHE A O   1 
ATOM   397  C  CB  . PHE A 1 49  ? 2.573   1.750   12.586  1.00 17.70  ? 50   PHE A CB  1 
ATOM   398  C  CG  . PHE A 1 49  ? 3.389   1.173   11.439  1.00 18.35  ? 50   PHE A CG  1 
ATOM   399  C  CD1 . PHE A 1 49  ? 4.539   1.817   10.982  1.00 21.00  ? 50   PHE A CD1 1 
ATOM   400  C  CD2 . PHE A 1 49  ? 3.033   -0.038  10.868  1.00 19.99  ? 50   PHE A CD2 1 
ATOM   401  C  CE1 . PHE A 1 49  ? 5.296   1.269   9.933   1.00 21.01  ? 50   PHE A CE1 1 
ATOM   402  C  CE2 . PHE A 1 49  ? 3.779   -0.600  9.833   1.00 21.42  ? 50   PHE A CE2 1 
ATOM   403  C  CZ  . PHE A 1 49  ? 4.917   0.061   9.367   1.00 20.68  ? 50   PHE A CZ  1 
ATOM   404  N  N   . PHE A 1 50  ? -0.266  1.808   11.325  1.00 16.39  ? 51   PHE A N   1 
ATOM   405  C  CA  . PHE A 1 50  ? -1.159  1.361   10.258  1.00 17.23  ? 51   PHE A CA  1 
ATOM   406  C  C   . PHE A 1 50  ? -2.126  2.442   9.800   1.00 17.65  ? 51   PHE A C   1 
ATOM   407  O  O   . PHE A 1 50  ? -2.431  2.532   8.601   1.00 17.32  ? 51   PHE A O   1 
ATOM   408  C  CB  . PHE A 1 50  ? -1.868  0.070   10.652  1.00 16.58  ? 51   PHE A CB  1 
ATOM   409  C  CG  . PHE A 1 50  ? -0.946  -1.128  10.710  1.00 17.36  ? 51   PHE A CG  1 
ATOM   410  C  CD1 . PHE A 1 50  ? -0.160  -1.485  9.606   1.00 17.27  ? 51   PHE A CD1 1 
ATOM   411  C  CD2 . PHE A 1 50  ? -0.863  -1.901  11.865  1.00 16.38  ? 51   PHE A CD2 1 
ATOM   412  C  CE1 . PHE A 1 50  ? 0.680   -2.592  9.662   1.00 16.11  ? 51   PHE A CE1 1 
ATOM   413  C  CE2 . PHE A 1 50  ? -0.034  -3.032  11.916  1.00 16.33  ? 51   PHE A CE2 1 
ATOM   414  C  CZ  . PHE A 1 50  ? 0.743   -3.371  10.818  1.00 17.18  ? 51   PHE A CZ  1 
ATOM   415  N  N   . ARG A 1 51  ? -2.601  3.281   10.720  1.00 18.76  ? 52   ARG A N   1 
ATOM   416  C  CA  . ARG A 1 51  ? -3.497  4.371   10.297  1.00 20.00  ? 52   ARG A CA  1 
ATOM   417  C  C   . ARG A 1 51  ? -2.763  5.328   9.338   1.00 19.98  ? 52   ARG A C   1 
ATOM   418  O  O   . ARG A 1 51  ? -3.334  5.761   8.340   1.00 19.95  ? 52   ARG A O   1 
ATOM   419  C  CB  . ARG A 1 51  ? -4.119  5.101   11.480  1.00 20.36  ? 52   ARG A CB  1 
ATOM   420  C  CG  . ARG A 1 51  ? -5.180  4.235   12.184  1.00 23.49  ? 52   ARG A CG  1 
ATOM   421  C  CD  . ARG A 1 51  ? -5.966  5.015   13.226  1.00 29.43  ? 52   ARG A CD  1 
ATOM   422  N  NE  . ARG A 1 51  ? -6.978  5.877   12.623  1.00 32.35  ? 52   ARG A NE  1 
ATOM   423  C  CZ  . ARG A 1 51  ? -7.773  6.686   13.316  1.00 35.02  ? 52   ARG A CZ  1 
ATOM   424  N  NH1 . ARG A 1 51  ? -7.683  6.740   14.643  1.00 36.40  ? 52   ARG A NH1 1 
ATOM   425  N  NH2 . ARG A 1 51  ? -8.665  7.442   12.683  1.00 35.83  ? 52   ARG A NH2 1 
ATOM   426  N  N   . GLU A 1 52  ? -1.489  5.595   9.619   1.00 19.61  ? 53   GLU A N   1 
ATOM   427  C  CA  . GLU A 1 52  ? -0.672  6.425   8.717   1.00 19.91  ? 53   GLU A CA  1 
ATOM   428  C  C   . GLU A 1 52  ? -0.561  5.781   7.336   1.00 18.69  ? 53   GLU A C   1 
ATOM   429  O  O   . GLU A 1 52  ? -0.669  6.479   6.330   1.00 18.52  ? 53   GLU A O   1 
ATOM   430  C  CB  . GLU A 1 52  ? 0.717   6.691   9.298   1.00 20.56  ? 53   GLU A CB  1 
ATOM   431  C  CG  . GLU A 1 52  ? 0.696   7.586   10.518  1.00 26.63  ? 53   GLU A CG  1 
ATOM   432  C  CD  . GLU A 1 52  ? -0.012  8.909   10.272  1.00 33.07  ? 53   GLU A CD  1 
ATOM   433  O  OE1 . GLU A 1 52  ? 0.348   9.605   9.297   1.00 36.99  ? 53   GLU A OE1 1 
ATOM   434  O  OE2 . GLU A 1 52  ? -0.939  9.253   11.047  1.00 38.45  ? 53   GLU A OE2 1 
ATOM   435  N  N   . LEU A 1 53  ? -0.373  4.457   7.288   1.00 17.60  ? 54   LEU A N   1 
ATOM   436  C  CA  . LEU A 1 53  ? -0.329  3.744   6.001   1.00 18.01  ? 54   LEU A CA  1 
ATOM   437  C  C   . LEU A 1 53  ? -1.655  3.773   5.232   1.00 17.72  ? 54   LEU A C   1 
ATOM   438  O  O   . LEU A 1 53  ? -1.656  3.896   3.996   1.00 16.68  ? 54   LEU A O   1 
ATOM   439  C  CB  . LEU A 1 53  ? 0.189   2.311   6.173   1.00 18.56  ? 54   LEU A CB  1 
ATOM   440  C  CG  . LEU A 1 53  ? 1.669   2.232   6.553   1.00 19.62  ? 54   LEU A CG  1 
ATOM   441  C  CD1 . LEU A 1 53  ? 2.011   0.812   6.895   1.00 22.49  ? 54   LEU A CD1 1 
ATOM   442  C  CD2 . LEU A 1 53  ? 2.570   2.751   5.416   1.00 22.39  ? 54   LEU A CD2 1 
ATOM   443  N  N   . ALA A 1 54  ? -2.779  3.692   5.949   1.00 17.23  ? 55   ALA A N   1 
ATOM   444  C  CA  . ALA A 1 54  ? -4.099  3.853   5.306   1.00 17.72  ? 55   ALA A CA  1 
ATOM   445  C  C   . ALA A 1 54  ? -4.154  5.158   4.534   1.00 18.04  ? 55   ALA A C   1 
ATOM   446  O  O   . ALA A 1 54  ? -4.607  5.195   3.386   1.00 17.75  ? 55   ALA A O   1 
ATOM   447  C  CB  . ALA A 1 54  ? -5.248  3.765   6.328   1.00 17.77  ? 55   ALA A CB  1 
ATOM   448  N  N   . GLU A 1 55  ? -3.659  6.218   5.158   1.00 18.81  ? 56   GLU A N   1 
ATOM   449  C  CA  . GLU A 1 55  ? -3.668  7.531   4.543   1.00 19.97  ? 56   GLU A CA  1 
ATOM   450  C  C   . GLU A 1 55  ? -2.774  7.537   3.302   1.00 19.69  ? 56   GLU A C   1 
ATOM   451  O  O   . GLU A 1 55  ? -3.173  8.031   2.236   1.00 19.70  ? 56   GLU A O   1 
ATOM   452  C  CB  . GLU A 1 55  ? -3.206  8.566   5.573   1.00 20.31  ? 56   GLU A CB  1 
ATOM   453  C  CG  . GLU A 1 55  ? -3.012  9.943   5.033   1.00 25.72  ? 56   GLU A CG  1 
ATOM   454  C  CD  . GLU A 1 55  ? -2.618  10.913  6.120   1.00 31.87  ? 56   GLU A CD  1 
ATOM   455  O  OE1 . GLU A 1 55  ? -2.955  10.641  7.301   1.00 33.86  ? 56   GLU A OE1 1 
ATOM   456  O  OE2 . GLU A 1 55  ? -1.970  11.929  5.794   1.00 35.20  ? 56   GLU A OE2 1 
ATOM   457  N  N   . GLU A 1 56  ? -1.558  7.011   3.453   1.00 19.33  ? 57   GLU A N   1 
ATOM   458  C  CA  . GLU A 1 56  ? -0.590  6.962   2.346   1.00 19.94  ? 57   GLU A CA  1 
ATOM   459  C  C   . GLU A 1 56  ? -1.161  6.215   1.130   1.00 18.76  ? 57   GLU A C   1 
ATOM   460  O  O   . GLU A 1 56  ? -0.985  6.648   -0.023  1.00 18.63  ? 57   GLU A O   1 
ATOM   461  C  CB  . GLU A 1 56  ? 0.730   6.314   2.786   1.00 20.46  ? 57   GLU A CB  1 
ATOM   462  C  CG  . GLU A 1 56  ? 1.522   7.084   3.849   1.00 25.48  ? 57   GLU A CG  1 
ATOM   463  C  CD  . GLU A 1 56  ? 1.716   8.532   3.471   1.00 30.30  ? 57   GLU A CD  1 
ATOM   464  O  OE1 . GLU A 1 56  ? 1.247   9.405   4.235   1.00 34.08  ? 57   GLU A OE1 1 
ATOM   465  O  OE2 . GLU A 1 56  ? 2.287   8.795   2.395   1.00 32.77  ? 57   GLU A OE2 1 
ATOM   466  N  N   . LYS A 1 57  ? -1.860  5.112   1.380   1.00 18.26  ? 58   LYS A N   1 
ATOM   467  C  CA  . LYS A 1 57  ? -2.382  4.315   0.259   1.00 17.66  ? 58   LYS A CA  1 
ATOM   468  C  C   . LYS A 1 57  ? -3.551  5.035   -0.414  1.00 18.32  ? 58   LYS A C   1 
ATOM   469  O  O   . LYS A 1 57  ? -3.684  4.991   -1.641  1.00 17.52  ? 58   LYS A O   1 
ATOM   470  C  CB  . LYS A 1 57  ? -2.776  2.900   0.698   1.00 18.84  ? 58   LYS A CB  1 
ATOM   471  C  CG  . LYS A 1 57  ? -1.610  2.082   1.250   1.00 18.56  ? 58   LYS A CG  1 
ATOM   472  C  CD  . LYS A 1 57  ? -0.525  1.903   0.189   1.00 19.81  ? 58   LYS A CD  1 
ATOM   473  C  CE  . LYS A 1 57  ? 0.786   1.571   0.868   1.00 22.36  ? 58   LYS A CE  1 
ATOM   474  N  NZ  . LYS A 1 57  ? 1.951   1.407   -0.033  1.00 21.63  ? 58   LYS A NZ  1 
ATOM   475  N  N   . ARG A 1 58  ? -4.380  5.707   0.379   1.00 18.42  ? 59   ARG A N   1 
ATOM   476  C  CA  . ARG A 1 58  ? -5.470  6.501   -0.190  1.00 19.21  ? 59   ARG A CA  1 
ATOM   477  C  C   . ARG A 1 58  ? -4.884  7.605   -1.073  1.00 19.75  ? 59   ARG A C   1 
ATOM   478  O  O   . ARG A 1 58  ? -5.358  7.854   -2.194  1.00 19.68  ? 59   ARG A O   1 
ATOM   479  C  CB  . ARG A 1 58  ? -6.352  7.095   0.915   1.00 19.40  ? 59   ARG A CB  1 
ATOM   480  C  CG  . ARG A 1 58  ? -7.522  7.901   0.371   1.00 22.88  ? 59   ARG A CG  1 
ATOM   481  C  CD  . ARG A 1 58  ? -8.277  8.676   1.447   1.00 26.09  ? 59   ARG A CD  1 
ATOM   482  N  NE  . ARG A 1 58  ? -7.402  9.261   2.466   1.00 31.62  ? 59   ARG A NE  1 
ATOM   483  C  CZ  . ARG A 1 58  ? -6.797  10.449  2.371   1.00 35.08  ? 59   ARG A CZ  1 
ATOM   484  N  NH1 . ARG A 1 58  ? -6.939  11.218  1.290   1.00 36.02  ? 59   ARG A NH1 1 
ATOM   485  N  NH2 . ARG A 1 58  ? -6.028  10.869  3.367   1.00 37.08  ? 59   ARG A NH2 1 
ATOM   486  N  N   . GLU A 1 59  ? -3.839  8.261   -0.576  1.00 19.65  ? 60   GLU A N   1 
ATOM   487  C  CA  . GLU A 1 59  ? -3.183  9.315   -1.345  1.00 20.71  ? 60   GLU A CA  1 
ATOM   488  C  C   . GLU A 1 59  ? -2.590  8.803   -2.651  1.00 19.92  ? 60   GLU A C   1 
ATOM   489  O  O   . GLU A 1 59  ? -2.633  9.508   -3.671  1.00 20.34  ? 60   GLU A O   1 
ATOM   490  C  CB  . GLU A 1 59  ? -2.148  10.050  -0.496  1.00 21.80  ? 60   GLU A CB  1 
ATOM   491  C  CG  . GLU A 1 59  ? -2.837  10.920  0.545   1.00 25.98  ? 60   GLU A CG  1 
ATOM   492  C  CD  . GLU A 1 59  ? -1.897  11.473  1.577   1.00 30.52  ? 60   GLU A CD  1 
ATOM   493  O  OE1 . GLU A 1 59  ? -2.383  12.173  2.493   1.00 35.36  ? 60   GLU A OE1 1 
ATOM   494  O  OE2 . GLU A 1 59  ? -0.678  11.204  1.472   1.00 33.06  ? 60   GLU A OE2 1 
ATOM   495  N  N   . GLY A 1 60  ? -2.053  7.587   -2.621  1.00 18.18  ? 61   GLY A N   1 
ATOM   496  C  CA  . GLY A 1 60  ? -1.574  6.927   -3.837  1.00 18.57  ? 61   GLY A CA  1 
ATOM   497  C  C   . GLY A 1 60  ? -2.692  6.763   -4.852  1.00 17.72  ? 61   GLY A C   1 
ATOM   498  O  O   . GLY A 1 60  ? -2.528  7.084   -6.030  1.00 17.38  ? 61   GLY A O   1 
ATOM   499  N  N   . ALA A 1 61  ? -3.850  6.277   -4.399  1.00 17.78  ? 62   ALA A N   1 
ATOM   500  C  CA  . ALA A 1 61  ? -5.004  6.145   -5.291  1.00 17.46  ? 62   ALA A CA  1 
ATOM   501  C  C   . ALA A 1 61  ? -5.384  7.484   -5.919  1.00 17.62  ? 62   ALA A C   1 
ATOM   502  O  O   . ALA A 1 61  ? -5.643  7.561   -7.115  1.00 16.76  ? 62   ALA A O   1 
ATOM   503  C  CB  . ALA A 1 61  ? -6.196  5.542   -4.544  1.00 17.77  ? 62   ALA A CB  1 
ATOM   504  N  N   . GLU A 1 62  ? -5.388  8.540   -5.109  1.00 17.83  ? 63   GLU A N   1 
ATOM   505  C  CA  . GLU A 1 62  ? -5.750  9.863   -5.569  1.00 18.72  ? 63   GLU A CA  1 
ATOM   506  C  C   . GLU A 1 62  ? -4.738  10.400  -6.595  1.00 18.35  ? 63   GLU A C   1 
ATOM   507  O  O   . GLU A 1 62  ? -5.136  11.007  -7.580  1.00 18.60  ? 63   GLU A O   1 
ATOM   508  C  CB  . GLU A 1 62  ? -5.948  10.809  -4.378  1.00 19.00  ? 63   GLU A CB  1 
ATOM   509  C  CG  . GLU A 1 62  ? -7.202  10.428  -3.543  1.00 23.48  ? 63   GLU A CG  1 
ATOM   510  C  CD  . GLU A 1 62  ? -7.424  11.317  -2.334  1.00 28.96  ? 63   GLU A CD  1 
ATOM   511  O  OE1 . GLU A 1 62  ? -6.975  12.482  -2.352  1.00 31.76  ? 63   GLU A OE1 1 
ATOM   512  O  OE2 . GLU A 1 62  ? -8.076  10.850  -1.375  1.00 31.65  ? 63   GLU A OE2 1 
ATOM   513  N  N   . ARG A 1 63  ? -3.453  10.121  -6.380  1.00 18.51  ? 64   ARG A N   1 
ATOM   514  C  CA  . ARG A 1 63  ? -2.400  10.491  -7.333  1.00 18.74  ? 64   ARG A CA  1 
ATOM   515  C  C   . ARG A 1 63  ? -2.614  9.795   -8.688  1.00 17.79  ? 64   ARG A C   1 
ATOM   516  O  O   . ARG A 1 63  ? -2.503  10.422  -9.747  1.00 17.49  ? 64   ARG A O   1 
ATOM   517  C  CB  . ARG A 1 63  ? -1.006  10.180  -6.754  1.00 20.24  ? 64   ARG A CB  1 
ATOM   518  C  CG  . ARG A 1 63  ? -0.434  11.279  -5.877  1.00 25.48  ? 64   ARG A CG  1 
ATOM   519  C  CD  . ARG A 1 63  ? 1.013   10.977  -5.379  1.00 32.16  ? 64   ARG A CD  1 
ATOM   520  N  NE  . ARG A 1 63  ? 0.998   10.466  -3.999  1.00 40.06  ? 64   ARG A NE  1 
ATOM   521  C  CZ  . ARG A 1 63  ? 1.518   9.306   -3.596  1.00 41.72  ? 64   ARG A CZ  1 
ATOM   522  N  NH1 . ARG A 1 63  ? 2.145   8.505   -4.451  1.00 44.55  ? 64   ARG A NH1 1 
ATOM   523  N  NH2 . ARG A 1 63  ? 1.432   8.954   -2.316  1.00 45.18  ? 64   ARG A NH2 1 
ATOM   524  N  N   . LEU A 1 64  ? -2.975  8.516   -8.641  1.00 16.97  ? 65   LEU A N   1 
ATOM   525  C  CA  . LEU A 1 64  ? -3.262  7.747   -9.863  1.00 16.29  ? 65   LEU A CA  1 
ATOM   526  C  C   . LEU A 1 64  ? -4.483  8.300   -10.583 1.00 16.27  ? 65   LEU A C   1 
ATOM   527  O  O   . LEU A 1 64  ? -4.507  8.385   -11.820 1.00 15.90  ? 65   LEU A O   1 
ATOM   528  C  CB  . LEU A 1 64  ? -3.445  6.259   -9.556  1.00 16.65  ? 65   LEU A CB  1 
ATOM   529  C  CG  . LEU A 1 64  ? -2.187  5.485   -9.152  1.00 17.07  ? 65   LEU A CG  1 
ATOM   530  C  CD1 . LEU A 1 64  ? -2.545  4.252   -8.314  1.00 19.82  ? 65   LEU A CD1 1 
ATOM   531  C  CD2 . LEU A 1 64  ? -1.381  5.089   -10.392 1.00 19.50  ? 65   LEU A CD2 1 
ATOM   532  N  N   . LEU A 1 65  ? -5.496  8.693   -9.812  1.00 15.38  ? 66   LEU A N   1 
ATOM   533  C  CA  . LEU A 1 65  ? -6.717  9.226   -10.416 1.00 15.93  ? 66   LEU A CA  1 
ATOM   534  C  C   . LEU A 1 65  ? -6.454  10.584  -11.085 1.00 16.63  ? 66   LEU A C   1 
ATOM   535  O  O   . LEU A 1 65  ? -6.943  10.846  -12.189 1.00 17.50  ? 66   LEU A O   1 
ATOM   536  C  CB  . LEU A 1 65  ? -7.819  9.337   -9.355  1.00 15.45  ? 66   LEU A CB  1 
ATOM   537  C  CG  . LEU A 1 65  ? -8.362  7.978   -8.880  1.00 16.46  ? 66   LEU A CG  1 
ATOM   538  C  CD1 . LEU A 1 65  ? -9.181  8.115   -7.586  1.00 17.67  ? 66   LEU A CD1 1 
ATOM   539  C  CD2 . LEU A 1 65  ? -9.219  7.329   -10.002 1.00 16.67  ? 66   LEU A CD2 1 
ATOM   540  N  N   . LYS A 1 66  ? -5.663  11.433  -10.424 1.00 15.97  ? 67   LYS A N   1 
ATOM   541  C  CA  . LYS A 1 66  ? -5.296  12.730  -10.989 1.00 17.35  ? 67   LYS A CA  1 
ATOM   542  C  C   . LYS A 1 66  ? -4.548  12.519  -12.315 1.00 17.10  ? 67   LYS A C   1 
ATOM   543  O  O   . LYS A 1 66  ? -4.850  13.167  -13.321 1.00 16.81  ? 67   LYS A O   1 
ATOM   544  C  CB  . LYS A 1 66  ? -4.434  13.507  -9.989  1.00 17.22  ? 67   LYS A CB  1 
ATOM   545  C  CG  . LYS A 1 66  ? -3.961  14.858  -10.494 1.00 22.77  ? 67   LYS A CG  1 
ATOM   546  C  CD  . LYS A 1 66  ? -3.004  15.520  -9.510  1.00 27.75  ? 67   LYS A CD  1 
ATOM   547  C  CE  . LYS A 1 66  ? -2.501  16.869  -10.046 1.00 31.46  ? 67   LYS A CE  1 
ATOM   548  N  NZ  . LYS A 1 66  ? -1.732  17.613  -9.001  1.00 34.85  ? 67   LYS A NZ  1 
ATOM   549  N  N   . MET A 1 67  ? -3.593  11.585  -12.298 1.00 16.83  ? 68   MET A N   1 
ATOM   550  C  CA  . MET A 1 67  ? -2.801  11.269  -13.489 1.00 17.12  ? 68   MET A CA  1 
ATOM   551  C  C   . MET A 1 67  ? -3.688  10.750  -14.630 1.00 16.29  ? 68   MET A C   1 
ATOM   552  O  O   . MET A 1 67  ? -3.496  11.129  -15.791 1.00 16.65  ? 68   MET A O   1 
ATOM   553  C  CB  . MET A 1 67  ? -1.711  10.252  -13.141 1.00 16.94  ? 68   MET A CB  1 
ATOM   554  C  CG  . MET A 1 67  ? -0.786  9.885   -14.333 1.00 18.26  ? 68   MET A CG  1 
ATOM   555  S  SD  . MET A 1 67  ? -1.482  8.554   -15.350 1.00 20.97  ? 68   MET A SD  1 
ATOM   556  C  CE  . MET A 1 67  ? -1.263  7.139   -14.264 1.00 18.42  ? 68   MET A CE  1 
ATOM   557  N  N   . GLN A 1 68  ? -4.644  9.883   -14.296 1.00 16.04  ? 69   GLN A N   1 
ATOM   558  C  CA  . GLN A 1 68  ? -5.594  9.325   -15.266 1.00 15.50  ? 69   GLN A CA  1 
ATOM   559  C  C   . GLN A 1 68  ? -6.287  10.472  -16.023 1.00 15.73  ? 69   GLN A C   1 
ATOM   560  O  O   . GLN A 1 68  ? -6.328  10.501  -17.268 1.00 15.33  ? 69   GLN A O   1 
ATOM   561  C  CB  . GLN A 1 68  ? -6.619  8.427   -14.539 1.00 16.16  ? 69   GLN A CB  1 
ATOM   562  C  CG  . GLN A 1 68  ? -7.673  7.747   -15.416 1.00 16.24  ? 69   GLN A CG  1 
ATOM   563  C  CD  . GLN A 1 68  ? -7.153  6.528   -16.122 1.00 19.05  ? 69   GLN A CD  1 
ATOM   564  O  OE1 . GLN A 1 68  ? -6.359  6.628   -17.062 1.00 18.57  ? 69   GLN A OE1 1 
ATOM   565  N  NE2 . GLN A 1 68  ? -7.589  5.359   -15.676 1.00 18.84  ? 69   GLN A NE2 1 
ATOM   566  N  N   . ASN A 1 69  ? -6.835  11.419  -15.266 1.00 15.15  ? 70   ASN A N   1 
ATOM   567  C  CA  . ASN A 1 69  ? -7.449  12.609  -15.879 1.00 15.56  ? 70   ASN A CA  1 
ATOM   568  C  C   . ASN A 1 69  ? -6.450  13.482  -16.662 1.00 16.28  ? 70   ASN A C   1 
ATOM   569  O  O   . ASN A 1 69  ? -6.798  14.016  -17.729 1.00 15.32  ? 70   ASN A O   1 
ATOM   570  C  CB  . ASN A 1 69  ? -8.157  13.477  -14.817 1.00 15.03  ? 70   ASN A CB  1 
ATOM   571  C  CG  . ASN A 1 69  ? -9.574  12.981  -14.464 1.00 16.02  ? 70   ASN A CG  1 
ATOM   572  O  OD1 . ASN A 1 69  ? -10.156 13.427  -13.459 1.00 18.19  ? 70   ASN A OD1 1 
ATOM   573  N  ND2 . ASN A 1 69  ? -10.145 12.116  -15.294 1.00 15.77  ? 70   ASN A ND2 1 
ATOM   574  N  N   . GLN A 1 70  ? -5.231  13.640  -16.140 1.00 16.53  ? 71   GLN A N   1 
ATOM   575  C  CA  . GLN A 1 70  ? -4.204  14.421  -16.867 1.00 17.09  ? 71   GLN A CA  1 
ATOM   576  C  C   . GLN A 1 70  ? -3.922  13.853  -18.252 1.00 16.83  ? 71   GLN A C   1 
ATOM   577  O  O   . GLN A 1 70  ? -3.663  14.605  -19.184 1.00 16.76  ? 71   GLN A O   1 
ATOM   578  C  CB  . GLN A 1 70  ? -2.896  14.496  -16.080 1.00 17.83  ? 71   GLN A CB  1 
ATOM   579  C  CG  . GLN A 1 70  ? -2.949  15.455  -14.915 1.00 21.93  ? 71   GLN A CG  1 
ATOM   580  C  CD  . GLN A 1 70  ? -1.641  15.502  -14.149 1.00 28.26  ? 71   GLN A CD  1 
ATOM   581  O  OE1 . GLN A 1 70  ? -1.101  16.578  -13.885 1.00 34.15  ? 71   GLN A OE1 1 
ATOM   582  N  NE2 . GLN A 1 70  ? -1.117  14.334  -13.796 1.00 31.22  ? 71   GLN A NE2 1 
ATOM   583  N  N   . ARG A 1 71  ? -3.971  12.526  -18.369 1.00 15.72  ? 72   ARG A N   1 
ATOM   584  C  CA  . ARG A 1 71  ? -3.683  11.847  -19.617 1.00 16.40  ? 72   ARG A CA  1 
ATOM   585  C  C   . ARG A 1 71  ? -4.917  11.701  -20.499 1.00 16.44  ? 72   ARG A C   1 
ATOM   586  O  O   . ARG A 1 71  ? -4.823  11.271  -21.648 1.00 17.56  ? 72   ARG A O   1 
ATOM   587  C  CB  . ARG A 1 71  ? -3.036  10.477  -19.369 1.00 15.59  ? 72   ARG A CB  1 
ATOM   588  C  CG  . ARG A 1 71  ? -1.661  10.527  -18.707 1.00 15.62  ? 72   ARG A CG  1 
ATOM   589  C  CD  . ARG A 1 71  ? -0.638  11.218  -19.571 1.00 15.41  ? 72   ARG A CD  1 
ATOM   590  N  NE  . ARG A 1 71  ? -0.459  10.613  -20.892 1.00 16.01  ? 72   ARG A NE  1 
ATOM   591  C  CZ  . ARG A 1 71  ? 0.325   9.568   -21.167 1.00 17.99  ? 72   ARG A CZ  1 
ATOM   592  N  NH1 . ARG A 1 71  ? 1.019   8.929   -20.203 1.00 17.37  ? 72   ARG A NH1 1 
ATOM   593  N  NH2 . ARG A 1 71  ? 0.409   9.150   -22.428 1.00 17.76  ? 72   ARG A NH2 1 
ATOM   594  N  N   . GLY A 1 72  ? -6.077  12.062  -19.975 1.00 16.84  ? 73   GLY A N   1 
ATOM   595  C  CA  . GLY A 1 72  ? -7.309  11.923  -20.739 1.00 17.13  ? 73   GLY A CA  1 
ATOM   596  C  C   . GLY A 1 72  ? -7.953  10.551  -20.674 1.00 17.72  ? 73   GLY A C   1 
ATOM   597  O  O   . GLY A 1 72  ? -8.844  10.239  -21.469 1.00 18.07  ? 73   GLY A O   1 
ATOM   598  N  N   . GLY A 1 73  ? -7.501  9.730   -19.731 1.00 17.38  ? 74   GLY A N   1 
ATOM   599  C  CA  . GLY A 1 73  ? -8.147  8.475   -19.422 1.00 17.55  ? 74   GLY A CA  1 
ATOM   600  C  C   . GLY A 1 73  ? -9.385  8.719   -18.558 1.00 17.58  ? 74   GLY A C   1 
ATOM   601  O  O   . GLY A 1 73  ? -9.623  9.831   -18.071 1.00 16.98  ? 74   GLY A O   1 
ATOM   602  N  N   . ARG A 1 74  ? -10.180 7.680   -18.369 1.00 17.43  ? 75   ARG A N   1 
ATOM   603  C  CA  . ARG A 1 74  ? -11.424 7.825   -17.630 1.00 17.82  ? 75   ARG A CA  1 
ATOM   604  C  C   . ARG A 1 74  ? -11.433 6.891   -16.437 1.00 17.83  ? 75   ARG A C   1 
ATOM   605  O  O   . ARG A 1 74  ? -11.320 5.680   -16.604 1.00 18.49  ? 75   ARG A O   1 
ATOM   606  C  CB  . ARG A 1 74  ? -12.618 7.559   -18.549 1.00 18.03  ? 75   ARG A CB  1 
ATOM   607  C  CG  . ARG A 1 74  ? -12.773 8.612   -19.671 1.00 20.26  ? 75   ARG A CG  1 
ATOM   608  C  CD  . ARG A 1 74  ? -13.082 9.983   -19.043 1.00 21.91  ? 75   ARG A CD  1 
ATOM   609  N  NE  . ARG A 1 74  ? -12.973 11.091  -20.001 1.00 24.12  ? 75   ARG A NE  1 
ATOM   610  C  CZ  . ARG A 1 74  ? -12.056 12.054  -19.937 1.00 26.31  ? 75   ARG A CZ  1 
ATOM   611  N  NH1 . ARG A 1 74  ? -11.133 12.058  -18.977 1.00 23.75  ? 75   ARG A NH1 1 
ATOM   612  N  NH2 . ARG A 1 74  ? -12.050 13.014  -20.852 1.00 27.70  ? 75   ARG A NH2 1 
ATOM   613  N  N   . ALA A 1 75  ? -11.552 7.469   -15.238 1.00 17.80  ? 76   ALA A N   1 
ATOM   614  C  CA  . ALA A 1 75  ? -11.627 6.702   -13.993 1.00 16.68  ? 76   ALA A CA  1 
ATOM   615  C  C   . ALA A 1 75  ? -12.838 5.775   -14.027 1.00 17.05  ? 76   ALA A C   1 
ATOM   616  O  O   . ALA A 1 75  ? -13.950 6.202   -14.367 1.00 16.43  ? 76   ALA A O   1 
ATOM   617  C  CB  . ALA A 1 75  ? -11.706 7.650   -12.782 1.00 17.00  ? 76   ALA A CB  1 
ATOM   618  N  N   . LEU A 1 76  ? -12.619 4.505   -13.710 1.00 16.95  ? 77   LEU A N   1 
ATOM   619  C  CA  . LEU A 1 76  ? -13.742 3.581   -13.547 1.00 17.57  ? 77   LEU A CA  1 
ATOM   620  C  C   . LEU A 1 76  ? -13.544 2.857   -12.245 1.00 17.64  ? 77   LEU A C   1 
ATOM   621  O  O   . LEU A 1 76  ? -12.548 2.144   -12.069 1.00 18.26  ? 77   LEU A O   1 
ATOM   622  C  CB  . LEU A 1 76  ? -13.828 2.573   -14.692 1.00 18.68  ? 77   LEU A CB  1 
ATOM   623  C  CG  . LEU A 1 76  ? -14.357 3.120   -16.019 1.00 21.35  ? 77   LEU A CG  1 
ATOM   624  C  CD1 . LEU A 1 76  ? -14.152 2.032   -17.094 1.00 24.70  ? 77   LEU A CD1 1 
ATOM   625  C  CD2 . LEU A 1 76  ? -15.825 3.570   -15.921 1.00 22.69  ? 77   LEU A CD2 1 
ATOM   626  N  N   . PHE A 1 77  ? -14.494 3.053   -11.343 1.00 16.23  ? 78   PHE A N   1 
ATOM   627  C  CA  . PHE A 1 77  ? -14.411 2.508   -9.995  1.00 16.73  ? 78   PHE A CA  1 
ATOM   628  C  C   . PHE A 1 77  ? -15.151 1.190   -9.919  1.00 16.96  ? 78   PHE A C   1 
ATOM   629  O  O   . PHE A 1 77  ? -16.176 0.998   -10.584 1.00 18.13  ? 78   PHE A O   1 
ATOM   630  C  CB  . PHE A 1 77  ? -14.962 3.510   -8.985  1.00 16.24  ? 78   PHE A CB  1 
ATOM   631  C  CG  . PHE A 1 77  ? -14.136 4.766   -8.894  1.00 16.66  ? 78   PHE A CG  1 
ATOM   632  C  CD1 . PHE A 1 77  ? -12.902 4.752   -8.244  1.00 19.81  ? 78   PHE A CD1 1 
ATOM   633  C  CD2 . PHE A 1 77  ? -14.568 5.951   -9.489  1.00 18.83  ? 78   PHE A CD2 1 
ATOM   634  C  CE1 . PHE A 1 77  ? -12.122 5.909   -8.173  1.00 19.62  ? 78   PHE A CE1 1 
ATOM   635  C  CE2 . PHE A 1 77  ? -13.782 7.113   -9.426  1.00 19.24  ? 78   PHE A CE2 1 
ATOM   636  C  CZ  . PHE A 1 77  ? -12.569 7.087   -8.757  1.00 20.55  ? 78   PHE A CZ  1 
ATOM   637  N  N   . GLN A 1 78  ? -14.603 0.277   -9.130  1.00 17.30  ? 79   GLN A N   1 
ATOM   638  C  CA  . GLN A 1 78  ? -15.222 -1.031  -8.916  1.00 18.87  ? 79   GLN A CA  1 
ATOM   639  C  C   . GLN A 1 78  ? -15.464 -1.250  -7.430  1.00 18.18  ? 79   GLN A C   1 
ATOM   640  O  O   . GLN A 1 78  ? -14.936 -0.525  -6.587  1.00 17.96  ? 79   GLN A O   1 
ATOM   641  C  CB  . GLN A 1 78  ? -14.324 -2.157  -9.460  1.00 19.18  ? 79   GLN A CB  1 
ATOM   642  C  CG  . GLN A 1 78  ? -13.956 -2.046  -10.964 1.00 22.74  ? 79   GLN A CG  1 
ATOM   643  C  CD  . GLN A 1 78  ? -15.147 -2.048  -11.922 1.00 28.29  ? 79   GLN A CD  1 
ATOM   644  O  OE1 . GLN A 1 78  ? -15.032 -1.553  -13.063 1.00 31.97  ? 79   GLN A OE1 1 
ATOM   645  N  NE2 . GLN A 1 78  ? -16.293 -2.601  -11.482 1.00 27.89  ? 79   GLN A NE2 1 
ATOM   646  N  N   . ASP A 1 79  ? -16.253 -2.276  -7.109  1.00 18.38  ? 80   ASP A N   1 
ATOM   647  C  CA  . ASP A 1 79  ? -16.437 -2.649  -5.714  1.00 18.38  ? 80   ASP A CA  1 
ATOM   648  C  C   . ASP A 1 79  ? -15.093 -2.815  -5.032  1.00 18.45  ? 80   ASP A C   1 
ATOM   649  O  O   . ASP A 1 79  ? -14.110 -3.267  -5.634  1.00 17.50  ? 80   ASP A O   1 
ATOM   650  C  CB  . ASP A 1 79  ? -17.262 -3.943  -5.580  1.00 18.70  ? 80   ASP A CB  1 
ATOM   651  C  CG  . ASP A 1 79  ? -18.646 -3.833  -6.191  1.00 20.10  ? 80   ASP A CG  1 
ATOM   652  O  OD1 . ASP A 1 79  ? -19.220 -2.725  -6.226  1.00 17.40  ? 80   ASP A OD1 1 
ATOM   653  O  OD2 . ASP A 1 79  ? -19.213 -4.873  -6.623  1.00 21.50  ? 80   ASP A OD2 1 
ATOM   654  N  N   . LEU A 1 80  ? -15.046 -2.414  -3.773  1.00 18.29  ? 81   LEU A N   1 
ATOM   655  C  CA  . LEU A 1 80  ? -13.859 -2.622  -2.961  1.00 19.12  ? 81   LEU A CA  1 
ATOM   656  C  C   . LEU A 1 80  ? -14.072 -3.782  -2.002  1.00 18.81  ? 81   LEU A C   1 
ATOM   657  O  O   . LEU A 1 80  ? -14.882 -3.696  -1.082  1.00 18.25  ? 81   LEU A O   1 
ATOM   658  C  CB  . LEU A 1 80  ? -13.524 -1.369  -2.150  1.00 19.56  ? 81   LEU A CB  1 
ATOM   659  C  CG  . LEU A 1 80  ? -13.016 -0.106  -2.831  1.00 23.52  ? 81   LEU A CG  1 
ATOM   660  C  CD1 . LEU A 1 80  ? -12.721 0.889   -1.737  1.00 23.75  ? 81   LEU A CD1 1 
ATOM   661  C  CD2 . LEU A 1 80  ? -11.765 -0.401  -3.623  1.00 23.44  ? 81   LEU A CD2 1 
ATOM   662  N  N   . GLN A 1 81  ? -13.323 -4.859  -2.200  1.00 18.07  ? 82   GLN A N   1 
ATOM   663  C  CA  . GLN A 1 81  ? -13.439 -5.977  -1.289  1.00 18.76  ? 82   GLN A CA  1 
ATOM   664  C  C   . GLN A 1 81  ? -12.924 -5.695  0.116   1.00 17.75  ? 82   GLN A C   1 
ATOM   665  O  O   . GLN A 1 81  ? -11.945 -4.941  0.312   1.00 16.77  ? 82   GLN A O   1 
ATOM   666  C  CB  . GLN A 1 81  ? -12.791 -7.223  -1.861  1.00 19.72  ? 82   GLN A CB  1 
ATOM   667  C  CG  . GLN A 1 81  ? -11.309 -7.215  -1.897  1.00 23.89  ? 82   GLN A CG  1 
ATOM   668  C  CD  . GLN A 1 81  ? -10.799 -8.336  -2.772  1.00 29.78  ? 82   GLN A CD  1 
ATOM   669  O  OE1 . GLN A 1 81  ? -10.518 -9.431  -2.283  1.00 31.68  ? 82   GLN A OE1 1 
ATOM   670  N  NE2 . GLN A 1 81  ? -10.729 -8.087  -4.082  1.00 29.96  ? 82   GLN A NE2 1 
ATOM   671  N  N   . LYS A 1 82  ? -13.590 -6.324  1.083   1.00 17.15  ? 83   LYS A N   1 
ATOM   672  C  CA  . LYS A 1 82  ? -13.215 -6.165  2.480   1.00 16.99  ? 83   LYS A CA  1 
ATOM   673  C  C   . LYS A 1 82  ? -11.840 -6.802  2.690   1.00 17.18  ? 83   LYS A C   1 
ATOM   674  O  O   . LYS A 1 82  ? -11.415 -7.630  1.887   1.00 16.26  ? 83   LYS A O   1 
ATOM   675  C  CB  . LYS A 1 82  ? -14.256 -6.792  3.413   1.00 17.49  ? 83   LYS A CB  1 
ATOM   676  C  CG  . LYS A 1 82  ? -14.360 -8.297  3.347   1.00 17.44  ? 83   LYS A CG  1 
ATOM   677  C  CD  . LYS A 1 82  ? -15.370 -8.778  4.374   1.00 20.69  ? 83   LYS A CD  1 
ATOM   678  C  CE  . LYS A 1 82  ? -15.240 -10.283 4.575   1.00 24.04  ? 83   LYS A CE  1 
ATOM   679  N  NZ  . LYS A 1 82  ? -16.266 -10.774 5.565   1.00 28.34  ? 83   LYS A NZ  1 
ATOM   680  N  N   . PRO A 1 83  ? -11.116 -6.367  3.733   1.00 17.29  ? 84   PRO A N   1 
ATOM   681  C  CA  . PRO A 1 83  ? -9.794  -6.950  4.058   1.00 17.61  ? 84   PRO A CA  1 
ATOM   682  C  C   . PRO A 1 83  ? -9.880  -8.451  4.299   1.00 18.50  ? 84   PRO A C   1 
ATOM   683  O  O   . PRO A 1 83  ? -10.955 -8.971  4.611   1.00 19.78  ? 84   PRO A O   1 
ATOM   684  C  CB  . PRO A 1 83  ? -9.390  -6.214  5.345   1.00 17.60  ? 84   PRO A CB  1 
ATOM   685  C  CG  . PRO A 1 83  ? -10.157 -4.892  5.247   1.00 16.26  ? 84   PRO A CG  1 
ATOM   686  C  CD  . PRO A 1 83  ? -11.488 -5.277  4.648   1.00 16.87  ? 84   PRO A CD  1 
ATOM   687  N  N   . SER A 1 84  ? -8.748  -9.128  4.158   1.00 18.90  ? 85   SER A N   1 
ATOM   688  C  CA  . SER A 1 84  ? -8.684  -10.593 4.171   1.00 20.58  ? 85   SER A CA  1 
ATOM   689  C  C   . SER A 1 84  ? -8.941  -11.176 5.561   1.00 20.25  ? 85   SER A C   1 
ATOM   690  O  O   . SER A 1 84  ? -9.251  -12.349 5.683   1.00 20.76  ? 85   SER A O   1 
ATOM   691  C  CB  . SER A 1 84  ? -7.324  -11.059 3.655   1.00 21.50  ? 85   SER A CB  1 
ATOM   692  O  OG  . SER A 1 84  ? -6.300  -10.617 4.531   1.00 25.10  ? 85   SER A OG  1 
ATOM   693  N  N   . GLN A 1 85  ? -8.817  -10.350 6.602   1.00 19.57  ? 86   GLN A N   1 
ATOM   694  C  CA  . GLN A 1 85  ? -9.029  -10.795 7.976   1.00 19.07  ? 86   GLN A CA  1 
ATOM   695  C  C   . GLN A 1 85  ? -9.864  -9.784  8.766   1.00 18.61  ? 86   GLN A C   1 
ATOM   696  O  O   . GLN A 1 85  ? -9.893  -8.613  8.422   1.00 17.95  ? 86   GLN A O   1 
ATOM   697  C  CB  . GLN A 1 85  ? -7.674  -10.995 8.678   1.00 18.90  ? 86   GLN A CB  1 
ATOM   698  C  CG  . GLN A 1 85  ? -6.806  -12.057 8.026   1.00 22.67  ? 86   GLN A CG  1 
ATOM   699  C  CD  . GLN A 1 85  ? -5.443  -12.208 8.660   1.00 27.16  ? 86   GLN A CD  1 
ATOM   700  O  OE1 . GLN A 1 85  ? -4.457  -12.456 7.964   1.00 29.95  ? 86   GLN A OE1 1 
ATOM   701  N  NE2 . GLN A 1 85  ? -5.372  -12.067 9.989   1.00 28.30  ? 86   GLN A NE2 1 
ATOM   702  N  N   . ASP A 1 86  ? -10.554 -10.260 9.806   1.00 18.29  ? 87   ASP A N   1 
ATOM   703  C  CA  . ASP A 1 86  ? -11.283 -9.378  10.724  1.00 18.70  ? 87   ASP A CA  1 
ATOM   704  C  C   . ASP A 1 86  ? -10.447 -9.085  11.971  1.00 18.90  ? 87   ASP A C   1 
ATOM   705  O  O   . ASP A 1 86  ? -10.617 -8.041  12.603  1.00 18.45  ? 87   ASP A O   1 
ATOM   706  C  CB  . ASP A 1 86  ? -12.589 -10.032 11.172  1.00 18.59  ? 87   ASP A CB  1 
ATOM   707  C  CG  . ASP A 1 86  ? -13.566 -10.240 10.021  1.00 22.50  ? 87   ASP A CG  1 
ATOM   708  O  OD1 . ASP A 1 86  ? -13.660 -9.367  9.127   1.00 21.23  ? 87   ASP A OD1 1 
ATOM   709  O  OD2 . ASP A 1 86  ? -14.251 -11.288 10.029  1.00 23.87  ? 87   ASP A OD2 1 
ATOM   710  N  N   . GLU A 1 87  ? -9.586  -10.037 12.331  1.00 18.22  ? 88   GLU A N   1 
ATOM   711  C  CA  . GLU A 1 87  ? -8.678  -9.896  13.485  1.00 19.39  ? 88   GLU A CA  1 
ATOM   712  C  C   . GLU A 1 87  ? -7.266  -10.169 12.992  1.00 18.89  ? 88   GLU A C   1 
ATOM   713  O  O   . GLU A 1 87  ? -7.074  -11.041 12.137  1.00 18.91  ? 88   GLU A O   1 
ATOM   714  C  CB  . GLU A 1 87  ? -9.058  -10.889 14.589  1.00 19.70  ? 88   GLU A CB  1 
ATOM   715  C  CG  . GLU A 1 87  ? -10.449 -10.648 15.106  1.00 22.50  ? 88   GLU A CG  1 
ATOM   716  C  CD  . GLU A 1 87  ? -10.791 -11.506 16.311  1.00 27.03  ? 88   GLU A CD  1 
ATOM   717  O  OE1 . GLU A 1 87  ? -10.596 -12.740 16.242  1.00 29.31  ? 88   GLU A OE1 1 
ATOM   718  O  OE2 . GLU A 1 87  ? -11.284 -10.938 17.307  1.00 26.90  ? 88   GLU A OE2 1 
ATOM   719  N  N   . TRP A 1 88  ? -6.283  -9.438  13.505  1.00 18.78  ? 89   TRP A N   1 
ATOM   720  C  CA  . TRP A 1 88  ? -4.955  -9.501  12.903  1.00 17.72  ? 89   TRP A CA  1 
ATOM   721  C  C   . TRP A 1 88  ? -3.850  -10.100 13.770  1.00 18.84  ? 89   TRP A C   1 
ATOM   722  O  O   . TRP A 1 88  ? -2.672  -10.089 13.377  1.00 18.07  ? 89   TRP A O   1 
ATOM   723  C  CB  . TRP A 1 88  ? -4.566  -8.122  12.356  1.00 18.43  ? 89   TRP A CB  1 
ATOM   724  C  CG  . TRP A 1 88  ? -5.539  -7.600  11.316  1.00 16.21  ? 89   TRP A CG  1 
ATOM   725  C  CD1 . TRP A 1 88  ? -6.631  -6.779  11.531  1.00 16.33  ? 89   TRP A CD1 1 
ATOM   726  C  CD2 . TRP A 1 88  ? -5.509  -7.866  9.904   1.00 15.64  ? 89   TRP A CD2 1 
ATOM   727  N  NE1 . TRP A 1 88  ? -7.260  -6.516  10.339  1.00 16.02  ? 89   TRP A NE1 1 
ATOM   728  C  CE2 . TRP A 1 88  ? -6.598  -7.165  9.325   1.00 17.10  ? 89   TRP A CE2 1 
ATOM   729  C  CE3 . TRP A 1 88  ? -4.651  -8.611  9.070   1.00 16.73  ? 89   TRP A CE3 1 
ATOM   730  C  CZ2 . TRP A 1 88  ? -6.873  -7.202  7.941   1.00 17.46  ? 89   TRP A CZ2 1 
ATOM   731  C  CZ3 . TRP A 1 88  ? -4.922  -8.649  7.687   1.00 17.26  ? 89   TRP A CZ3 1 
ATOM   732  C  CH2 . TRP A 1 88  ? -6.030  -7.935  7.144   1.00 16.12  ? 89   TRP A CH2 1 
ATOM   733  N  N   . GLY A 1 89  ? -4.228  -10.633 14.939  1.00 18.58  ? 90   GLY A N   1 
ATOM   734  C  CA  . GLY A 1 89  ? -3.274  -11.378 15.770  1.00 18.92  ? 90   GLY A CA  1 
ATOM   735  C  C   . GLY A 1 89  ? -2.233  -10.479 16.426  1.00 18.90  ? 90   GLY A C   1 
ATOM   736  O  O   . GLY A 1 89  ? -2.528  -9.380  16.908  1.00 19.29  ? 90   GLY A O   1 
ATOM   737  N  N   . THR A 1 90  ? -0.998  -10.938 16.445  1.00 18.81  ? 91   THR A N   1 
ATOM   738  C  CA  . THR A 1 90  ? 0.058   -10.175 17.102  1.00 18.43  ? 91   THR A CA  1 
ATOM   739  C  C   . THR A 1 90  ? 0.610   -9.086  16.174  1.00 18.03  ? 91   THR A C   1 
ATOM   740  O  O   . THR A 1 90  ? 0.292   -9.041  14.975  1.00 16.92  ? 91   THR A O   1 
ATOM   741  C  CB  . THR A 1 90  ? 1.226   -11.086 17.501  1.00 18.88  ? 91   THR A CB  1 
ATOM   742  O  OG1 . THR A 1 90  ? 1.777   -11.678 16.326  1.00 19.37  ? 91   THR A OG1 1 
ATOM   743  C  CG2 . THR A 1 90  ? 0.785   -12.170 18.458  1.00 20.40  ? 91   THR A CG2 1 
ATOM   744  N  N   . THR A 1 91  ? 1.451   -8.216  16.726  1.00 16.81  ? 92   THR A N   1 
ATOM   745  C  CA  . THR A 1 91  ? 2.159   -7.216  15.923  1.00 17.15  ? 92   THR A CA  1 
ATOM   746  C  C   . THR A 1 91  ? 2.939   -7.906  14.811  1.00 17.04  ? 92   THR A C   1 
ATOM   747  O  O   . THR A 1 91  ? 2.938   -7.469  13.669  1.00 16.97  ? 92   THR A O   1 
ATOM   748  C  CB  . THR A 1 91  ? 3.099   -6.371  16.809  1.00 17.12  ? 92   THR A CB  1 
ATOM   749  O  OG1 . THR A 1 91  ? 2.331   -5.765  17.858  1.00 17.37  ? 92   THR A OG1 1 
ATOM   750  C  CG2 . THR A 1 91  ? 3.775   -5.269  15.986  1.00 18.63  ? 92   THR A CG2 1 
ATOM   751  N  N   . LEU A 1 92  ? 3.583   -9.015  15.161  1.00 16.86  ? 93   LEU A N   1 
ATOM   752  C  CA  . LEU A 1 92  ? 4.331   -9.801  14.203  1.00 17.25  ? 93   LEU A CA  1 
ATOM   753  C  C   . LEU A 1 92  ? 3.423   -10.291 13.061  1.00 17.35  ? 93   LEU A C   1 
ATOM   754  O  O   . LEU A 1 92  ? 3.766   -10.103 11.887  1.00 17.89  ? 93   LEU A O   1 
ATOM   755  C  CB  . LEU A 1 92  ? 4.995   -10.979 14.910  1.00 17.47  ? 93   LEU A CB  1 
ATOM   756  C  CG  . LEU A 1 92  ? 5.830   -11.939 14.065  1.00 19.05  ? 93   LEU A CG  1 
ATOM   757  C  CD1 . LEU A 1 92  ? 6.890   -11.182 13.263  1.00 18.33  ? 93   LEU A CD1 1 
ATOM   758  C  CD2 . LEU A 1 92  ? 6.462   -13.025 14.929  1.00 21.62  ? 93   LEU A CD2 1 
ATOM   759  N  N   . ASP A 1 93  ? 2.274   -10.893 13.405  1.00 17.94  ? 94   ASP A N   1 
ATOM   760  C  CA  . ASP A 1 93  ? 1.312   -11.374 12.403  1.00 17.69  ? 94   ASP A CA  1 
ATOM   761  C  C   . ASP A 1 93  ? 0.924   -10.247 11.454  1.00 17.61  ? 94   ASP A C   1 
ATOM   762  O  O   . ASP A 1 93  ? 0.908   -10.430 10.234  1.00 17.06  ? 94   ASP A O   1 
ATOM   763  C  CB  . ASP A 1 93  ? 0.029   -11.896 13.064  1.00 18.97  ? 94   ASP A CB  1 
ATOM   764  C  CG  . ASP A 1 93  ? 0.223   -13.210 13.803  1.00 20.59  ? 94   ASP A CG  1 
ATOM   765  O  OD1 . ASP A 1 93  ? 1.083   -14.024 13.395  1.00 22.41  ? 94   ASP A OD1 1 
ATOM   766  O  OD2 . ASP A 1 93  ? -0.529  -13.442 14.785  1.00 21.59  ? 94   ASP A OD2 1 
ATOM   767  N  N   . ALA A 1 94  ? 0.600   -9.092  12.036  1.00 16.68  ? 95   ALA A N   1 
ATOM   768  C  CA  . ALA A 1 94  ? 0.161   -7.909  11.299  1.00 17.24  ? 95   ALA A CA  1 
ATOM   769  C  C   . ALA A 1 94  ? 1.259   -7.390  10.362  1.00 16.99  ? 95   ALA A C   1 
ATOM   770  O  O   . ALA A 1 94  ? 1.007   -7.152  9.179   1.00 17.09  ? 95   ALA A O   1 
ATOM   771  C  CB  . ALA A 1 94  ? -0.288  -6.807  12.280  1.00 16.20  ? 95   ALA A CB  1 
ATOM   772  N  N   . MET A 1 95  ? 2.476   -7.237  10.885  1.00 16.78  ? 96   MET A N   1 
ATOM   773  C  CA  . MET A 1 95  ? 3.596   -6.779  10.071  1.00 17.02  ? 96   MET A CA  1 
ATOM   774  C  C   . MET A 1 95  ? 3.886   -7.750  8.917   1.00 17.28  ? 96   MET A C   1 
ATOM   775  O  O   . MET A 1 95  ? 4.187   -7.322  7.797   1.00 17.39  ? 96   MET A O   1 
ATOM   776  C  CB  . MET A 1 95  ? 4.844   -6.555  10.943  1.00 15.99  ? 96   MET A CB  1 
ATOM   777  C  CG  . MET A 1 95  ? 5.889   -5.629  10.292  1.00 18.88  ? 96   MET A CG  1 
ATOM   778  S  SD  . MET A 1 95  ? 5.311   -3.920  10.055  1.00 21.75  ? 96   MET A SD  1 
ATOM   779  C  CE  . MET A 1 95  ? 5.184   -3.331  11.736  1.00 20.40  ? 96   MET A CE  1 
ATOM   780  N  N   . LYS A 1 96  ? 3.755   -9.053  9.178   1.00 17.59  ? 97   LYS A N   1 
ATOM   781  C  CA  . LYS A 1 96  ? 3.892   -10.077 8.118   1.00 18.64  ? 97   LYS A CA  1 
ATOM   782  C  C   . LYS A 1 96  ? 2.852   -9.855  7.009   1.00 18.29  ? 97   LYS A C   1 
ATOM   783  O  O   . LYS A 1 96  ? 3.191   -9.851  5.829   1.00 18.14  ? 97   LYS A O   1 
ATOM   784  C  CB  . LYS A 1 96  ? 3.731   -11.483 8.699   1.00 19.44  ? 97   LYS A CB  1 
ATOM   785  C  CG  . LYS A 1 96  ? 4.965   -12.039 9.438   1.00 22.56  ? 97   LYS A CG  1 
ATOM   786  C  CD  . LYS A 1 96  ? 4.583   -13.339 10.158  1.00 26.11  ? 97   LYS A CD  1 
ATOM   787  C  CE  . LYS A 1 96  ? 5.732   -13.950 10.954  1.00 31.02  ? 97   LYS A CE  1 
ATOM   788  N  NZ  . LYS A 1 96  ? 6.675   -14.721 10.108  1.00 34.89  ? 97   LYS A NZ  1 
ATOM   789  N  N   . ALA A 1 97  ? 1.597   -9.639  7.405   1.00 17.15  ? 98   ALA A N   1 
ATOM   790  C  CA  . ALA A 1 97  ? 0.520   -9.409  6.438   1.00 17.39  ? 98   ALA A CA  1 
ATOM   791  C  C   . ALA A 1 97  ? 0.768   -8.107  5.683   1.00 17.20  ? 98   ALA A C   1 
ATOM   792  O  O   . ALA A 1 97  ? 0.512   -8.030  4.486   1.00 17.13  ? 98   ALA A O   1 
ATOM   793  C  CB  . ALA A 1 97  ? -0.836  -9.390  7.138   1.00 17.42  ? 98   ALA A CB  1 
ATOM   794  N  N   . ALA A 1 98  ? 1.274   -7.096  6.382   1.00 16.53  ? 99   ALA A N   1 
ATOM   795  C  CA  . ALA A 1 98  ? 1.586   -5.811  5.757   1.00 17.06  ? 99   ALA A CA  1 
ATOM   796  C  C   . ALA A 1 98  ? 2.672   -5.935  4.681   1.00 17.50  ? 99   ALA A C   1 
ATOM   797  O  O   . ALA A 1 98  ? 2.539   -5.372  3.594   1.00 16.57  ? 99   ALA A O   1 
ATOM   798  C  CB  . ALA A 1 98  ? 1.984   -4.773  6.817   1.00 17.09  ? 99   ALA A CB  1 
ATOM   799  N  N   . ILE A 1 99  ? 3.750   -6.665  4.973   1.00 17.41  ? 100  ILE A N   1 
ATOM   800  C  CA  . ILE A 1 99  ? 4.819   -6.801  3.973   1.00 18.03  ? 100  ILE A CA  1 
ATOM   801  C  C   . ILE A 1 99  ? 4.333   -7.595  2.740   1.00 18.10  ? 100  ILE A C   1 
ATOM   802  O  O   . ILE A 1 99  ? 4.680   -7.245  1.605   1.00 18.09  ? 100  ILE A O   1 
ATOM   803  C  CB  . ILE A 1 99  ? 6.136   -7.349  4.583   1.00 18.28  ? 100  ILE A CB  1 
ATOM   804  C  CG1 . ILE A 1 99  ? 7.341   -6.944  3.716   1.00 20.23  ? 100  ILE A CG1 1 
ATOM   805  C  CG2 . ILE A 1 99  ? 6.051   -8.830  4.788   1.00 20.21  ? 100  ILE A CG2 1 
ATOM   806  C  CD1 . ILE A 1 99  ? 8.702   -7.185  4.385   1.00 22.00  ? 100  ILE A CD1 1 
ATOM   807  N  N   . VAL A 1 100 ? 3.502   -8.612  2.962   1.00 17.57  ? 101  VAL A N   1 
ATOM   808  C  CA  . VAL A 1 100 ? 2.833   -9.340  1.866   1.00 18.24  ? 101  VAL A CA  1 
ATOM   809  C  C   . VAL A 1 100 ? 2.012   -8.388  0.985   1.00 17.98  ? 101  VAL A C   1 
ATOM   810  O  O   . VAL A 1 100 ? 2.102   -8.436  -0.254  1.00 18.24  ? 101  VAL A O   1 
ATOM   811  C  CB  . VAL A 1 100 ? 1.948   -10.527 2.380   1.00 18.50  ? 101  VAL A CB  1 
ATOM   812  C  CG1 . VAL A 1 100 ? 1.049   -11.078 1.266   1.00 20.49  ? 101  VAL A CG1 1 
ATOM   813  C  CG2 . VAL A 1 100 ? 2.845   -11.660 2.936   1.00 18.24  ? 101  VAL A CG2 1 
ATOM   814  N  N   . LEU A 1 101 ? 1.217   -7.541  1.634   1.00 17.09  ? 102  LEU A N   1 
ATOM   815  C  CA  . LEU A 1 101 ? 0.423   -6.532  0.953   1.00 16.98  ? 102  LEU A CA  1 
ATOM   816  C  C   . LEU A 1 101 ? 1.303   -5.568  0.147   1.00 16.84  ? 102  LEU A C   1 
ATOM   817  O  O   . LEU A 1 101 ? 1.024   -5.294  -1.026  1.00 15.86  ? 102  LEU A O   1 
ATOM   818  C  CB  . LEU A 1 101 ? -0.429  -5.753  1.972   1.00 17.12  ? 102  LEU A CB  1 
ATOM   819  C  CG  . LEU A 1 101 ? -1.376  -4.668  1.456   1.00 18.88  ? 102  LEU A CG  1 
ATOM   820  C  CD1 . LEU A 1 101 ? -2.286  -5.248  0.359   1.00 23.21  ? 102  LEU A CD1 1 
ATOM   821  C  CD2 . LEU A 1 101 ? -2.194  -4.045  2.610   1.00 19.60  ? 102  LEU A CD2 1 
ATOM   822  N  N   . GLU A 1 102 ? 2.363   -5.045  0.764   1.00 16.39  ? 103  GLU A N   1 
ATOM   823  C  CA  . GLU A 1 102 ? 3.237   -4.106  0.051   1.00 17.09  ? 103  GLU A CA  1 
ATOM   824  C  C   . GLU A 1 102 ? 3.953   -4.726  -1.160  1.00 17.45  ? 103  GLU A C   1 
ATOM   825  O  O   . GLU A 1 102 ? 4.092   -4.079  -2.212  1.00 17.04  ? 103  GLU A O   1 
ATOM   826  C  CB  . GLU A 1 102 ? 4.262   -3.475  1.002   1.00 17.08  ? 103  GLU A CB  1 
ATOM   827  C  CG  . GLU A 1 102 ? 3.620   -2.562  2.018   1.00 17.53  ? 103  GLU A CG  1 
ATOM   828  C  CD  . GLU A 1 102 ? 2.768   -1.469  1.392   1.00 20.63  ? 103  GLU A CD  1 
ATOM   829  O  OE1 . GLU A 1 102 ? 3.142   -0.912  0.337   1.00 21.60  ? 103  GLU A OE1 1 
ATOM   830  O  OE2 . GLU A 1 102 ? 1.745   -1.119  1.985   1.00 20.74  ? 103  GLU A OE2 1 
ATOM   831  N  N   . LYS A 1 103 ? 4.409   -5.960  -1.004  1.00 17.82  ? 104  LYS A N   1 
ATOM   832  C  CA  . LYS A 1 103 ? 4.986   -6.694  -2.123  1.00 18.61  ? 104  LYS A CA  1 
ATOM   833  C  C   . LYS A 1 103 ? 4.009   -6.869  -3.280  1.00 18.57  ? 104  LYS A C   1 
ATOM   834  O  O   . LYS A 1 103 ? 4.418   -6.765  -4.442  1.00 18.12  ? 104  LYS A O   1 
ATOM   835  C  CB  . LYS A 1 103 ? 5.498   -8.048  -1.681  1.00 19.52  ? 104  LYS A CB  1 
ATOM   836  C  CG  . LYS A 1 103 ? 6.791   -7.962  -0.903  1.00 23.19  ? 104  LYS A CG  1 
ATOM   837  C  CD  . LYS A 1 103 ? 7.061   -9.326  -0.315  1.00 28.49  ? 104  LYS A CD  1 
ATOM   838  C  CE  . LYS A 1 103 ? 8.519   -9.668  -0.327  1.00 31.48  ? 104  LYS A CE  1 
ATOM   839  N  NZ  . LYS A 1 103 ? 8.680   -10.773 0.638   1.00 34.66  ? 104  LYS A NZ  1 
ATOM   840  N  N   . SER A 1 104 ? 2.737   -7.135  -2.975  1.00 18.10  ? 105  SER A N   1 
ATOM   841  C  CA  . SER A 1 104 ? 1.718   -7.235  -4.035  1.00 18.20  ? 105  SER A CA  1 
ATOM   842  C  C   . SER A 1 104 ? 1.504   -5.885  -4.747  1.00 17.51  ? 105  SER A C   1 
ATOM   843  O  O   . SER A 1 104 ? 1.368   -5.845  -5.971  1.00 18.06  ? 105  SER A O   1 
ATOM   844  C  CB  . SER A 1 104 ? 0.409   -7.824  -3.492  1.00 18.93  ? 105  SER A CB  1 
ATOM   845  O  OG  . SER A 1 104 ? -0.345  -6.826  -2.826  1.00 21.39  ? 105  SER A OG  1 
ATOM   846  N  N   . LEU A 1 105 ? 1.512   -4.779  -3.989  1.00 17.30  ? 106  LEU A N   1 
ATOM   847  C  CA  . LEU A 1 105 ? 1.393   -3.449  -4.588  1.00 16.82  ? 106  LEU A CA  1 
ATOM   848  C  C   . LEU A 1 105 ? 2.625   -3.182  -5.451  1.00 16.85  ? 106  LEU A C   1 
ATOM   849  O  O   . LEU A 1 105 ? 2.508   -2.688  -6.578  1.00 16.61  ? 106  LEU A O   1 
ATOM   850  C  CB  . LEU A 1 105 ? 1.266   -2.365  -3.510  1.00 17.18  ? 106  LEU A CB  1 
ATOM   851  C  CG  . LEU A 1 105 ? -0.053  -2.284  -2.731  1.00 19.16  ? 106  LEU A CG  1 
ATOM   852  C  CD1 . LEU A 1 105 ? 0.022   -1.132  -1.711  1.00 19.20  ? 106  LEU A CD1 1 
ATOM   853  C  CD2 . LEU A 1 105 ? -1.230  -2.068  -3.668  1.00 21.73  ? 106  LEU A CD2 1 
ATOM   854  N  N   . ASN A 1 106 ? 3.796   -3.528  -4.914  1.00 17.05  ? 107  ASN A N   1 
ATOM   855  C  CA  . ASN A 1 106 ? 5.061   -3.316  -5.625  1.00 17.37  ? 107  ASN A CA  1 
ATOM   856  C  C   . ASN A 1 106 ? 5.048   -4.076  -6.953  1.00 16.58  ? 107  ASN A C   1 
ATOM   857  O  O   . ASN A 1 106 ? 5.388   -3.515  -8.005  1.00 16.79  ? 107  ASN A O   1 
ATOM   858  C  CB  . ASN A 1 106 ? 6.248   -3.745  -4.754  1.00 18.08  ? 107  ASN A CB  1 
ATOM   859  C  CG  . ASN A 1 106 ? 7.578   -3.223  -5.281  1.00 18.20  ? 107  ASN A CG  1 
ATOM   860  O  OD1 . ASN A 1 106 ? 8.612   -3.888  -5.146  1.00 22.28  ? 107  ASN A OD1 1 
ATOM   861  N  ND2 . ASN A 1 106 ? 7.558   -2.046  -5.870  1.00 19.11  ? 107  ASN A ND2 1 
ATOM   862  N  N   . GLN A 1 107 ? 4.631   -5.339  -6.906  1.00 16.71  ? 108  GLN A N   1 
ATOM   863  C  CA  . GLN A 1 107 ? 4.551   -6.167  -8.126  1.00 16.68  ? 108  GLN A CA  1 
ATOM   864  C  C   . GLN A 1 107 ? 3.581   -5.554  -9.138  1.00 17.03  ? 108  GLN A C   1 
ATOM   865  O  O   . GLN A 1 107 ? 3.845   -5.534  -10.355 1.00 15.64  ? 108  GLN A O   1 
ATOM   866  C  CB  . GLN A 1 107 ? 4.136   -7.603  -7.824  1.00 17.46  ? 108  GLN A CB  1 
ATOM   867  C  CG  . GLN A 1 107 ? 4.339   -8.528  -9.028  1.00 19.55  ? 108  GLN A CG  1 
ATOM   868  C  CD  . GLN A 1 107 ? 5.781   -8.479  -9.521  1.00 22.40  ? 108  GLN A CD  1 
ATOM   869  O  OE1 . GLN A 1 107 ? 6.720   -8.732  -8.755  1.00 23.24  ? 108  GLN A OE1 1 
ATOM   870  N  NE2 . GLN A 1 107 ? 5.968   -8.116  -10.785 1.00 21.21  ? 108  GLN A NE2 1 
ATOM   871  N  N   . ALA A 1 108 ? 2.447   -5.065  -8.640  1.00 16.18  ? 109  ALA A N   1 
ATOM   872  C  CA  . ALA A 1 108 ? 1.496   -4.378  -9.515  1.00 16.69  ? 109  ALA A CA  1 
ATOM   873  C  C   . ALA A 1 108 ? 2.122   -3.124  -10.172 1.00 16.80  ? 109  ALA A C   1 
ATOM   874  O  O   . ALA A 1 108 ? 1.903   -2.873  -11.365 1.00 16.29  ? 109  ALA A O   1 
ATOM   875  C  CB  . ALA A 1 108 ? 0.229   -4.037  -8.758  1.00 16.47  ? 109  ALA A CB  1 
ATOM   876  N  N   . LEU A 1 109 ? 2.893   -2.343  -9.400  1.00 16.83  ? 110  LEU A N   1 
ATOM   877  C  CA  . LEU A 1 109 ? 3.625   -1.200  -9.958  1.00 16.91  ? 110  LEU A CA  1 
ATOM   878  C  C   . LEU A 1 109 ? 4.611   -1.647  -11.032 1.00 16.64  ? 110  LEU A C   1 
ATOM   879  O  O   . LEU A 1 109 ? 4.681   -1.042  -12.095 1.00 16.58  ? 110  LEU A O   1 
ATOM   880  C  CB  . LEU A 1 109 ? 4.365   -0.437  -8.854  1.00 17.09  ? 110  LEU A CB  1 
ATOM   881  C  CG  . LEU A 1 109 ? 3.493   0.312   -7.840  1.00 18.73  ? 110  LEU A CG  1 
ATOM   882  C  CD1 . LEU A 1 109 ? 4.351   0.772   -6.675  1.00 21.47  ? 110  LEU A CD1 1 
ATOM   883  C  CD2 . LEU A 1 109 ? 2.835   1.507   -8.514  1.00 20.95  ? 110  LEU A CD2 1 
ATOM   884  N  N   . LEU A 1 110 ? 5.367   -2.709  -10.752 1.00 16.72  ? 111  LEU A N   1 
ATOM   885  C  CA  . LEU A 1 110 ? 6.339   -3.221  -11.717 1.00 16.75  ? 111  LEU A CA  1 
ATOM   886  C  C   . LEU A 1 110 ? 5.656   -3.720  -12.993 1.00 17.34  ? 111  LEU A C   1 
ATOM   887  O  O   . LEU A 1 110 ? 6.164   -3.497  -14.103 1.00 18.18  ? 111  LEU A O   1 
ATOM   888  C  CB  . LEU A 1 110 ? 7.178   -4.334  -11.075 1.00 17.19  ? 111  LEU A CB  1 
ATOM   889  C  CG  . LEU A 1 110 ? 8.033   -3.883  -9.876  1.00 16.23  ? 111  LEU A CG  1 
ATOM   890  C  CD1 . LEU A 1 110 ? 8.642   -5.096  -9.205  1.00 20.53  ? 111  LEU A CD1 1 
ATOM   891  C  CD2 . LEU A 1 110 ? 9.118   -2.854  -10.273 1.00 19.95  ? 111  LEU A CD2 1 
ATOM   892  N  N   . ASP A 1 111 ? 4.526   -4.405  -12.841 1.00 17.86  ? 112  ASP A N   1 
ATOM   893  C  CA  . ASP A 1 111 ? 3.753   -4.878  -14.006 1.00 18.81  ? 112  ASP A CA  1 
ATOM   894  C  C   . ASP A 1 111 ? 3.276   -3.702  -14.856 1.00 18.86  ? 112  ASP A C   1 
ATOM   895  O  O   . ASP A 1 111 ? 3.342   -3.738  -16.098 1.00 18.51  ? 112  ASP A O   1 
ATOM   896  C  CB  . ASP A 1 111 ? 2.548   -5.699  -13.560 1.00 19.28  ? 112  ASP A CB  1 
ATOM   897  C  CG  . ASP A 1 111 ? 2.932   -7.018  -12.922 1.00 21.53  ? 112  ASP A CG  1 
ATOM   898  O  OD1 . ASP A 1 111 ? 4.102   -7.439  -12.997 1.00 22.12  ? 112  ASP A OD1 1 
ATOM   899  O  OD2 . ASP A 1 111 ? 2.031   -7.644  -12.335 1.00 24.69  ? 112  ASP A OD2 1 
ATOM   900  N  N   . LEU A 1 112 ? 2.784   -2.659  -14.189 1.00 18.86  ? 113  LEU A N   1 
ATOM   901  C  CA  . LEU A 1 112 ? 2.344   -1.465  -14.896 1.00 19.12  ? 113  LEU A CA  1 
ATOM   902  C  C   . LEU A 1 112 ? 3.517   -0.768  -15.601 1.00 19.82  ? 113  LEU A C   1 
ATOM   903  O  O   . LEU A 1 112 ? 3.375   -0.311  -16.745 1.00 19.90  ? 113  LEU A O   1 
ATOM   904  C  CB  . LEU A 1 112 ? 1.610   -0.504  -13.951 1.00 18.53  ? 113  LEU A CB  1 
ATOM   905  C  CG  . LEU A 1 112 ? 1.057   0.755   -14.621 1.00 19.44  ? 113  LEU A CG  1 
ATOM   906  C  CD1 . LEU A 1 112 ? 0.140   0.401   -15.786 1.00 19.78  ? 113  LEU A CD1 1 
ATOM   907  C  CD2 . LEU A 1 112 ? 0.348   1.589   -13.561 1.00 20.71  ? 113  LEU A CD2 1 
ATOM   908  N  N   . HIS A 1 113 ? 4.675   -0.712  -14.939 1.00 19.72  ? 114  HIS A N   1 
ATOM   909  C  CA  . HIS A 1 113 ? 5.867   -0.177  -15.584 1.00 20.98  ? 114  HIS A CA  1 
ATOM   910  C  C   . HIS A 1 113 ? 6.223   -0.968  -16.843 1.00 20.32  ? 114  HIS A C   1 
ATOM   911  O  O   . HIS A 1 113 ? 6.550   -0.380  -17.879 1.00 20.56  ? 114  HIS A O   1 
ATOM   912  C  CB  . HIS A 1 113 ? 7.085   -0.105  -14.651 1.00 20.92  ? 114  HIS A CB  1 
ATOM   913  C  CG  . HIS A 1 113 ? 8.295   0.445   -15.344 1.00 23.74  ? 114  HIS A CG  1 
ATOM   914  N  ND1 . HIS A 1 113 ? 9.170   -0.353  -16.053 1.00 26.21  ? 114  HIS A ND1 1 
ATOM   915  C  CD2 . HIS A 1 113 ? 8.715   1.720   -15.523 1.00 25.84  ? 114  HIS A CD2 1 
ATOM   916  C  CE1 . HIS A 1 113 ? 10.096  0.407   -16.609 1.00 25.89  ? 114  HIS A CE1 1 
ATOM   917  N  NE2 . HIS A 1 113 ? 9.845   1.670   -16.301 1.00 25.32  ? 114  HIS A NE2 1 
ATOM   918  N  N   . ALA A 1 114 ? 6.155   -2.291  -16.749 1.00 20.15  ? 115  ALA A N   1 
ATOM   919  C  CA  . ALA A 1 114 ? 6.490   -3.151  -17.880 1.00 20.69  ? 115  ALA A CA  1 
ATOM   920  C  C   . ALA A 1 114 ? 5.546   -2.864  -19.046 1.00 20.74  ? 115  ALA A C   1 
ATOM   921  O  O   . ALA A 1 114 ? 5.993   -2.744  -20.199 1.00 21.45  ? 115  ALA A O   1 
ATOM   922  C  CB  . ALA A 1 114 ? 6.419   -4.616  -17.482 1.00 20.07  ? 115  ALA A CB  1 
ATOM   923  N  N   . LEU A 1 115 ? 4.255   -2.746  -18.723 1.00 20.57  ? 116  LEU A N   1 
ATOM   924  C  CA  . LEU A 1 115 ? 3.208   -2.420  -19.681 1.00 21.83  ? 116  LEU A CA  1 
ATOM   925  C  C   . LEU A 1 115 ? 3.514   -1.079  -20.350 1.00 21.82  ? 116  LEU A C   1 
ATOM   926  O  O   . LEU A 1 115 ? 3.506   -0.976  -21.583 1.00 22.96  ? 116  LEU A O   1 
ATOM   927  C  CB  . LEU A 1 115 ? 1.824   -2.411  -19.010 1.00 21.30  ? 116  LEU A CB  1 
ATOM   928  C  CG  . LEU A 1 115 ? 0.636   -2.147  -19.942 1.00 23.07  ? 116  LEU A CG  1 
ATOM   929  C  CD1 . LEU A 1 115 ? 0.475   -3.214  -21.032 1.00 23.42  ? 116  LEU A CD1 1 
ATOM   930  C  CD2 . LEU A 1 115 ? -0.663  -2.005  -19.164 1.00 22.79  ? 116  LEU A CD2 1 
ATOM   931  N  N   . GLY A 1 116 ? 3.819   -0.069  -19.540 1.00 22.66  ? 117  GLY A N   1 
ATOM   932  C  CA  . GLY A 1 116 ? 4.231   1.249   -20.056 1.00 23.37  ? 117  GLY A CA  1 
ATOM   933  C  C   . GLY A 1 116 ? 5.431   1.202   -20.990 1.00 23.99  ? 117  GLY A C   1 
ATOM   934  O  O   . GLY A 1 116 ? 5.430   1.864   -22.049 1.00 23.90  ? 117  GLY A O   1 
ATOM   935  N  N   . SER A 1 117 ? 6.455   0.428   -20.617 1.00 24.45  ? 118  SER A N   1 
ATOM   936  C  CA  . SER A 1 117 ? 7.614   0.216   -21.499 1.00 25.41  ? 118  SER A CA  1 
ATOM   937  C  C   . SER A 1 117 ? 7.191   -0.408  -22.829 1.00 24.71  ? 118  SER A C   1 
ATOM   938  O  O   . SER A 1 117 ? 7.597   0.070   -23.894 1.00 24.55  ? 118  SER A O   1 
ATOM   939  C  CB  . SER A 1 117 ? 8.685   -0.660  -20.851 1.00 25.94  ? 118  SER A CB  1 
ATOM   940  O  OG  . SER A 1 117 ? 9.144   -0.084  -19.647 1.00 30.01  ? 118  SER A OG  1 
ATOM   941  N  N   . ALA A 1 118 ? 6.379   -1.459  -22.759 1.00 24.18  ? 119  ALA A N   1 
ATOM   942  C  CA  . ALA A 1 118 ? 5.869   -2.145  -23.960 1.00 24.99  ? 119  ALA A CA  1 
ATOM   943  C  C   . ALA A 1 118 ? 5.073   -1.189  -24.861 1.00 25.07  ? 119  ALA A C   1 
ATOM   944  O  O   . ALA A 1 118 ? 5.132   -1.287  -26.101 1.00 24.87  ? 119  ALA A O   1 
ATOM   945  C  CB  . ALA A 1 118 ? 5.023   -3.345  -23.570 1.00 25.37  ? 119  ALA A CB  1 
ATOM   946  N  N   . GLN A 1 119 ? 4.315   -0.284  -24.245 1.00 24.79  ? 120  GLN A N   1 
ATOM   947  C  CA  . GLN A 1 119 ? 3.555   0.714   -25.012 1.00 25.12  ? 120  GLN A CA  1 
ATOM   948  C  C   . GLN A 1 119 ? 4.323   1.991   -25.335 1.00 24.24  ? 120  GLN A C   1 
ATOM   949  O  O   . GLN A 1 119 ? 3.752   2.930   -25.914 1.00 23.59  ? 120  GLN A O   1 
ATOM   950  C  CB  . GLN A 1 119 ? 2.205   1.035   -24.382 1.00 25.69  ? 120  GLN A CB  1 
ATOM   951  C  CG  . GLN A 1 119 ? 1.047   0.454   -25.212 1.00 31.93  ? 120  GLN A CG  1 
ATOM   952  C  CD  . GLN A 1 119 ? 0.613   -0.835  -24.632 1.00 35.00  ? 120  GLN A CD  1 
ATOM   953  O  OE1 . GLN A 1 119 ? 0.177   -1.762  -25.331 1.00 33.40  ? 120  GLN A OE1 1 
ATOM   954  N  NE2 . GLN A 1 119 ? 0.748   -0.927  -23.315 1.00 37.83  ? 120  GLN A NE2 1 
ATOM   955  N  N   . ALA A 1 120 ? 5.611   2.020   -24.986 1.00 23.39  ? 121  ALA A N   1 
ATOM   956  C  CA  . ALA A 1 120 ? 6.467   3.188   -25.216 1.00 22.65  ? 121  ALA A CA  1 
ATOM   957  C  C   . ALA A 1 120 ? 5.782   4.447   -24.687 1.00 22.01  ? 121  ALA A C   1 
ATOM   958  O  O   . ALA A 1 120 ? 5.575   5.399   -25.424 1.00 21.93  ? 121  ALA A O   1 
ATOM   959  C  CB  . ALA A 1 120 ? 6.848   3.332   -26.713 1.00 23.33  ? 121  ALA A CB  1 
ATOM   960  N  N   . ASP A 1 121 ? 5.450   4.424   -23.394 1.00 20.83  ? 122  ASP A N   1 
ATOM   961  C  CA  . ASP A 1 121 ? 4.766   5.526   -22.713 1.00 20.32  ? 122  ASP A CA  1 
ATOM   962  C  C   . ASP A 1 121 ? 5.705   6.089   -21.645 1.00 20.54  ? 122  ASP A C   1 
ATOM   963  O  O   . ASP A 1 121 ? 5.625   5.721   -20.473 1.00 20.59  ? 122  ASP A O   1 
ATOM   964  C  CB  . ASP A 1 121 ? 3.476   5.001   -22.071 1.00 20.35  ? 122  ASP A CB  1 
ATOM   965  C  CG  . ASP A 1 121 ? 2.568   6.109   -21.552 1.00 19.54  ? 122  ASP A CG  1 
ATOM   966  O  OD1 . ASP A 1 121 ? 3.028   7.254   -21.316 1.00 19.81  ? 122  ASP A OD1 1 
ATOM   967  O  OD2 . ASP A 1 121 ? 1.372   5.806   -21.387 1.00 21.60  ? 122  ASP A OD2 1 
ATOM   968  N  N   . PRO A 1 122 ? 6.645   6.957   -22.056 1.00 21.08  ? 123  PRO A N   1 
ATOM   969  C  CA  . PRO A 1 122 ? 7.633   7.446   -21.095 1.00 20.91  ? 123  PRO A CA  1 
ATOM   970  C  C   . PRO A 1 122 ? 7.035   8.341   -19.996 1.00 21.19  ? 123  PRO A C   1 
ATOM   971  O  O   . PRO A 1 122 ? 7.598   8.417   -18.902 1.00 21.18  ? 123  PRO A O   1 
ATOM   972  C  CB  . PRO A 1 122 ? 8.608   8.235   -21.970 1.00 21.23  ? 123  PRO A CB  1 
ATOM   973  C  CG  . PRO A 1 122 ? 7.821   8.632   -23.162 1.00 21.48  ? 123  PRO A CG  1 
ATOM   974  C  CD  . PRO A 1 122 ? 6.866   7.507   -23.406 1.00 20.82  ? 123  PRO A CD  1 
ATOM   975  N  N   . HIS A 1 123 ? 5.921   9.016   -20.271 1.00 20.96  ? 124  HIS A N   1 
ATOM   976  C  CA  . HIS A 1 123 ? 5.305   9.800   -19.197 1.00 20.86  ? 124  HIS A CA  1 
ATOM   977  C  C   . HIS A 1 123 ? 4.856   8.895   -18.046 1.00 20.69  ? 124  HIS A C   1 
ATOM   978  O  O   . HIS A 1 123 ? 5.063   9.235   -16.870 1.00 20.16  ? 124  HIS A O   1 
ATOM   979  C  CB  . HIS A 1 123 ? 4.135   10.658  -19.670 1.00 20.91  ? 124  HIS A CB  1 
ATOM   980  C  CG  . HIS A 1 123 ? 3.491   11.424  -18.553 1.00 22.82  ? 124  HIS A CG  1 
ATOM   981  N  ND1 . HIS A 1 123 ? 3.878   12.703  -18.212 1.00 25.17  ? 124  HIS A ND1 1 
ATOM   982  C  CD2 . HIS A 1 123 ? 2.528   11.073  -17.664 1.00 21.20  ? 124  HIS A CD2 1 
ATOM   983  C  CE1 . HIS A 1 123 ? 3.158   13.116  -17.178 1.00 23.05  ? 124  HIS A CE1 1 
ATOM   984  N  NE2 . HIS A 1 123 ? 2.334   12.145  -16.828 1.00 23.18  ? 124  HIS A NE2 1 
ATOM   985  N  N   . LEU A 1 124 ? 4.242   7.753   -18.386 1.00 21.07  ? 125  LEU A N   1 
ATOM   986  C  CA  . LEU A 1 124 ? 3.812   6.787   -17.364 1.00 21.64  ? 125  LEU A CA  1 
ATOM   987  C  C   . LEU A 1 124 ? 5.023   6.285   -16.586 1.00 22.28  ? 125  LEU A C   1 
ATOM   988  O  O   . LEU A 1 124 ? 5.004   6.258   -15.362 1.00 21.17  ? 125  LEU A O   1 
ATOM   989  C  CB  . LEU A 1 124 ? 3.030   5.605   -17.964 1.00 21.83  ? 125  LEU A CB  1 
ATOM   990  C  CG  . LEU A 1 124 ? 2.517   4.606   -16.909 1.00 22.44  ? 125  LEU A CG  1 
ATOM   991  C  CD1 . LEU A 1 124 ? 1.289   5.167   -16.192 1.00 21.22  ? 125  LEU A CD1 1 
ATOM   992  C  CD2 . LEU A 1 124 ? 2.227   3.265   -17.557 1.00 25.13  ? 125  LEU A CD2 1 
ATOM   993  N  N   . CYS A 1 125 ? 6.077   5.914   -17.314 1.00 22.89  ? 126  CYS A N   1 
ATOM   994  C  CA  . CYS A 1 125 ? 7.306   5.433   -16.695 1.00 24.80  ? 126  CYS A CA  1 
ATOM   995  C  C   . CYS A 1 125 ? 7.804   6.406   -15.636 1.00 24.73  ? 126  CYS A C   1 
ATOM   996  O  O   . CYS A 1 125 ? 8.060   6.014   -14.487 1.00 24.66  ? 126  CYS A O   1 
ATOM   997  C  CB  . CYS A 1 125 ? 8.395   5.242   -17.758 1.00 25.37  ? 126  CYS A CB  1 
ATOM   998  S  SG  . CYS A 1 125 ? 9.988   4.891   -17.009 1.00 31.56  ? 126  CYS A SG  1 
ATOM   999  N  N   . ASP A 1 126 ? 7.939   7.671   -16.030 1.00 24.73  ? 127  ASP A N   1 
ATOM   1000 C  CA  . ASP A 1 126 ? 8.419   8.719   -15.140 1.00 25.20  ? 127  ASP A CA  1 
ATOM   1001 C  C   . ASP A 1 126 ? 7.506   8.891   -13.934 1.00 24.81  ? 127  ASP A C   1 
ATOM   1002 O  O   . ASP A 1 126 ? 7.969   9.048   -12.812 1.00 24.28  ? 127  ASP A O   1 
ATOM   1003 C  CB  . ASP A 1 126 ? 8.498   10.060  -15.870 1.00 25.96  ? 127  ASP A CB  1 
ATOM   1004 C  CG  . ASP A 1 126 ? 8.921   11.192  -14.942 1.00 28.79  ? 127  ASP A CG  1 
ATOM   1005 O  OD1 . ASP A 1 126 ? 8.099   12.095  -14.683 1.00 33.68  ? 127  ASP A OD1 1 
ATOM   1006 O  OD2 . ASP A 1 126 ? 10.060  11.156  -14.437 1.00 31.82  ? 127  ASP A OD2 1 
ATOM   1007 N  N   . PHE A 1 127 ? 6.201   8.884   -14.191 1.00 23.68  ? 128  PHE A N   1 
ATOM   1008 C  CA  . PHE A 1 127 ? 5.218   9.007   -13.127 1.00 23.63  ? 128  PHE A CA  1 
ATOM   1009 C  C   . PHE A 1 127 ? 5.415   7.925   -12.047 1.00 23.75  ? 128  PHE A C   1 
ATOM   1010 O  O   . PHE A 1 127 ? 5.472   8.230   -10.844 1.00 23.70  ? 128  PHE A O   1 
ATOM   1011 C  CB  . PHE A 1 127 ? 3.809   8.954   -13.726 1.00 22.73  ? 128  PHE A CB  1 
ATOM   1012 C  CG  . PHE A 1 127 ? 2.713   8.906   -12.697 1.00 23.55  ? 128  PHE A CG  1 
ATOM   1013 C  CD1 . PHE A 1 127 ? 2.285   10.068  -12.068 1.00 22.24  ? 128  PHE A CD1 1 
ATOM   1014 C  CD2 . PHE A 1 127 ? 2.112   7.699   -12.361 1.00 23.49  ? 128  PHE A CD2 1 
ATOM   1015 C  CE1 . PHE A 1 127 ? 1.271   10.031  -11.093 1.00 21.52  ? 128  PHE A CE1 1 
ATOM   1016 C  CE2 . PHE A 1 127 ? 1.100   7.661   -11.410 1.00 24.84  ? 128  PHE A CE2 1 
ATOM   1017 C  CZ  . PHE A 1 127 ? 0.684   8.840   -10.778 1.00 23.09  ? 128  PHE A CZ  1 
ATOM   1018 N  N   . LEU A 1 128 ? 5.536   6.670   -12.477 1.00 23.91  ? 129  LEU A N   1 
ATOM   1019 C  CA  . LEU A 1 128 ? 5.691   5.572   -11.535 1.00 24.68  ? 129  LEU A CA  1 
ATOM   1020 C  C   . LEU A 1 128 ? 7.041   5.636   -10.826 1.00 25.90  ? 129  LEU A C   1 
ATOM   1021 O  O   . LEU A 1 128 ? 7.125   5.436   -9.611  1.00 25.64  ? 129  LEU A O   1 
ATOM   1022 C  CB  . LEU A 1 128 ? 5.500   4.219   -12.228 1.00 24.13  ? 129  LEU A CB  1 
ATOM   1023 C  CG  . LEU A 1 128 ? 4.121   3.946   -12.849 1.00 24.11  ? 129  LEU A CG  1 
ATOM   1024 C  CD1 . LEU A 1 128 ? 4.147   2.651   -13.688 1.00 22.76  ? 129  LEU A CD1 1 
ATOM   1025 C  CD2 . LEU A 1 128 ? 3.030   3.864   -11.782 1.00 24.03  ? 129  LEU A CD2 1 
ATOM   1026 N  N   . GLU A 1 129 ? 8.091   5.915   -11.593 1.00 27.78  ? 130  GLU A N   1 
ATOM   1027 C  CA  . GLU A 1 129 ? 9.452   5.979   -11.044 1.00 30.05  ? 130  GLU A CA  1 
ATOM   1028 C  C   . GLU A 1 129 ? 9.589   7.104   -10.025 1.00 31.30  ? 130  GLU A C   1 
ATOM   1029 O  O   . GLU A 1 129 ? 10.249  6.940   -8.995  1.00 32.86  ? 130  GLU A O   1 
ATOM   1030 C  CB  . GLU A 1 129 ? 10.489  6.087   -12.176 1.00 30.00  ? 130  GLU A CB  1 
ATOM   1031 C  CG  . GLU A 1 129 ? 10.493  4.844   -13.057 1.00 30.60  ? 130  GLU A CG  1 
ATOM   1032 C  CD  . GLU A 1 129 ? 11.657  4.772   -14.034 1.00 33.00  ? 130  GLU A CD  1 
ATOM   1033 O  OE1 . GLU A 1 129 ? 12.389  5.770   -14.160 1.00 31.02  ? 130  GLU A OE1 1 
ATOM   1034 O  OE2 . GLU A 1 129 ? 11.838  3.704   -14.675 1.00 34.73  ? 130  GLU A OE2 1 
ATOM   1035 N  N   . SER A 1 130 ? 8.926   8.220   -10.296 1.00 31.95  ? 131  SER A N   1 
ATOM   1036 C  CA  . SER A 1 130 ? 8.944   9.389   -9.423  1.00 32.85  ? 131  SER A CA  1 
ATOM   1037 C  C   . SER A 1 130 ? 8.091   9.274   -8.151  1.00 32.65  ? 131  SER A C   1 
ATOM   1038 O  O   . SER A 1 130 ? 8.539   9.678   -7.076  1.00 33.11  ? 131  SER A O   1 
ATOM   1039 C  CB  . SER A 1 130 ? 8.515   10.634  -10.201 1.00 33.19  ? 131  SER A CB  1 
ATOM   1040 O  OG  . SER A 1 130 ? 9.436   10.916  -11.245 1.00 35.46  ? 131  SER A OG  1 
ATOM   1041 N  N   . HIS A 1 131 ? 6.871   8.745   -8.264  1.00 31.40  ? 132  HIS A N   1 
ATOM   1042 C  CA  . HIS A 1 131 ? 5.911   8.803   -7.149  1.00 31.11  ? 132  HIS A CA  1 
ATOM   1043 C  C   . HIS A 1 131 ? 5.637   7.506   -6.383  1.00 29.35  ? 132  HIS A C   1 
ATOM   1044 O  O   . HIS A 1 131 ? 4.963   7.530   -5.341  1.00 29.41  ? 132  HIS A O   1 
ATOM   1045 C  CB  . HIS A 1 131 ? 4.574   9.363   -7.627  1.00 32.22  ? 132  HIS A CB  1 
ATOM   1046 C  CG  . HIS A 1 131 ? 4.665   10.766  -8.122  1.00 36.07  ? 132  HIS A CG  1 
ATOM   1047 N  ND1 . HIS A 1 131 ? 4.982   11.067  -9.426  1.00 37.93  ? 132  HIS A ND1 1 
ATOM   1048 C  CD2 . HIS A 1 131 ? 4.523   11.951  -7.481  1.00 39.64  ? 132  HIS A CD2 1 
ATOM   1049 C  CE1 . HIS A 1 131 ? 5.017   12.379  -9.574  1.00 40.35  ? 132  HIS A CE1 1 
ATOM   1050 N  NE2 . HIS A 1 131 ? 4.732   12.939  -8.411  1.00 40.89  ? 132  HIS A NE2 1 
ATOM   1051 N  N   . PHE A 1 132 ? 6.137   6.381   -6.888  1.00 26.69  ? 133  PHE A N   1 
ATOM   1052 C  CA  . PHE A 1 132 ? 5.697   5.092   -6.372  1.00 25.34  ? 133  PHE A CA  1 
ATOM   1053 C  C   . PHE A 1 132 ? 6.811   4.099   -6.107  1.00 24.82  ? 133  PHE A C   1 
ATOM   1054 O  O   . PHE A 1 132 ? 6.861   3.508   -5.030  1.00 23.31  ? 133  PHE A O   1 
ATOM   1055 C  CB  . PHE A 1 132 ? 4.663   4.464   -7.315  1.00 24.97  ? 133  PHE A CB  1 
ATOM   1056 C  CG  . PHE A 1 132 ? 3.321   5.147   -7.271  1.00 24.33  ? 133  PHE A CG  1 
ATOM   1057 C  CD1 . PHE A 1 132 ? 2.360   4.744   -6.351  1.00 25.95  ? 133  PHE A CD1 1 
ATOM   1058 C  CD2 . PHE A 1 132 ? 3.036   6.206   -8.115  1.00 24.00  ? 133  PHE A CD2 1 
ATOM   1059 C  CE1 . PHE A 1 132 ? 1.117   5.376   -6.281  1.00 24.19  ? 133  PHE A CE1 1 
ATOM   1060 C  CE2 . PHE A 1 132 ? 1.795   6.854   -8.049  1.00 24.53  ? 133  PHE A CE2 1 
ATOM   1061 C  CZ  . PHE A 1 132 ? 0.840   6.437   -7.126  1.00 23.82  ? 133  PHE A CZ  1 
ATOM   1062 N  N   . LEU A 1 133 ? 7.690   3.906   -7.090  1.00 24.59  ? 134  LEU A N   1 
ATOM   1063 C  CA  . LEU A 1 133 ? 8.671   2.814   -7.015  1.00 24.17  ? 134  LEU A CA  1 
ATOM   1064 C  C   . LEU A 1 133 ? 9.623   2.929   -5.831  1.00 23.89  ? 134  LEU A C   1 
ATOM   1065 O  O   . LEU A 1 133 ? 9.851   1.941   -5.127  1.00 22.51  ? 134  LEU A O   1 
ATOM   1066 C  CB  . LEU A 1 133 ? 9.465   2.671   -8.328  1.00 24.41  ? 134  LEU A CB  1 
ATOM   1067 C  CG  . LEU A 1 133 ? 8.696   2.248   -9.587  1.00 25.19  ? 134  LEU A CG  1 
ATOM   1068 C  CD1 . LEU A 1 133 ? 9.684   1.996   -10.727 1.00 26.87  ? 134  LEU A CD1 1 
ATOM   1069 C  CD2 . LEU A 1 133 ? 7.824   0.991   -9.354  1.00 24.70  ? 134  LEU A CD2 1 
ATOM   1070 N  N   . ASP A 1 134 ? 10.199  4.112   -5.613  1.00 24.58  ? 135  ASP A N   1 
ATOM   1071 C  CA  . ASP A 1 134 ? 11.126  4.251   -4.484  1.00 25.98  ? 135  ASP A CA  1 
ATOM   1072 C  C   . ASP A 1 134 ? 10.403  4.294   -3.142  1.00 25.63  ? 135  ASP A C   1 
ATOM   1073 O  O   . ASP A 1 134 ? 10.927  3.782   -2.151  1.00 25.95  ? 135  ASP A O   1 
ATOM   1074 C  CB  . ASP A 1 134 ? 12.078  5.440   -4.618  1.00 26.91  ? 135  ASP A CB  1 
ATOM   1075 C  CG  . ASP A 1 134 ? 13.197  5.415   -3.556  1.00 29.78  ? 135  ASP A CG  1 
ATOM   1076 O  OD1 . ASP A 1 134 ? 13.772  4.329   -3.268  1.00 30.62  ? 135  ASP A OD1 1 
ATOM   1077 O  OD2 . ASP A 1 134 ? 13.489  6.491   -2.988  1.00 34.36  ? 135  ASP A OD2 1 
ATOM   1078 N  N   . GLU A 1 135 ? 9.211   4.891   -3.113  1.00 25.46  ? 136  GLU A N   1 
ATOM   1079 C  CA  . GLU A 1 135 ? 8.379   4.892   -1.901  1.00 25.18  ? 136  GLU A CA  1 
ATOM   1080 C  C   . GLU A 1 135 ? 8.113   3.445   -1.461  1.00 23.92  ? 136  GLU A C   1 
ATOM   1081 O  O   . GLU A 1 135 ? 8.267   3.107   -0.288  1.00 23.34  ? 136  GLU A O   1 
ATOM   1082 C  CB  . GLU A 1 135 ? 7.068   5.681   -2.121  1.00 26.16  ? 136  GLU A CB  1 
ATOM   1083 C  CG  . GLU A 1 135 ? 5.915   5.325   -1.151  1.00 30.83  ? 136  GLU A CG  1 
ATOM   1084 C  CD  . GLU A 1 135 ? 4.597   6.065   -1.457  1.00 35.63  ? 136  GLU A CD  1 
ATOM   1085 O  OE1 . GLU A 1 135 ? 4.540   7.297   -1.245  1.00 38.32  ? 136  GLU A OE1 1 
ATOM   1086 O  OE2 . GLU A 1 135 ? 3.612   5.413   -1.895  1.00 37.65  ? 136  GLU A OE2 1 
ATOM   1087 N  N   . GLU A 1 136 ? 7.752   2.593   -2.414  1.00 22.10  ? 137  GLU A N   1 
ATOM   1088 C  CA  . GLU A 1 136 ? 7.512   1.186   -2.117  1.00 20.82  ? 137  GLU A CA  1 
ATOM   1089 C  C   . GLU A 1 136 ? 8.766   0.499   -1.603  1.00 19.04  ? 137  GLU A C   1 
ATOM   1090 O  O   . GLU A 1 136 ? 8.705   -0.200  -0.588  1.00 18.42  ? 137  GLU A O   1 
ATOM   1091 C  CB  . GLU A 1 136 ? 7.006   0.429   -3.350  1.00 21.17  ? 137  GLU A CB  1 
ATOM   1092 C  CG  . GLU A 1 136 ? 5.515   0.374   -3.535  1.00 23.49  ? 137  GLU A CG  1 
ATOM   1093 C  CD  . GLU A 1 136 ? 4.741   0.094   -2.242  1.00 23.54  ? 137  GLU A CD  1 
ATOM   1094 O  OE1 . GLU A 1 136 ? 3.985   0.988   -1.862  1.00 28.03  ? 137  GLU A OE1 1 
ATOM   1095 O  OE2 . GLU A 1 136 ? 4.914   -0.977  -1.607  1.00 24.83  ? 137  GLU A OE2 1 
ATOM   1096 N  N   . VAL A 1 137 ? 9.892   0.676   -2.300  1.00 17.88  ? 138  VAL A N   1 
ATOM   1097 C  CA  . VAL A 1 137 ? 11.158  0.037   -1.871  1.00 17.40  ? 138  VAL A CA  1 
ATOM   1098 C  C   . VAL A 1 137 ? 11.489  0.460   -0.419  1.00 17.40  ? 138  VAL A C   1 
ATOM   1099 O  O   . VAL A 1 137 ? 11.836  -0.386  0.419   1.00 17.60  ? 138  VAL A O   1 
ATOM   1100 C  CB  . VAL A 1 137 ? 12.346  0.320   -2.877  1.00 17.67  ? 138  VAL A CB  1 
ATOM   1101 C  CG1 . VAL A 1 137 ? 13.726  0.161   -2.216  1.00 16.89  ? 138  VAL A CG1 1 
ATOM   1102 C  CG2 . VAL A 1 137 ? 12.237  -0.596  -4.101  1.00 17.58  ? 138  VAL A CG2 1 
ATOM   1103 N  N   . LYS A 1 138 ? 11.373  1.763   -0.132  1.00 17.35  ? 139  LYS A N   1 
ATOM   1104 C  CA  . LYS A 1 138 ? 11.684  2.291   1.215   1.00 17.69  ? 139  LYS A CA  1 
ATOM   1105 C  C   . LYS A 1 138 ? 10.754  1.695   2.277   1.00 17.17  ? 139  LYS A C   1 
ATOM   1106 O  O   . LYS A 1 138 ? 11.193  1.289   3.358   1.00 16.08  ? 139  LYS A O   1 
ATOM   1107 C  CB  . LYS A 1 138 ? 11.639  3.828   1.246   1.00 18.88  ? 139  LYS A CB  1 
ATOM   1108 C  CG  . LYS A 1 138 ? 12.761  4.469   0.441   1.00 23.93  ? 139  LYS A CG  1 
ATOM   1109 C  CD  . LYS A 1 138 ? 12.935  5.948   0.765   1.00 30.97  ? 139  LYS A CD  1 
ATOM   1110 C  CE  . LYS A 1 138 ? 12.087  6.844   -0.133  1.00 34.63  ? 139  LYS A CE  1 
ATOM   1111 N  NZ  . LYS A 1 138 ? 10.815  7.286   0.532   1.00 38.95  ? 139  LYS A NZ  1 
ATOM   1112 N  N   . LEU A 1 139 ? 9.472   1.603   1.943   1.00 16.68  ? 140  LEU A N   1 
ATOM   1113 C  CA  . LEU A 1 139 ? 8.493   1.074   2.891   1.00 16.53  ? 140  LEU A CA  1 
ATOM   1114 C  C   . LEU A 1 139 ? 8.749   -0.406  3.211   1.00 16.41  ? 140  LEU A C   1 
ATOM   1115 O  O   . LEU A 1 139 ? 8.714   -0.812  4.386   1.00 15.94  ? 140  LEU A O   1 
ATOM   1116 C  CB  . LEU A 1 139 ? 7.071   1.293   2.389   1.00 16.69  ? 140  LEU A CB  1 
ATOM   1117 C  CG  . LEU A 1 139 ? 5.968   0.769   3.332   1.00 17.86  ? 140  LEU A CG  1 
ATOM   1118 C  CD1 . LEU A 1 139 ? 6.058   1.399   4.752   1.00 16.84  ? 140  LEU A CD1 1 
ATOM   1119 C  CD2 . LEU A 1 139 ? 4.631   1.037   2.706   1.00 18.66  ? 140  LEU A CD2 1 
ATOM   1120 N  N   . ILE A 1 140 ? 8.977   -1.199  2.163   1.00 15.70  ? 141  ILE A N   1 
ATOM   1121 C  CA  . ILE A 1 140 ? 9.266   -2.616  2.320   1.00 15.19  ? 141  ILE A CA  1 
ATOM   1122 C  C   . ILE A 1 140 ? 10.553  -2.832  3.163   1.00 15.43  ? 141  ILE A C   1 
ATOM   1123 O  O   . ILE A 1 140 ? 10.573  -3.725  4.021   1.00 15.06  ? 141  ILE A O   1 
ATOM   1124 C  CB  . ILE A 1 140 ? 9.329   -3.347  0.948   1.00 14.78  ? 141  ILE A CB  1 
ATOM   1125 C  CG1 . ILE A 1 140 ? 7.929   -3.328  0.285   1.00 14.38  ? 141  ILE A CG1 1 
ATOM   1126 C  CG2 . ILE A 1 140 ? 9.837   -4.783  1.114   1.00 16.32  ? 141  ILE A CG2 1 
ATOM   1127 C  CD1 . ILE A 1 140 ? 7.921   -3.710  -1.208  1.00 15.77  ? 141  ILE A CD1 1 
ATOM   1128 N  N   . LYS A 1 141 ? 11.588  -2.016  2.929   1.00 15.07  ? 142  LYS A N   1 
ATOM   1129 C  CA  . LYS A 1 141 ? 12.813  -2.047  3.759   1.00 15.74  ? 142  LYS A CA  1 
ATOM   1130 C  C   . LYS A 1 141 ? 12.497  -1.792  5.244   1.00 16.06  ? 142  LYS A C   1 
ATOM   1131 O  O   . LYS A 1 141 ? 12.980  -2.528  6.128   1.00 16.03  ? 142  LYS A O   1 
ATOM   1132 C  CB  . LYS A 1 141 ? 13.853  -1.033  3.253   1.00 15.74  ? 142  LYS A CB  1 
ATOM   1133 C  CG  . LYS A 1 141 ? 15.139  -0.915  4.118   1.00 14.67  ? 142  LYS A CG  1 
ATOM   1134 C  CD  . LYS A 1 141 ? 15.905  -2.257  4.173   1.00 15.22  ? 142  LYS A CD  1 
ATOM   1135 C  CE  . LYS A 1 141 ? 17.343  -2.074  4.703   1.00 17.38  ? 142  LYS A CE  1 
ATOM   1136 N  NZ  . LYS A 1 141 ? 17.326  -1.510  6.109   1.00 17.81  ? 142  LYS A NZ  1 
ATOM   1137 N  N   . LYS A 1 142 ? 11.682  -0.772  5.505   1.00 16.57  ? 143  LYS A N   1 
ATOM   1138 C  CA  . LYS A 1 142 ? 11.306  -0.412  6.878   1.00 17.59  ? 143  LYS A CA  1 
ATOM   1139 C  C   . LYS A 1 142 ? 10.547  -1.561  7.533   1.00 17.10  ? 143  LYS A C   1 
ATOM   1140 O  O   . LYS A 1 142 ? 10.811  -1.911  8.674   1.00 16.52  ? 143  LYS A O   1 
ATOM   1141 C  CB  . LYS A 1 142 ? 10.414  0.834   6.868   1.00 18.08  ? 143  LYS A CB  1 
ATOM   1142 C  CG  . LYS A 1 142 ? 10.157  1.414   8.258   1.00 23.15  ? 143  LYS A CG  1 
ATOM   1143 C  CD  . LYS A 1 142 ? 8.914   2.326   8.225   1.00 30.37  ? 143  LYS A CD  1 
ATOM   1144 C  CE  . LYS A 1 142 ? 9.250   3.782   7.881   1.00 34.97  ? 143  LYS A CE  1 
ATOM   1145 N  NZ  . LYS A 1 142 ? 8.078   4.703   8.145   1.00 38.22  ? 143  LYS A NZ  1 
ATOM   1146 N  N   . MET A 1 143 ? 9.598   -2.152  6.799   1.00 16.76  ? 144  MET A N   1 
ATOM   1147 C  CA  . MET A 1 143 ? 8.856   -3.319  7.322   1.00 16.38  ? 144  MET A CA  1 
ATOM   1148 C  C   . MET A 1 143 ? 9.758   -4.525  7.600   1.00 16.62  ? 144  MET A C   1 
ATOM   1149 O  O   . MET A 1 143 ? 9.593   -5.205  8.606   1.00 15.50  ? 144  MET A O   1 
ATOM   1150 C  CB  . MET A 1 143 ? 7.726   -3.726  6.379   1.00 16.68  ? 144  MET A CB  1 
ATOM   1151 C  CG  . MET A 1 143 ? 6.619   -2.680  6.308   1.00 17.38  ? 144  MET A CG  1 
ATOM   1152 S  SD  . MET A 1 143 ? 5.295   -3.232  5.213   1.00 21.27  ? 144  MET A SD  1 
ATOM   1153 C  CE  . MET A 1 143 ? 4.072   -1.982  5.615   1.00 21.07  ? 144  MET A CE  1 
ATOM   1154 N  N   . GLY A 1 144 ? 10.696  -4.793  6.688   1.00 15.73  ? 145  GLY A N   1 
ATOM   1155 C  CA  . GLY A 1 144 ? 11.709  -5.817  6.897   1.00 15.83  ? 145  GLY A CA  1 
ATOM   1156 C  C   . GLY A 1 144 ? 12.481  -5.554  8.190   1.00 16.11  ? 145  GLY A C   1 
ATOM   1157 O  O   . GLY A 1 144 ? 12.678  -6.489  8.983   1.00 14.96  ? 145  GLY A O   1 
ATOM   1158 N  N   . ASP A 1 145 ? 12.928  -4.305  8.391   1.00 15.92  ? 146  ASP A N   1 
ATOM   1159 C  CA  . ASP A 1 145 ? 13.652  -3.919  9.613   1.00 16.29  ? 146  ASP A CA  1 
ATOM   1160 C  C   . ASP A 1 145 ? 12.799  -4.200  10.857  1.00 16.41  ? 146  ASP A C   1 
ATOM   1161 O  O   . ASP A 1 145 ? 13.286  -4.760  11.848  1.00 15.93  ? 146  ASP A O   1 
ATOM   1162 C  CB  . ASP A 1 145 ? 14.035  -2.434  9.600   1.00 16.83  ? 146  ASP A CB  1 
ATOM   1163 C  CG  . ASP A 1 145 ? 15.078  -2.098  8.554   1.00 18.54  ? 146  ASP A CG  1 
ATOM   1164 O  OD1 . ASP A 1 145 ? 15.643  -3.014  7.926   1.00 20.37  ? 146  ASP A OD1 1 
ATOM   1165 O  OD2 . ASP A 1 145 ? 15.316  -0.886  8.345   1.00 23.29  ? 146  ASP A OD2 1 
ATOM   1166 N  N   . HIS A 1 146 ? 11.533  -3.798  10.799  1.00 16.69  ? 147  HIS A N   1 
ATOM   1167 C  CA  . HIS A 1 146 ? 10.607  -4.023  11.909  1.00 17.04  ? 147  HIS A CA  1 
ATOM   1168 C  C   . HIS A 1 146 ? 10.428  -5.501  12.188  1.00 17.39  ? 147  HIS A C   1 
ATOM   1169 O  O   . HIS A 1 146 ? 10.500  -5.925  13.349  1.00 17.54  ? 147  HIS A O   1 
ATOM   1170 C  CB  . HIS A 1 146 ? 9.240   -3.409  11.620  1.00 17.03  ? 147  HIS A CB  1 
ATOM   1171 C  CG  . HIS A 1 146 ? 9.211   -1.916  11.714  1.00 16.87  ? 147  HIS A CG  1 
ATOM   1172 N  ND1 . HIS A 1 146 ? 10.209  -1.184  12.321  1.00 17.46  ? 147  HIS A ND1 1 
ATOM   1173 C  CD2 . HIS A 1 146 ? 8.293   -1.020  11.286  1.00 18.57  ? 147  HIS A CD2 1 
ATOM   1174 C  CE1 . HIS A 1 146 ? 9.910   0.100   12.254  1.00 19.55  ? 147  HIS A CE1 1 
ATOM   1175 N  NE2 . HIS A 1 146 ? 8.748   0.226   11.636  1.00 20.28  ? 147  HIS A NE2 1 
ATOM   1176 N  N   . LEU A 1 147 ? 10.201  -6.283  11.132  1.00 17.38  ? 148  LEU A N   1 
ATOM   1177 C  CA  . LEU A 1 147 ? 10.036  -7.742  11.282  1.00 17.95  ? 148  LEU A CA  1 
ATOM   1178 C  C   . LEU A 1 147 ? 11.222  -8.370  11.995  1.00 17.77  ? 148  LEU A C   1 
ATOM   1179 O  O   . LEU A 1 147 ? 11.069  -9.198  12.911  1.00 17.95  ? 148  LEU A O   1 
ATOM   1180 C  CB  . LEU A 1 147 ? 9.807   -8.415  9.916   1.00 17.77  ? 148  LEU A CB  1 
ATOM   1181 C  CG  . LEU A 1 147 ? 8.372   -8.344  9.387   1.00 21.15  ? 148  LEU A CG  1 
ATOM   1182 C  CD1 . LEU A 1 147 ? 8.275   -8.856  7.939   1.00 21.52  ? 148  LEU A CD1 1 
ATOM   1183 C  CD2 . LEU A 1 147 ? 7.438   -9.152  10.289  1.00 22.56  ? 148  LEU A CD2 1 
ATOM   1184 N  N   . THR A 1 148 ? 12.420  -7.952  11.594  1.00 16.80  ? 149  THR A N   1 
ATOM   1185 C  CA  . THR A 1 148 ? 13.631  -8.472  12.214  1.00 16.28  ? 149  THR A CA  1 
ATOM   1186 C  C   . THR A 1 148 ? 13.664  -8.140  13.721  1.00 16.36  ? 149  THR A C   1 
ATOM   1187 O  O   . THR A 1 148 ? 13.998  -8.989  14.542  1.00 17.03  ? 149  THR A O   1 
ATOM   1188 C  CB  . THR A 1 148 ? 14.864  -7.947  11.442  1.00 16.38  ? 149  THR A CB  1 
ATOM   1189 O  OG1 . THR A 1 148 ? 14.849  -8.520  10.119  1.00 15.93  ? 149  THR A OG1 1 
ATOM   1190 C  CG2 . THR A 1 148 ? 16.176  -8.286  12.143  1.00 16.73  ? 149  THR A CG2 1 
ATOM   1191 N  N   . ASN A 1 149 ? 13.312  -6.911  14.070  1.00 17.20  ? 150  ASN A N   1 
ATOM   1192 C  CA  . ASN A 1 149 ? 13.325  -6.473  15.467  1.00 17.68  ? 150  ASN A CA  1 
ATOM   1193 C  C   . ASN A 1 149 ? 12.224  -7.116  16.300  1.00 18.09  ? 150  ASN A C   1 
ATOM   1194 O  O   . ASN A 1 149 ? 12.444  -7.525  17.441  1.00 18.93  ? 150  ASN A O   1 
ATOM   1195 C  CB  . ASN A 1 149 ? 13.246  -4.959  15.530  1.00 16.84  ? 150  ASN A CB  1 
ATOM   1196 C  CG  . ASN A 1 149 ? 14.601  -4.334  15.365  1.00 17.08  ? 150  ASN A CG  1 
ATOM   1197 O  OD1 . ASN A 1 149 ? 15.407  -4.375  16.286  1.00 17.24  ? 150  ASN A OD1 1 
ATOM   1198 N  ND2 . ASN A 1 149 ? 14.884  -3.806  14.173  1.00 16.33  ? 150  ASN A ND2 1 
ATOM   1199 N  N   . ILE A 1 150 ? 11.040  -7.206  15.715  1.00 18.96  ? 151  ILE A N   1 
ATOM   1200 C  CA  . ILE A 1 150 ? 9.949   -7.954  16.329  1.00 19.50  ? 151  ILE A CA  1 
ATOM   1201 C  C   . ILE A 1 150 ? 10.372  -9.400  16.638  1.00 20.65  ? 151  ILE A C   1 
ATOM   1202 O  O   . ILE A 1 150 ? 10.205  -9.883  17.766  1.00 20.07  ? 151  ILE A O   1 
ATOM   1203 C  CB  . ILE A 1 150 ? 8.663   -7.895  15.455  1.00 19.28  ? 151  ILE A CB  1 
ATOM   1204 C  CG1 . ILE A 1 150 ? 8.158   -6.449  15.346  1.00 19.01  ? 151  ILE A CG1 1 
ATOM   1205 C  CG2 . ILE A 1 150 ? 7.578   -8.798  16.056  1.00 20.94  ? 151  ILE A CG2 1 
ATOM   1206 C  CD1 . ILE A 1 150 ? 7.043   -6.237  14.335  1.00 18.22  ? 151  ILE A CD1 1 
ATOM   1207 N  N   . GLN A 1 151 ? 10.930  -10.078 15.637  1.00 21.70  ? 152  GLN A N   1 
ATOM   1208 C  CA  . GLN A 1 151 ? 11.335  -11.479 15.784  1.00 24.11  ? 152  GLN A CA  1 
ATOM   1209 C  C   . GLN A 1 151 ? 12.434  -11.653 16.825  1.00 24.88  ? 152  GLN A C   1 
ATOM   1210 O  O   . GLN A 1 151 ? 12.403  -12.611 17.600  1.00 24.72  ? 152  GLN A O   1 
ATOM   1211 C  CB  . GLN A 1 151 ? 11.760  -12.076 14.435  1.00 24.14  ? 152  GLN A CB  1 
ATOM   1212 C  CG  . GLN A 1 151 ? 10.564  -12.270 13.499  1.00 28.12  ? 152  GLN A CG  1 
ATOM   1213 C  CD  . GLN A 1 151 ? 10.933  -12.737 12.107  1.00 33.99  ? 152  GLN A CD  1 
ATOM   1214 O  OE1 . GLN A 1 151 ? 11.892  -12.245 11.495  1.00 38.43  ? 152  GLN A OE1 1 
ATOM   1215 N  NE2 . GLN A 1 151 ? 10.155  -13.685 11.584  1.00 35.62  ? 152  GLN A NE2 1 
ATOM   1216 N  N   . ARG A 1 152 ? 13.387  -10.726 16.850  1.00 25.43  ? 153  ARG A N   1 
ATOM   1217 C  CA  . ARG A 1 152 ? 14.449  -10.749 17.867  1.00 27.09  ? 153  ARG A CA  1 
ATOM   1218 C  C   . ARG A 1 152 ? 13.870  -10.636 19.287  1.00 27.68  ? 153  ARG A C   1 
ATOM   1219 O  O   . ARG A 1 152 ? 14.418  -11.198 20.235  1.00 28.21  ? 153  ARG A O   1 
ATOM   1220 C  CB  . ARG A 1 152 ? 15.458  -9.619  17.608  1.00 26.84  ? 153  ARG A CB  1 
ATOM   1221 C  CG  . ARG A 1 152 ? 16.803  -9.795  18.302  1.00 27.97  ? 153  ARG A CG  1 
ATOM   1222 C  CD  . ARG A 1 152 ? 17.949  -9.085  17.559  1.00 26.82  ? 153  ARG A CD  1 
ATOM   1223 N  NE  . ARG A 1 152 ? 17.490  -7.841  16.982  1.00 23.83  ? 153  ARG A NE  1 
ATOM   1224 C  CZ  . ARG A 1 152 ? 17.936  -7.328  15.839  1.00 20.79  ? 153  ARG A CZ  1 
ATOM   1225 N  NH1 . ARG A 1 152 ? 18.898  -7.942  15.139  1.00 21.62  ? 153  ARG A NH1 1 
ATOM   1226 N  NH2 . ARG A 1 152 ? 17.406  -6.200  15.398  1.00 19.69  ? 153  ARG A NH2 1 
ATOM   1227 N  N   . LEU A 1 153 ? 12.767  -9.908  19.420  1.00 28.82  ? 154  LEU A N   1 
ATOM   1228 C  CA  . LEU A 1 153 ? 12.138  -9.663  20.713  1.00 29.81  ? 154  LEU A CA  1 
ATOM   1229 C  C   . LEU A 1 153 ? 11.200  -10.759 21.234  1.00 31.26  ? 154  LEU A C   1 
ATOM   1230 O  O   . LEU A 1 153 ? 10.810  -10.711 22.400  1.00 31.67  ? 154  LEU A O   1 
ATOM   1231 C  CB  . LEU A 1 153 ? 11.405  -8.321  20.699  1.00 29.76  ? 154  LEU A CB  1 
ATOM   1232 C  CG  . LEU A 1 153 ? 12.265  -7.068  20.853  1.00 28.44  ? 154  LEU A CG  1 
ATOM   1233 C  CD1 . LEU A 1 153 ? 11.524  -5.836  20.352  1.00 28.14  ? 154  LEU A CD1 1 
ATOM   1234 C  CD2 . LEU A 1 153 ? 12.710  -6.892  22.315  1.00 29.83  ? 154  LEU A CD2 1 
ATOM   1235 N  N   . VAL A 1 154 ? 10.836  -11.736 20.405  1.00 32.84  ? 155  VAL A N   1 
ATOM   1236 C  CA  . VAL A 1 154 ? 9.847   -12.744 20.830  1.00 34.76  ? 155  VAL A CA  1 
ATOM   1237 C  C   . VAL A 1 154 ? 10.367  -13.644 21.954  1.00 35.64  ? 155  VAL A C   1 
ATOM   1238 O  O   . VAL A 1 154 ? 11.526  -14.083 21.922  1.00 37.08  ? 155  VAL A O   1 
ATOM   1239 C  CB  . VAL A 1 154 ? 9.302   -13.633 19.667  1.00 35.11  ? 155  VAL A CB  1 
ATOM   1240 C  CG1 . VAL A 1 154 ? 8.583   -12.786 18.597  1.00 34.77  ? 155  VAL A CG1 1 
ATOM   1241 C  CG2 . VAL A 1 154 ? 10.406  -14.521 19.067  1.00 36.65  ? 155  VAL A CG2 1 
ATOM   1242 N  N   . GLN A 1 157 ? 8.841   -13.396 27.752  1.00 36.22  ? 158  GLN A N   1 
ATOM   1243 C  CA  . GLN A 1 157 ? 9.261   -13.374 26.356  1.00 35.44  ? 158  GLN A CA  1 
ATOM   1244 C  C   . GLN A 1 157 ? 8.280   -12.556 25.502  1.00 33.73  ? 158  GLN A C   1 
ATOM   1245 O  O   . GLN A 1 157 ? 8.407   -11.337 25.428  1.00 33.19  ? 158  GLN A O   1 
ATOM   1246 C  CB  . GLN A 1 157 ? 9.404   -14.784 25.784  1.00 36.30  ? 158  GLN A CB  1 
ATOM   1247 C  CG  . GLN A 1 157 ? 10.161  -15.779 26.653  1.00 39.95  ? 158  GLN A CG  1 
ATOM   1248 C  CD  . GLN A 1 157 ? 9.677   -17.205 26.452  1.00 44.09  ? 158  GLN A CD  1 
ATOM   1249 O  OE1 . GLN A 1 157 ? 10.473  -18.115 26.196  1.00 46.32  ? 158  GLN A OE1 1 
ATOM   1250 N  NE2 . GLN A 1 157 ? 8.365   -17.409 26.564  1.00 45.66  ? 158  GLN A NE2 1 
ATOM   1251 N  N   . ALA A 1 158 ? 7.306   -13.230 24.890  1.00 31.60  ? 159  ALA A N   1 
ATOM   1252 C  CA  . ALA A 1 158 ? 6.479   -12.658 23.799  1.00 29.67  ? 159  ALA A CA  1 
ATOM   1253 C  C   . ALA A 1 158 ? 5.725   -11.360 24.125  1.00 28.07  ? 159  ALA A C   1 
ATOM   1254 O  O   . ALA A 1 158 ? 5.824   -10.383 23.386  1.00 27.16  ? 159  ALA A O   1 
ATOM   1255 C  CB  . ALA A 1 158 ? 5.510   -13.710 23.265  1.00 30.27  ? 159  ALA A CB  1 
ATOM   1256 N  N   . GLY A 1 159 ? 4.956   -11.363 25.213  1.00 26.62  ? 160  GLY A N   1 
ATOM   1257 C  CA  . GLY A 1 159 ? 4.207   -10.181 25.640  1.00 24.73  ? 160  GLY A CA  1 
ATOM   1258 C  C   . GLY A 1 159 ? 5.109   -8.993  25.927  1.00 23.71  ? 160  GLY A C   1 
ATOM   1259 O  O   . GLY A 1 159 ? 4.844   -7.867  25.488  1.00 23.16  ? 160  GLY A O   1 
ATOM   1260 N  N   . LEU A 1 160 ? 6.178   -9.263  26.668  1.00 22.89  ? 161  LEU A N   1 
ATOM   1261 C  CA  . LEU A 1 160 ? 7.209   -8.272  26.974  1.00 22.26  ? 161  LEU A CA  1 
ATOM   1262 C  C   . LEU A 1 160 ? 7.813   -7.682  25.682  1.00 21.45  ? 161  LEU A C   1 
ATOM   1263 O  O   . LEU A 1 160 ? 7.943   -6.467  25.548  1.00 20.86  ? 161  LEU A O   1 
ATOM   1264 C  CB  . LEU A 1 160 ? 8.317   -8.929  27.812  1.00 22.61  ? 161  LEU A CB  1 
ATOM   1265 C  CG  . LEU A 1 160 ? 9.559   -8.083  28.143  1.00 23.31  ? 161  LEU A CG  1 
ATOM   1266 C  CD1 . LEU A 1 160 ? 9.201   -6.885  29.004  1.00 25.52  ? 161  LEU A CD1 1 
ATOM   1267 C  CD2 . LEU A 1 160 ? 10.629  -8.937  28.832  1.00 23.82  ? 161  LEU A CD2 1 
ATOM   1268 N  N   . GLY A 1 161 ? 8.172   -8.555  24.744  1.00 21.00  ? 162  GLY A N   1 
ATOM   1269 C  CA  . GLY A 1 161 ? 8.734   -8.117  23.464  1.00 21.28  ? 162  GLY A CA  1 
ATOM   1270 C  C   . GLY A 1 161 ? 7.807   -7.221  22.664  1.00 21.14  ? 162  GLY A C   1 
ATOM   1271 O  O   . GLY A 1 161 ? 8.236   -6.207  22.130  1.00 21.61  ? 162  GLY A O   1 
ATOM   1272 N  N   . GLU A 1 162 ? 6.530   -7.599  22.585  1.00 20.64  ? 163  GLU A N   1 
ATOM   1273 C  CA  . GLU A 1 162 ? 5.525   -6.805  21.870  1.00 20.20  ? 163  GLU A CA  1 
ATOM   1274 C  C   . GLU A 1 162 ? 5.321   -5.406  22.482  1.00 19.27  ? 163  GLU A C   1 
ATOM   1275 O  O   . GLU A 1 162 ? 5.247   -4.379  21.765  1.00 17.72  ? 163  GLU A O   1 
ATOM   1276 C  CB  . GLU A 1 162 ? 4.198   -7.556  21.841  1.00 20.85  ? 163  GLU A CB  1 
ATOM   1277 C  CG  . GLU A 1 162 ? 3.203   -6.969  20.849  1.00 23.06  ? 163  GLU A CG  1 
ATOM   1278 C  CD  . GLU A 1 162 ? 2.127   -7.969  20.456  1.00 25.85  ? 163  GLU A CD  1 
ATOM   1279 O  OE1 . GLU A 1 162 ? 1.952   -8.976  21.182  1.00 28.42  ? 163  GLU A OE1 1 
ATOM   1280 O  OE2 . GLU A 1 162 ? 1.441   -7.737  19.442  1.00 24.32  ? 163  GLU A OE2 1 
ATOM   1281 N  N   . TYR A 1 163 ? 5.226   -5.366  23.810  1.00 18.75  ? 164  TYR A N   1 
ATOM   1282 C  CA  . TYR A 1 163 ? 5.146   -4.090  24.515  1.00 18.21  ? 164  TYR A CA  1 
ATOM   1283 C  C   . TYR A 1 163 ? 6.362   -3.205  24.230  1.00 17.59  ? 164  TYR A C   1 
ATOM   1284 O  O   . TYR A 1 163 ? 6.212   -2.042  23.904  1.00 17.40  ? 164  TYR A O   1 
ATOM   1285 C  CB  . TYR A 1 163 ? 5.018   -4.331  26.020  1.00 17.84  ? 164  TYR A CB  1 
ATOM   1286 C  CG  . TYR A 1 163 ? 4.979   -3.059  26.865  1.00 19.13  ? 164  TYR A CG  1 
ATOM   1287 C  CD1 . TYR A 1 163 ? 3.836   -2.254  26.901  1.00 18.19  ? 164  TYR A CD1 1 
ATOM   1288 C  CD2 . TYR A 1 163 ? 6.084   -2.680  27.652  1.00 19.18  ? 164  TYR A CD2 1 
ATOM   1289 C  CE1 . TYR A 1 163 ? 3.793   -1.086  27.676  1.00 18.55  ? 164  TYR A CE1 1 
ATOM   1290 C  CE2 . TYR A 1 163 ? 6.054   -1.517  28.429  1.00 18.84  ? 164  TYR A CE2 1 
ATOM   1291 C  CZ  . TYR A 1 163 ? 4.897   -0.735  28.450  1.00 19.93  ? 164  TYR A CZ  1 
ATOM   1292 O  OH  . TYR A 1 163 ? 4.846   0.412   29.204  1.00 19.31  ? 164  TYR A OH  1 
ATOM   1293 N  N   . LEU A 1 164 ? 7.562   -3.761  24.399  1.00 17.87  ? 165  LEU A N   1 
ATOM   1294 C  CA  . LEU A 1 164 ? 8.794   -2.993  24.214  1.00 17.77  ? 165  LEU A CA  1 
ATOM   1295 C  C   . LEU A 1 164 ? 8.951   -2.469  22.793  1.00 17.46  ? 165  LEU A C   1 
ATOM   1296 O  O   . LEU A 1 164 ? 9.375   -1.333  22.603  1.00 17.71  ? 165  LEU A O   1 
ATOM   1297 C  CB  . LEU A 1 164 ? 10.026  -3.805  24.634  1.00 18.46  ? 165  LEU A CB  1 
ATOM   1298 C  CG  . LEU A 1 164 ? 10.224  -3.959  26.153  1.00 17.86  ? 165  LEU A CG  1 
ATOM   1299 C  CD1 . LEU A 1 164 ? 11.265  -5.046  26.435  1.00 20.56  ? 165  LEU A CD1 1 
ATOM   1300 C  CD2 . LEU A 1 164 ? 10.585  -2.649  26.826  1.00 21.04  ? 165  LEU A CD2 1 
ATOM   1301 N  N   . PHE A 1 165 ? 8.598   -3.282  21.806  1.00 17.41  ? 166  PHE A N   1 
ATOM   1302 C  CA  . PHE A 1 165 ? 8.699   -2.812  20.412  1.00 17.57  ? 166  PHE A CA  1 
ATOM   1303 C  C   . PHE A 1 165 ? 7.758   -1.631  20.150  1.00 17.52  ? 166  PHE A C   1 
ATOM   1304 O  O   . PHE A 1 165 ? 8.140   -0.629  19.512  1.00 16.15  ? 166  PHE A O   1 
ATOM   1305 C  CB  . PHE A 1 165 ? 8.465   -3.953  19.420  1.00 17.14  ? 166  PHE A CB  1 
ATOM   1306 C  CG  . PHE A 1 165 ? 8.599   -3.533  17.990  1.00 16.96  ? 166  PHE A CG  1 
ATOM   1307 C  CD1 . PHE A 1 165 ? 9.858   -3.366  17.426  1.00 19.27  ? 166  PHE A CD1 1 
ATOM   1308 C  CD2 . PHE A 1 165 ? 7.462   -3.300  17.205  1.00 19.44  ? 166  PHE A CD2 1 
ATOM   1309 C  CE1 . PHE A 1 165 ? 9.999   -2.970  16.090  1.00 18.55  ? 166  PHE A CE1 1 
ATOM   1310 C  CE2 . PHE A 1 165 ? 7.585   -2.896  15.871  1.00 20.13  ? 166  PHE A CE2 1 
ATOM   1311 C  CZ  . PHE A 1 165 ? 8.857   -2.723  15.317  1.00 19.71  ? 166  PHE A CZ  1 
ATOM   1312 N  N   . GLU A 1 166 ? 6.521   -1.737  20.637  1.00 16.37  ? 167  GLU A N   1 
ATOM   1313 C  CA  . GLU A 1 166 ? 5.563   -0.649  20.484  1.00 17.04  ? 167  GLU A CA  1 
ATOM   1314 C  C   . GLU A 1 166 ? 6.033   0.634   21.197  1.00 17.57  ? 167  GLU A C   1 
ATOM   1315 O  O   . GLU A 1 166 ? 5.872   1.746   20.674  1.00 17.28  ? 167  GLU A O   1 
ATOM   1316 C  CB  . GLU A 1 166 ? 4.166   -1.093  20.945  1.00 16.93  ? 167  GLU A CB  1 
ATOM   1317 C  CG  . GLU A 1 166 ? 3.079   -0.020  20.775  1.00 17.59  ? 167  GLU A CG  1 
ATOM   1318 C  CD  . GLU A 1 166 ? 2.886   0.844   22.007  1.00 19.84  ? 167  GLU A CD  1 
ATOM   1319 O  OE1 . GLU A 1 166 ? 3.192   0.390   23.147  1.00 21.64  ? 167  GLU A OE1 1 
ATOM   1320 O  OE2 . GLU A 1 166 ? 2.419   1.973   21.825  1.00 19.70  ? 167  GLU A OE2 1 
ATOM   1321 N  N   . ARG A 1 167 ? 6.642   0.472   22.374  1.00 17.86  ? 168  ARG A N   1 
ATOM   1322 C  CA  . ARG A 1 167 ? 7.046   1.613   23.187  1.00 18.32  ? 168  ARG A CA  1 
ATOM   1323 C  C   . ARG A 1 167 ? 8.306   2.265   22.614  1.00 18.76  ? 168  ARG A C   1 
ATOM   1324 O  O   . ARG A 1 167 ? 8.398   3.479   22.585  1.00 19.44  ? 168  ARG A O   1 
ATOM   1325 C  CB  . ARG A 1 167 ? 7.332   1.204   24.652  1.00 18.22  ? 168  ARG A CB  1 
ATOM   1326 C  CG  . ARG A 1 167 ? 6.122   0.813   25.502  1.00 17.70  ? 168  ARG A CG  1 
ATOM   1327 C  CD  . ARG A 1 167 ? 5.314   2.028   25.933  1.00 19.84  ? 168  ARG A CD  1 
ATOM   1328 N  NE  . ARG A 1 167 ? 4.210   2.300   24.993  1.00 20.19  ? 168  ARG A NE  1 
ATOM   1329 C  CZ  . ARG A 1 167 ? 3.369   3.321   25.087  1.00 21.58  ? 168  ARG A CZ  1 
ATOM   1330 N  NH1 . ARG A 1 167 ? 3.476   4.198   26.084  1.00 20.93  ? 168  ARG A NH1 1 
ATOM   1331 N  NH2 . ARG A 1 167 ? 2.414   3.463   24.167  1.00 20.82  ? 168  ARG A NH2 1 
ATOM   1332 N  N   . LEU A 1 168 ? 9.249   1.450   22.136  1.00 19.44  ? 169  LEU A N   1 
ATOM   1333 C  CA  . LEU A 1 168 ? 10.612  1.947   21.881  1.00 19.58  ? 169  LEU A CA  1 
ATOM   1334 C  C   . LEU A 1 168 ? 10.948  2.116   20.397  1.00 19.94  ? 169  LEU A C   1 
ATOM   1335 O  O   . LEU A 1 168 ? 11.878  2.851   20.057  1.00 20.06  ? 169  LEU A O   1 
ATOM   1336 C  CB  . LEU A 1 168 ? 11.656  1.062   22.599  1.00 19.25  ? 169  LEU A CB  1 
ATOM   1337 C  CG  . LEU A 1 168 ? 11.576  0.988   24.144  1.00 19.40  ? 169  LEU A CG  1 
ATOM   1338 C  CD1 . LEU A 1 168 ? 12.690  0.123   24.745  1.00 20.82  ? 169  LEU A CD1 1 
ATOM   1339 C  CD2 . LEU A 1 168 ? 11.539  2.395   24.782  1.00 21.09  ? 169  LEU A CD2 1 
ATOM   1340 N  N   . THR A 1 169 ? 10.193  1.452   19.521  1.00 19.69  ? 170  THR A N   1 
ATOM   1341 C  CA  . THR A 1 169 ? 10.351  1.652   18.082  1.00 19.82  ? 170  THR A CA  1 
ATOM   1342 C  C   . THR A 1 169 ? 9.177   2.437   17.503  1.00 20.36  ? 170  THR A C   1 
ATOM   1343 O  O   . THR A 1 169 ? 9.389   3.414   16.793  1.00 19.71  ? 170  THR A O   1 
ATOM   1344 C  CB  . THR A 1 169 ? 10.557  0.324   17.342  1.00 19.41  ? 170  THR A CB  1 
ATOM   1345 O  OG1 . THR A 1 169 ? 11.760  -0.303  17.824  1.00 20.13  ? 170  THR A OG1 1 
ATOM   1346 C  CG2 . THR A 1 169 ? 10.665  0.543   15.799  1.00 19.89  ? 170  THR A CG2 1 
ATOM   1347 N  N   . LEU A 1 170 ? 7.939   2.028   17.828  1.00 21.01  ? 171  LEU A N   1 
ATOM   1348 C  CA  . LEU A 1 170 ? 6.764   2.677   17.224  1.00 23.25  ? 171  LEU A CA  1 
ATOM   1349 C  C   . LEU A 1 170 ? 6.203   3.818   18.078  1.00 24.84  ? 171  LEU A C   1 
ATOM   1350 O  O   . LEU A 1 170 ? 6.942   4.413   18.874  1.00 26.83  ? 171  LEU A O   1 
ATOM   1351 C  CB  . LEU A 1 170 ? 5.671   1.653   16.909  1.00 22.97  ? 171  LEU A CB  1 
ATOM   1352 C  CG  . LEU A 1 170 ? 6.010   0.444   16.021  1.00 23.69  ? 171  LEU A CG  1 
ATOM   1353 C  CD1 . LEU A 1 170 ? 4.823   -0.478  15.944  1.00 24.62  ? 171  LEU A CD1 1 
ATOM   1354 C  CD2 . LEU A 1 170 ? 6.447   0.864   14.620  1.00 21.43  ? 171  LEU A CD2 1 
HETATM 1355 CD CD  A CD  B 2 .   ? -21.305 -3.919  -6.978  0.50 20.28  ? 1001 CD  A CD  1 
HETATM 1356 CD CD  A CD  C 2 .   ? 13.566  4.016   -16.320 0.33 26.42  ? 1002 CD  A CD  1 
HETATM 1357 CD CD  . CD  D 2 .   ? -1.185  11.636  8.916   1.00 106.05 ? 1003 CD  A CD  1 
HETATM 1358 CD CD  . CD  E 2 .   ? -10.837 -12.921 18.779  1.00 68.11  ? 1004 CD  A CD  1 
HETATM 1359 CD CD  . CD  F 2 .   ? 0.350   11.823  3.572   1.00 83.92  ? 1005 CD  A CD  1 
HETATM 1360 CD CD  A CD  G 2 .   ? 10.696  2.568   -17.994 0.33 21.51  ? 1006 CD  A CD  1 
HETATM 1361 CD CD  A CD  H 2 .   ? 13.496  7.148   -15.916 0.33 65.25  ? 1007 CD  A CD  1 
HETATM 1362 C  CAA . DFE I 3 .   ? -8.410  4.116   2.375   0.50 29.95  ? 172  DFE A CAA 1 
HETATM 1363 C  CAI . DFE I 3 .   ? -9.760  3.388   2.572   0.50 35.95  ? 172  DFE A CAI 1 
HETATM 1364 F  FAB . DFE I 3 .   ? -9.834  2.999   3.843   0.50 36.20  ? 172  DFE A FAB 1 
HETATM 1365 F  FAC . DFE I 3 .   ? -9.835  2.307   1.798   0.50 37.30  ? 172  DFE A FAC 1 
HETATM 1366 O  OAH . DFE I 3 .   ? -10.872 4.285   2.292   0.50 36.98  ? 172  DFE A OAH 1 
HETATM 1367 C  CAG . DFE I 3 .   ? -11.369 4.269   0.919   0.50 38.19  ? 172  DFE A CAG 1 
HETATM 1368 C  CAJ . DFE I 3 .   ? -12.630 5.118   0.810   0.50 38.98  ? 172  DFE A CAJ 1 
HETATM 1369 F  FAE . DFE I 3 .   ? -12.558 6.110   1.705   0.50 38.71  ? 172  DFE A FAE 1 
HETATM 1370 F  FAF . DFE I 3 .   ? -12.738 5.604   -0.427  0.50 38.71  ? 172  DFE A FAF 1 
HETATM 1371 F  FAD . DFE I 3 .   ? -13.707 4.371   1.049   0.50 39.30  ? 172  DFE A FAD 1 
HETATM 1372 O  O   . HOH J 4 .   ? -17.926 -6.068  -8.316  0.50 136.19 ? 1008 HOH A O   1 
HETATM 1373 O  O   . HOH J 4 .   ? -14.163 -10.304 18.356  1.00 54.58  ? 1009 HOH A O   1 
HETATM 1374 O  O   . HOH J 4 .   ? 1.366   15.996  4.527   1.00 71.91  ? 1010 HOH A O   1 
HETATM 1375 O  O   . HOH J 4 .   ? -3.867  -0.660  -27.520 1.00 13.91  ? 1011 HOH A O   1 
HETATM 1376 O  O   . HOH J 4 .   ? -10.601 1.889   -9.961  1.00 15.76  ? 1012 HOH A O   1 
HETATM 1377 O  O   . HOH J 4 .   ? -12.239 -5.963  11.861  1.00 16.17  ? 1013 HOH A O   1 
HETATM 1378 O  O   . HOH J 4 .   ? 3.704   14.465  -10.296 1.00 22.50  ? 1014 HOH A O   1 
HETATM 1379 O  O   . HOH J 4 .   ? -11.210 -6.232  8.188   1.00 16.57  ? 1015 HOH A O   1 
HETATM 1380 O  O   . HOH J 4 .   ? 5.157   13.096  14.523  1.00 53.27  ? 1016 HOH A O   1 
HETATM 1381 O  O   . HOH J 4 .   ? -11.752 3.961   -18.708 1.00 21.32  ? 1017 HOH A O   1 
HETATM 1382 O  O   . HOH J 4 .   ? -6.543  -7.565  3.066   1.00 18.45  ? 1018 HOH A O   1 
HETATM 1383 O  O   . HOH J 4 .   ? -10.620 -3.711  12.622  1.00 17.26  ? 1019 HOH A O   1 
HETATM 1384 O  O   . HOH J 4 .   ? 4.091   9.164   -22.929 1.00 19.36  ? 1020 HOH A O   1 
HETATM 1385 O  O   . HOH J 4 .   ? -9.239  14.313  -18.605 1.00 15.19  ? 1021 HOH A O   1 
HETATM 1386 O  O   . HOH J 4 .   ? -2.422  16.100  -21.022 1.00 17.30  ? 1022 HOH A O   1 
HETATM 1387 O  O   . HOH J 4 .   ? -2.295  11.713  -22.791 1.00 15.71  ? 1023 HOH A O   1 
HETATM 1388 O  O   . HOH J 4 .   ? -0.687  1.472   23.789  1.00 16.54  ? 1024 HOH A O   1 
HETATM 1389 O  O   . HOH J 4 .   ? -4.631  -4.349  -2.146  1.00 21.18  ? 1025 HOH A O   1 
HETATM 1390 O  O   . HOH J 4 .   ? -13.511 -6.741  9.581   1.00 16.60  ? 1026 HOH A O   1 
HETATM 1391 O  O   . HOH J 4 .   ? 0.650   12.788  -23.702 1.00 15.56  ? 1027 HOH A O   1 
HETATM 1392 O  O   . HOH J 4 .   ? -11.298 -7.113  15.087  1.00 17.74  ? 1028 HOH A O   1 
HETATM 1393 O  O   . HOH J 4 .   ? 0.273   3.914   -22.968 1.00 20.51  ? 1029 HOH A O   1 
HETATM 1394 O  O   . HOH J 4 .   ? 5.826   14.051  -11.594 1.00 31.88  ? 1030 HOH A O   1 
HETATM 1395 O  O   . HOH J 4 .   ? -11.781 -5.180  -4.740  1.00 24.19  ? 1031 HOH A O   1 
HETATM 1396 O  O   . HOH J 4 .   ? -17.727 -1.760  6.014   1.00 16.80  ? 1032 HOH A O   1 
HETATM 1397 O  O   . HOH J 4 .   ? 1.207   -0.194  24.963  1.00 16.23  ? 1033 HOH A O   1 
HETATM 1398 O  O   . HOH J 4 .   ? -15.577 7.218   -16.491 1.00 24.66  ? 1034 HOH A O   1 
HETATM 1399 O  O   . HOH J 4 .   ? -6.074  15.694  -13.288 1.00 23.19  ? 1035 HOH A O   1 
HETATM 1400 O  O   . HOH J 4 .   ? 1.110   8.661   -17.433 1.00 23.28  ? 1036 HOH A O   1 
HETATM 1401 O  O   . HOH J 4 .   ? -13.741 -10.435 -0.380  1.00 26.77  ? 1037 HOH A O   1 
HETATM 1402 O  O   . HOH J 4 .   ? -1.666  14.330  -23.041 1.00 21.00  ? 1038 HOH A O   1 
HETATM 1403 O  O   . HOH J 4 .   ? -10.968 -4.305  15.218  1.00 17.65  ? 1039 HOH A O   1 
HETATM 1404 O  O   . HOH J 4 .   ? -0.341  -3.628  -12.777 1.00 19.64  ? 1040 HOH A O   1 
HETATM 1405 O  O   . HOH J 4 .   ? 3.319   4.404   9.054   1.00 21.50  ? 1041 HOH A O   1 
HETATM 1406 O  O   . HOH J 4 .   ? 9.684   -0.569  -6.698  1.00 20.04  ? 1042 HOH A O   1 
HETATM 1407 O  O   . HOH J 4 .   ? 13.490  -1.216  15.950  1.00 22.64  ? 1043 HOH A O   1 
HETATM 1408 O  O   . HOH J 4 .   ? -6.597  13.533  -0.123  1.00 23.13  ? 1044 HOH A O   1 
HETATM 1409 O  O   . HOH J 4 .   ? -4.635  -3.551  -19.254 1.00 24.18  ? 1045 HOH A O   1 
HETATM 1410 O  O   . HOH J 4 .   ? 4.680   -4.526  19.024  1.00 22.69  ? 1046 HOH A O   1 
HETATM 1411 O  O   . HOH J 4 .   ? 0.345   -12.756 9.007   1.00 28.64  ? 1047 HOH A O   1 
HETATM 1412 O  O   . HOH J 4 .   ? -7.605  -4.369  -9.196  1.00 30.11  ? 1048 HOH A O   1 
HETATM 1413 O  O   . HOH J 4 .   ? -1.617  -9.415  3.450   1.00 20.95  ? 1049 HOH A O   1 
HETATM 1414 O  O   . HOH J 4 .   ? -2.986  -2.799  -12.402 1.00 22.54  ? 1050 HOH A O   1 
HETATM 1415 O  O   . HOH J 4 .   ? -10.103 -12.710 11.068  1.00 26.68  ? 1051 HOH A O   1 
HETATM 1416 O  O   . HOH J 4 .   ? 8.976   -3.424  -14.540 1.00 23.48  ? 1052 HOH A O   1 
HETATM 1417 O  O   . HOH J 4 .   ? -12.031 10.276  -15.233 1.00 20.90  ? 1053 HOH A O   1 
HETATM 1418 O  O   . HOH J 4 .   ? 4.291   -9.424  18.073  1.00 21.21  ? 1054 HOH A O   1 
HETATM 1419 O  O   . HOH J 4 .   ? -12.541 -10.139 6.828   1.00 25.65  ? 1055 HOH A O   1 
HETATM 1420 O  O   . HOH J 4 .   ? -11.525 6.169   -22.172 1.00 24.57  ? 1056 HOH A O   1 
HETATM 1421 O  O   . HOH J 4 .   ? 12.796  -1.561  13.362  1.00 23.42  ? 1057 HOH A O   1 
HETATM 1422 O  O   . HOH J 4 .   ? -3.644  7.862   -27.121 1.00 23.92  ? 1058 HOH A O   1 
HETATM 1423 O  O   . HOH J 4 .   ? 3.044   11.716  -22.598 1.00 22.86  ? 1059 HOH A O   1 
HETATM 1424 O  O   . HOH J 4 .   ? 1.515   4.367   -25.369 1.00 24.80  ? 1060 HOH A O   1 
HETATM 1425 O  O   . HOH J 4 .   ? -17.417 -3.787  -9.310  1.00 22.51  ? 1061 HOH A O   1 
HETATM 1426 O  O   . HOH J 4 .   ? -1.450  9.367   -29.764 1.00 30.64  ? 1062 HOH A O   1 
HETATM 1427 O  O   . HOH J 4 .   ? 2.768   -10.540 -1.869  1.00 22.63  ? 1063 HOH A O   1 
HETATM 1428 O  O   . HOH J 4 .   ? -18.426 -7.415  -6.207  1.00 27.18  ? 1064 HOH A O   1 
HETATM 1429 O  O   . HOH J 4 .   ? 13.441  2.310   4.673   1.00 24.73  ? 1065 HOH A O   1 
HETATM 1430 O  O   . HOH J 4 .   ? -9.576  -4.535  1.443   1.00 24.58  ? 1066 HOH A O   1 
HETATM 1431 O  O   . HOH J 4 .   ? 2.558   10.967  1.259   1.00 46.88  ? 1067 HOH A O   1 
HETATM 1432 O  O   . HOH J 4 .   ? -17.866 1.121   -12.682 1.00 29.76  ? 1068 HOH A O   1 
HETATM 1433 O  O   . HOH J 4 .   ? -8.312  -6.351  -0.041  1.00 27.14  ? 1069 HOH A O   1 
HETATM 1434 O  O   . HOH J 4 .   ? -5.718  -5.214  0.413   1.00 26.71  ? 1070 HOH A O   1 
HETATM 1435 O  O   . HOH J 4 .   ? -11.722 -6.786  26.811  1.00 24.04  ? 1071 HOH A O   1 
HETATM 1436 O  O   . HOH J 4 .   ? -9.148  1.124   -21.099 1.00 27.66  ? 1072 HOH A O   1 
HETATM 1437 O  O   . HOH J 4 .   ? 5.937   -7.078  18.358  1.00 26.60  ? 1073 HOH A O   1 
HETATM 1438 O  O   . HOH J 4 .   ? 2.881   10.006  13.180  1.00 34.28  ? 1074 HOH A O   1 
HETATM 1439 O  O   . HOH J 4 .   ? 3.051   -5.989  -17.471 1.00 25.42  ? 1075 HOH A O   1 
HETATM 1440 O  O   . HOH J 4 .   ? 7.924   -4.454  -20.989 1.00 29.50  ? 1076 HOH A O   1 
HETATM 1441 O  O   . HOH J 4 .   ? 7.967   3.053   11.584  1.00 27.05  ? 1077 HOH A O   1 
HETATM 1442 O  O   . HOH J 4 .   ? -10.500 1.422   -18.604 1.00 28.10  ? 1078 HOH A O   1 
HETATM 1443 O  O   . HOH J 4 .   ? 5.552   11.815  -15.538 1.00 29.10  ? 1079 HOH A O   1 
HETATM 1444 O  O   . HOH J 4 .   ? -6.329  13.784  -28.449 1.00 31.76  ? 1080 HOH A O   1 
HETATM 1445 O  O   . HOH J 4 .   ? 3.658   4.494   -28.211 1.00 30.26  ? 1081 HOH A O   1 
HETATM 1446 O  O   . HOH J 4 .   ? 15.433  -11.424 14.186  1.00 26.63  ? 1082 HOH A O   1 
HETATM 1447 O  O   . HOH J 4 .   ? -0.582  -6.367  -12.056 1.00 27.21  ? 1083 HOH A O   1 
HETATM 1448 O  O   . HOH J 4 .   ? 14.315  1.428   7.003   1.00 27.97  ? 1084 HOH A O   1 
HETATM 1449 O  O   . HOH J 4 .   ? -4.433  -8.925  4.018   1.00 27.55  ? 1085 HOH A O   1 
HETATM 1450 O  O   . HOH J 4 .   ? -9.269  -8.725  0.608   1.00 26.91  ? 1086 HOH A O   1 
HETATM 1451 O  O   . HOH J 4 .   ? -4.927  4.571   18.205  1.00 40.46  ? 1087 HOH A O   1 
HETATM 1452 O  O   . HOH J 4 .   ? -14.157 -5.175  -7.623  1.00 29.47  ? 1088 HOH A O   1 
HETATM 1453 O  O   . HOH J 4 .   ? -1.538  -12.069 4.370   1.00 32.45  ? 1089 HOH A O   1 
HETATM 1454 O  O   . HOH J 4 .   ? -4.814  2.009   -27.116 1.00 32.79  ? 1090 HOH A O   1 
HETATM 1455 O  O   . HOH J 4 .   ? -3.075  8.244   19.303  1.00 35.60  ? 1091 HOH A O   1 
HETATM 1456 O  O   . HOH J 4 .   ? 6.964   -10.503 20.903  1.00 32.76  ? 1092 HOH A O   1 
HETATM 1457 O  O   . HOH J 4 .   ? -10.287 9.185   -23.434 1.00 28.77  ? 1093 HOH A O   1 
HETATM 1458 O  O   . HOH J 4 .   ? -12.358 -0.477  -13.443 1.00 27.95  ? 1094 HOH A O   1 
HETATM 1459 O  O   . HOH J 4 .   ? 15.150  -6.536  18.002  1.00 34.65  ? 1095 HOH A O   1 
HETATM 1460 O  O   . HOH J 4 .   ? -1.553  -7.864  19.428  1.00 27.37  ? 1096 HOH A O   1 
HETATM 1461 O  O   . HOH J 4 .   ? 2.990   -14.072 16.547  1.00 28.68  ? 1097 HOH A O   1 
HETATM 1462 O  O   . HOH J 4 .   ? 3.413   -10.069 -4.474  1.00 34.59  ? 1098 HOH A O   1 
HETATM 1463 O  O   . HOH J 4 .   ? 3.865   4.467   15.032  1.00 27.77  ? 1099 HOH A O   1 
HETATM 1464 O  O   . HOH J 4 .   ? -13.239 -9.481  -5.935  1.00 32.48  ? 1100 HOH A O   1 
HETATM 1465 O  O   . HOH J 4 .   ? -0.199  -3.861  -15.572 1.00 30.57  ? 1101 HOH A O   1 
HETATM 1466 O  O   . HOH J 4 .   ? 3.006   3.938   0.784   1.00 32.17  ? 1102 HOH A O   1 
HETATM 1467 O  O   . HOH J 4 .   ? 0.175   -7.713  -7.445  1.00 25.59  ? 1103 HOH A O   1 
HETATM 1468 O  O   . HOH J 4 .   ? -9.568  -1.830  -15.343 1.00 31.36  ? 1104 HOH A O   1 
HETATM 1469 O  O   . HOH J 4 .   ? 6.446   6.858   -27.792 1.00 30.00  ? 1105 HOH A O   1 
HETATM 1470 O  O   . HOH J 4 .   ? 6.112   -11.458 28.467  1.00 38.41  ? 1106 HOH A O   1 
HETATM 1471 O  O   . HOH J 4 .   ? 9.362   -8.900  -9.341  1.00 34.27  ? 1107 HOH A O   1 
HETATM 1472 O  O   . HOH J 4 .   ? -2.086  -9.026  0.670   1.00 29.97  ? 1108 HOH A O   1 
HETATM 1473 O  O   . HOH J 4 .   ? -3.793  1.322   23.515  1.00 31.84  ? 1109 HOH A O   1 
HETATM 1474 O  O   . HOH J 4 .   ? -14.280 -6.706  -5.612  1.00 30.33  ? 1110 HOH A O   1 
HETATM 1475 O  O   . HOH J 4 .   ? -4.329  -9.164  22.431  1.00 33.32  ? 1111 HOH A O   1 
HETATM 1476 O  O   . HOH J 4 .   ? 5.131   -12.047 5.434   1.00 29.24  ? 1112 HOH A O   1 
HETATM 1477 O  O   . HOH J 4 .   ? 7.898   4.850   1.824   1.00 26.99  ? 1113 HOH A O   1 
HETATM 1478 O  O   . HOH J 4 .   ? 15.021  -12.396 7.420   1.00 29.72  ? 1114 HOH A O   1 
HETATM 1479 O  O   . HOH J 4 .   ? 6.197   -11.650 2.285   1.00 35.53  ? 1115 HOH A O   1 
HETATM 1480 O  O   . HOH J 4 .   ? 5.162   5.416   5.089   1.00 34.37  ? 1116 HOH A O   1 
HETATM 1481 O  O   . HOH J 4 .   ? -8.002  -10.806 18.760  1.00 46.29  ? 1117 HOH A O   1 
HETATM 1482 O  O   . HOH J 4 .   ? -15.557 -12.034 7.888   1.00 35.10  ? 1118 HOH A O   1 
HETATM 1483 O  O   . HOH J 4 .   ? -12.526 -8.239  24.584  1.00 31.90  ? 1119 HOH A O   1 
HETATM 1484 O  O   . HOH J 4 .   ? 0.935   -13.044 6.196   1.00 35.83  ? 1120 HOH A O   1 
HETATM 1485 O  O   . HOH J 4 .   ? -4.298  -12.170 5.323   1.00 31.61  ? 1121 HOH A O   1 
HETATM 1486 O  O   . HOH J 4 .   ? -2.358  -7.483  -13.680 1.00 39.83  ? 1122 HOH A O   1 
HETATM 1487 O  O   . HOH J 4 .   ? -4.259  1.538   20.907  1.00 25.55  ? 1123 HOH A O   1 
HETATM 1488 O  O   . HOH J 4 .   ? -8.599  14.952  0.251   1.00 41.94  ? 1124 HOH A O   1 
HETATM 1489 O  O   . HOH J 4 .   ? 20.642  5.032   -15.146 0.33 65.57  ? 1125 HOH A O   1 
HETATM 1490 O  O   . HOH J 4 .   ? 0.472   7.963   24.040  1.00 40.08  ? 1126 HOH A O   1 
HETATM 1491 O  O   . HOH J 4 .   ? 8.411   6.980   -4.981  1.00 39.53  ? 1127 HOH A O   1 
HETATM 1492 O  O   . HOH J 4 .   ? 14.666  -11.149 9.681   1.00 30.49  ? 1128 HOH A O   1 
HETATM 1493 O  O   . HOH J 4 .   ? 10.915  -16.317 23.149  1.00 47.68  ? 1129 HOH A O   1 
HETATM 1494 O  O   . HOH J 4 .   ? -6.522  -12.217 16.281  1.00 35.42  ? 1130 HOH A O   1 
HETATM 1495 O  O   . HOH J 4 .   ? -8.622  -5.335  -6.959  1.00 33.38  ? 1131 HOH A O   1 
HETATM 1496 O  O   . HOH J 4 .   ? -18.700 -6.913  -3.720  0.25 40.82  ? 1132 HOH A O   1 
HETATM 1497 O  O   . HOH J 4 .   ? 7.944   -11.490 30.782  1.00 42.40  ? 1133 HOH A O   1 
HETATM 1498 O  O   . HOH J 4 .   ? 0.708   -16.730 14.215  1.00 40.78  ? 1134 HOH A O   1 
HETATM 1499 O  O   . HOH J 4 .   ? 6.009   4.452   13.131  1.00 39.18  ? 1135 HOH A O   1 
HETATM 1500 O  O   . HOH J 4 .   ? 8.197   -8.072  19.518  1.00 34.31  ? 1136 HOH A O   1 
HETATM 1501 O  O   . HOH J 4 .   ? -6.658  -8.453  0.206   1.00 32.66  ? 1137 HOH A O   1 
HETATM 1502 O  O   . HOH J 4 .   ? 3.382   -10.374 -12.329 1.00 47.06  ? 1138 HOH A O   1 
HETATM 1503 O  O   . HOH J 4 .   ? -4.807  17.793  -12.871 1.00 37.13  ? 1139 HOH A O   1 
HETATM 1504 O  O   . HOH J 4 .   ? -9.542  -1.562  -22.033 1.00 42.51  ? 1140 HOH A O   1 
HETATM 1505 O  O   . HOH J 4 .   ? -2.752  18.721  -14.140 1.00 41.59  ? 1141 HOH A O   1 
HETATM 1506 O  O   . HOH J 4 .   ? 6.814   -10.555 -6.933  1.00 39.80  ? 1142 HOH A O   1 
HETATM 1507 O  O   . HOH J 4 .   ? -6.984  4.619   21.364  1.00 31.50  ? 1143 HOH A O   1 
HETATM 1508 O  O   . HOH J 4 .   ? -1.290  -15.245 16.145  1.00 40.01  ? 1144 HOH A O   1 
HETATM 1509 O  O   . HOH J 4 .   ? 10.952  -10.678 25.025  1.00 40.11  ? 1145 HOH A O   1 
HETATM 1510 O  O   . HOH J 4 .   ? 3.128   3.081   -3.027  1.00 34.74  ? 1146 HOH A O   1 
HETATM 1511 O  O   . HOH J 4 .   ? 1.297   -14.731 10.533  1.00 41.84  ? 1147 HOH A O   1 
HETATM 1512 O  O   . HOH J 4 .   ? -7.779  -4.740  -19.471 1.00 41.84  ? 1148 HOH A O   1 
HETATM 1513 O  O   . HOH J 4 .   ? -2.381  -8.101  -6.895  1.00 41.93  ? 1149 HOH A O   1 
HETATM 1514 O  O   . HOH J 4 .   ? 5.174   4.835   2.624   1.00 39.58  ? 1150 HOH A O   1 
HETATM 1515 O  O   . HOH J 4 .   ? -3.325  -6.857  -2.760  1.00 31.15  ? 1151 HOH A O   1 
HETATM 1516 O  O   . HOH J 4 .   ? -17.241 -0.489  -15.014 1.00 38.35  ? 1152 HOH A O   1 
HETATM 1517 O  O   . HOH J 4 .   ? 10.054  -14.688 15.066  1.00 36.95  ? 1153 HOH A O   1 
HETATM 1518 O  O   . HOH J 4 .   ? -0.664  4.120   -27.320 1.00 40.13  ? 1154 HOH A O   1 
HETATM 1519 O  O   . HOH J 4 .   ? 8.736   -7.777  -12.377 1.00 35.88  ? 1155 HOH A O   1 
HETATM 1520 O  O   . HOH J 4 .   ? -0.738  10.057  3.684   1.00 500.00 ? 1156 HOH A O   1 
HETATM 1521 O  O   . HOH J 4 .   ? -9.414  9.975   -12.914 1.00 34.16  ? 1157 HOH A O   1 
HETATM 1522 O  O   . HOH J 4 .   ? 13.277  10.080  -13.406 0.33 26.04  ? 1158 HOH A O   1 
HETATM 1523 O  O   . HOH J 4 .   ? -6.138  -9.543  25.519  1.00 35.99  ? 1159 HOH A O   1 
HETATM 1524 O  O   . HOH J 4 .   ? -11.250 -0.240  -16.132 1.00 35.87  ? 1160 HOH A O   1 
HETATM 1525 O  O   . HOH J 4 .   ? 4.946   -11.566 19.385  1.00 39.03  ? 1161 HOH A O   1 
HETATM 1526 O  O   . HOH J 4 .   ? 3.823   -5.739  -20.388 1.00 42.46  ? 1162 HOH A O   1 
HETATM 1527 O  O   . HOH J 4 .   ? 1.696   -10.269 -6.461  1.00 38.12  ? 1163 HOH A O   1 
HETATM 1528 O  O   . HOH J 4 .   ? -4.253  4.787   15.991  1.00 25.99  ? 1164 HOH A O   1 
HETATM 1529 O  O   . HOH J 4 .   ? 6.129   6.913   18.836  1.00 40.23  ? 1165 HOH A O   1 
HETATM 1530 O  O   . HOH J 4 .   ? -14.339 4.377   -19.644 1.00 35.33  ? 1166 HOH A O   1 
HETATM 1531 O  O   . HOH J 4 .   ? -0.802  12.733  -9.925  1.00 39.22  ? 1167 HOH A O   1 
HETATM 1532 O  O   . HOH J 4 .   ? 4.926   -13.997 18.443  1.00 42.94  ? 1168 HOH A O   1 
HETATM 1533 O  O   . HOH J 4 .   ? -0.998  7.667   18.245  1.00 50.25  ? 1169 HOH A O   1 
HETATM 1534 O  O   . HOH J 4 .   ? 15.090  -12.492 11.880  1.00 43.77  ? 1170 HOH A O   1 
HETATM 1535 O  O   . HOH J 4 .   ? 3.600   -14.249 5.829   1.00 39.12  ? 1171 HOH A O   1 
HETATM 1536 O  O   . HOH J 4 .   ? -9.945  19.967  -28.643 1.00 41.09  ? 1172 HOH A O   1 
HETATM 1537 O  O   . HOH J 4 .   ? -5.385  5.742   -27.197 1.00 45.19  ? 1173 HOH A O   1 
HETATM 1538 O  O   . HOH J 4 .   ? 7.446   2.906   -18.414 1.00 36.16  ? 1174 HOH A O   1 
HETATM 1539 O  O   . HOH J 4 .   ? 9.098   14.220  -14.546 1.00 30.37  ? 1175 HOH A O   1 
HETATM 1540 O  O   . HOH J 4 .   ? -3.866  -3.745  -9.991  1.00 36.93  ? 1176 HOH A O   1 
HETATM 1541 O  O   . HOH J 4 .   ? -12.402 -12.732 6.680   1.00 40.45  ? 1177 HOH A O   1 
HETATM 1542 O  O   . HOH J 4 .   ? 7.667   13.508  -12.425 1.00 41.79  ? 1178 HOH A O   1 
HETATM 1543 O  O   . HOH J 4 .   ? 15.089  0.829   10.319  1.00 33.76  ? 1179 HOH A O   1 
HETATM 1544 O  O   . HOH J 4 .   ? -10.606 2.492   -22.921 1.00 38.78  ? 1180 HOH A O   1 
HETATM 1545 O  O   . HOH J 4 .   ? -16.320 5.884   -18.549 1.00 46.64  ? 1181 HOH A O   1 
HETATM 1546 O  O   . HOH J 4 .   ? 3.012   6.250   6.818   1.00 42.29  ? 1182 HOH A O   1 
HETATM 1547 O  O   . HOH J 4 .   ? 17.275  1.130   5.916   1.00 37.34  ? 1183 HOH A O   1 
HETATM 1548 O  O   . HOH J 4 .   ? 0.195   9.154   6.535   1.00 44.15  ? 1184 HOH A O   1 
HETATM 1549 O  O   . HOH J 4 .   ? -2.173  -4.903  -3.107  1.00 139.55 ? 1185 HOH A O   1 
HETATM 1550 O  O   . HOH J 4 .   ? -0.162  -11.396 -5.205  1.00 42.11  ? 1186 HOH A O   1 
HETATM 1551 O  O   . HOH J 4 .   ? 1.365   -9.871  -10.975 1.00 42.27  ? 1187 HOH A O   1 
HETATM 1552 O  O   . HOH J 4 .   ? -2.128  -12.241 6.805   1.00 76.23  ? 1188 HOH A O   1 
HETATM 1553 O  O   . HOH J 4 .   ? -5.709  -14.192 4.659   1.00 49.06  ? 1189 HOH A O   1 
HETATM 1554 O  O   . HOH J 4 .   ? -0.487  4.109   24.671  1.00 42.39  ? 1190 HOH A O   1 
# 
